data_5AM8
#
_entry.id   5AM8
#
_cell.length_a   73.449
_cell.length_b   101.760
_cell.length_c   114.361
_cell.angle_alpha   85.23
_cell.angle_beta   86.07
_cell.angle_gamma   81.45
#
_symmetry.space_group_name_H-M   'P 1'
#
loop_
_entity.id
_entity.type
_entity.pdbx_description
1 polymer 'ANGIOTENSIN-CONVERTING ENZYME'
2 polymer 'BETA-AMYLOID PROTEIN 42'
3 branched 2-acetamido-2-deoxy-beta-D-glucopyranose-(1-4)-2-acetamido-2-deoxy-beta-D-glucopyranose
4 branched alpha-L-fucopyranose-(1-6)-2-acetamido-2-deoxy-beta-D-glucopyranose
5 branched beta-D-mannopyranose-(1-4)-2-acetamido-2-deoxy-beta-D-glucopyranose-(1-4)-2-acetamido-2-deoxy-beta-D-glucopyranose
6 branched beta-D-mannopyranose-(1-4)-2-acetamido-2-deoxy-beta-D-glucopyranose-(1-4)-[beta-L-fucopyranose-(1-6)]2-acetamido-2-deoxy-beta-D-glucopyranose
7 branched alpha-D-mannopyranose-(1-4)-2-acetamido-2-deoxy-beta-D-glucopyranose-(1-4)-[alpha-L-fucopyranose-(1-6)]2-acetamido-2-deoxy-beta-D-glucopyranose
8 non-polymer 'ZINC ION'
9 non-polymer 'CHLORIDE ION'
10 non-polymer 'SULFATE ION'
11 non-polymer 2-acetamido-2-deoxy-beta-D-glucopyranose
12 non-polymer DI(HYDROXYETHYL)ETHER
13 non-polymer 'HEXAETHYLENE GLYCOL'
14 water water
#
loop_
_entity_poly.entity_id
_entity_poly.type
_entity_poly.pdbx_seq_one_letter_code
_entity_poly.pdbx_strand_id
1 'polypeptide(L)'
;LDPGLQPGQFSADEAGAQLFAQSYQSSAEQVLFQSVAASWAHDTNITAENARRQEEAALLSQEFAEAWGQKAKELYEPIW
QQFTDPQLRRIIGAVRTLGSANLPLAKRQQYNALLSQMSRIYSTAKVCLPNKTATCWSLDPDLTNILASSRSYAMLLFAW
EGWHNAAGIPLKPLYEDFTALSNEAYKQDGFTDTGAYWRSWYNSPTFEDDLEHLYQQLEPLYLNLHAFVRRALHRRYGDR
YINLRGPIPAHLLGDMWAQSWENIYDMVVPFPDKPNLDVTSTMLQQGWQATHMFRVAEEFFTSLELSPMPPEFWEGSMLE
KPADGREVVCHASAWDFYNRKDFRIKQCTRVTMDQLSTVHHEMGHIQYYLQYKDLPVSLRRGANPGFHEAIGDVLALSVS
TPEHLHKIGLLDRVTNDTESDINYLLKMALEKIAFLPFGYLVDQWRWGVFSGRTPPSRYNFDWWYLRTKYQGICPPVTRN
ETHFDAGAKFHVPNVTPYIRYFVSFVLQFQFHEALCKEAGYEGPLHQCDIYRSTKAGAKLRKVLRAGSSRPWQEVLKDMV
GLDALDAQPLLKYFQLVTQWLQEQNQQNGEVLGWPEYQWHPPLPDNYPEGIDLVTDEAEASKFVEEYDL
;
A,B,C,D
2 'polypeptide(L)' FRHDSGY P,Q,R,S
#
# COMPACT_ATOMS: atom_id res chain seq x y z
N LEU A 1 11.02 8.34 -14.83
CA LEU A 1 10.56 9.17 -13.70
C LEU A 1 9.08 9.46 -13.83
N ASP A 2 8.33 9.05 -12.83
CA ASP A 2 6.90 9.29 -12.81
C ASP A 2 6.59 10.73 -13.16
N PRO A 3 5.57 10.96 -14.00
CA PRO A 3 5.16 12.33 -14.34
C PRO A 3 4.79 13.19 -13.12
N GLY A 4 4.29 12.59 -12.05
CA GLY A 4 4.02 13.34 -10.81
C GLY A 4 5.27 13.90 -10.14
N LEU A 5 6.43 13.36 -10.48
CA LEU A 5 7.72 13.80 -9.93
C LEU A 5 8.48 14.74 -10.86
N GLN A 6 7.96 14.98 -12.06
CA GLN A 6 8.61 15.87 -13.04
C GLN A 6 8.30 17.34 -12.73
N PRO A 7 9.27 18.23 -12.93
CA PRO A 7 8.98 19.65 -12.75
C PRO A 7 8.09 20.21 -13.87
N GLY A 8 7.10 21.02 -13.52
CA GLY A 8 6.24 21.69 -14.49
C GLY A 8 6.79 23.04 -14.94
N GLN A 9 5.89 23.96 -15.31
CA GLN A 9 6.28 25.28 -15.81
C GLN A 9 6.30 26.31 -14.70
N PHE A 10 7.33 27.13 -14.69
CA PHE A 10 7.48 28.21 -13.72
C PHE A 10 8.13 29.38 -14.41
N SER A 11 7.73 30.61 -14.05
CA SER A 11 8.33 31.81 -14.62
C SER A 11 9.82 31.93 -14.26
N ALA A 12 10.60 32.53 -15.15
CA ALA A 12 12.03 32.74 -14.95
C ALA A 12 12.29 34.05 -14.20
N ASP A 13 11.67 34.18 -13.02
CA ASP A 13 11.85 35.37 -12.17
C ASP A 13 11.87 34.92 -10.69
N GLU A 14 12.17 35.80 -9.75
CA GLU A 14 12.33 35.36 -8.35
C GLU A 14 11.01 34.79 -7.81
N ALA A 15 9.88 35.34 -8.26
CA ALA A 15 8.55 34.89 -7.83
C ALA A 15 8.32 33.44 -8.23
N GLY A 16 8.60 33.14 -9.51
CA GLY A 16 8.50 31.80 -10.07
C GLY A 16 9.41 30.80 -9.40
N ALA A 17 10.62 31.24 -9.07
CA ALA A 17 11.56 30.41 -8.34
C ALA A 17 11.04 29.99 -6.97
N GLN A 18 10.31 30.86 -6.26
CA GLN A 18 9.66 30.42 -4.99
C GLN A 18 8.68 29.28 -5.20
N LEU A 19 7.89 29.37 -6.28
CA LEU A 19 6.90 28.34 -6.59
C LEU A 19 7.61 27.08 -7.04
N PHE A 20 8.70 27.25 -7.78
CA PHE A 20 9.55 26.15 -8.21
C PHE A 20 10.09 25.39 -7.00
N ALA A 21 10.71 26.13 -6.08
CA ALA A 21 11.22 25.56 -4.84
C ALA A 21 10.12 24.83 -4.04
N GLN A 22 8.91 25.41 -3.99
CA GLN A 22 7.81 24.74 -3.29
C GLN A 22 7.43 23.43 -3.96
N SER A 23 7.33 23.45 -5.29
CA SER A 23 6.99 22.25 -6.03
C SER A 23 8.06 21.17 -5.88
N TYR A 24 9.34 21.56 -5.97
CA TYR A 24 10.44 20.64 -5.68
C TYR A 24 10.23 19.94 -4.33
N GLN A 25 10.03 20.74 -3.27
CA GLN A 25 9.80 20.25 -1.90
C GLN A 25 8.66 19.25 -1.83
N SER A 26 7.61 19.53 -2.57
CA SER A 26 6.41 18.72 -2.60
C SER A 26 6.65 17.28 -3.09
N SER A 27 7.67 17.10 -3.93
CA SER A 27 8.02 15.80 -4.46
C SER A 27 9.32 15.22 -3.86
N ALA A 28 10.20 16.08 -3.33
CA ALA A 28 11.54 15.65 -2.89
C ALA A 28 11.49 14.73 -1.68
N GLU A 29 10.57 14.99 -0.75
CA GLU A 29 10.48 14.18 0.47
C GLU A 29 10.29 12.69 0.16
N GLN A 30 9.44 12.35 -0.82
CA GLN A 30 9.20 10.94 -1.15
C GLN A 30 10.43 10.27 -1.73
N VAL A 31 11.15 10.99 -2.58
CA VAL A 31 12.28 10.43 -3.31
C VAL A 31 13.47 10.22 -2.37
N LEU A 32 13.76 11.23 -1.56
CA LEU A 32 14.78 11.11 -0.53
C LEU A 32 14.41 10.01 0.47
N PHE A 33 13.16 10.00 0.92
CA PHE A 33 12.71 8.96 1.84
C PHE A 33 12.99 7.54 1.31
N GLN A 34 12.63 7.27 0.06
CA GLN A 34 12.81 5.91 -0.45
C GLN A 34 14.29 5.53 -0.52
N SER A 35 15.15 6.48 -0.87
CA SER A 35 16.56 6.23 -0.84
C SER A 35 17.08 5.97 0.59
N VAL A 36 16.73 6.83 1.55
CA VAL A 36 17.15 6.60 2.97
C VAL A 36 16.63 5.26 3.50
N ALA A 37 15.37 4.95 3.24
CA ALA A 37 14.81 3.65 3.69
C ALA A 37 15.58 2.45 3.10
N ALA A 38 15.96 2.56 1.82
CA ALA A 38 16.69 1.49 1.14
C ALA A 38 18.11 1.33 1.72
N SER A 39 18.74 2.46 1.99
CA SER A 39 20.05 2.48 2.65
C SER A 39 19.98 1.90 4.05
N TRP A 40 18.92 2.21 4.79
CA TRP A 40 18.74 1.61 6.13
C TRP A 40 18.63 0.09 6.06
N ALA A 41 17.78 -0.38 5.15
CA ALA A 41 17.58 -1.81 4.99
C ALA A 41 18.89 -2.55 4.70
N HIS A 42 19.72 -1.94 3.87
CA HIS A 42 21.02 -2.52 3.56
C HIS A 42 21.98 -2.46 4.76
N ASP A 43 22.09 -1.29 5.36
CA ASP A 43 23.08 -1.06 6.41
C ASP A 43 22.81 -1.81 7.71
N THR A 44 21.55 -2.19 7.92
CA THR A 44 21.19 -3.01 9.07
C THR A 44 21.05 -4.47 8.70
N ASN A 45 21.45 -4.82 7.49
CA ASN A 45 21.27 -6.17 6.97
C ASN A 45 21.97 -6.32 5.61
N ILE A 46 23.29 -6.44 5.61
CA ILE A 46 24.04 -6.38 4.36
C ILE A 46 23.82 -7.68 3.56
N THR A 47 23.13 -7.58 2.43
CA THR A 47 22.97 -8.71 1.51
C THR A 47 23.06 -8.19 0.07
N ALA A 48 23.26 -9.09 -0.86
CA ALA A 48 23.35 -8.68 -2.26
C ALA A 48 22.02 -8.10 -2.72
N GLU A 49 20.91 -8.67 -2.23
CA GLU A 49 19.59 -8.17 -2.57
C GLU A 49 19.32 -6.77 -2.02
N ASN A 50 19.68 -6.54 -0.77
CA ASN A 50 19.51 -5.20 -0.19
C ASN A 50 20.41 -4.15 -0.88
N ALA A 51 21.58 -4.57 -1.32
CA ALA A 51 22.44 -3.70 -2.07
C ALA A 51 21.78 -3.36 -3.42
N ARG A 52 21.26 -4.38 -4.10
CA ARG A 52 20.55 -4.16 -5.36
C ARG A 52 19.40 -3.18 -5.18
N ARG A 53 18.61 -3.36 -4.12
CA ARG A 53 17.50 -2.46 -3.86
C ARG A 53 17.96 -1.04 -3.58
N GLN A 54 19.07 -0.91 -2.86
CA GLN A 54 19.57 0.41 -2.53
C GLN A 54 20.05 1.13 -3.78
N GLU A 55 20.68 0.39 -4.67
CA GLU A 55 21.17 0.94 -5.91
C GLU A 55 20.05 1.39 -6.86
N GLU A 56 18.93 0.66 -6.81
CA GLU A 56 17.76 0.97 -7.59
C GLU A 56 17.15 2.28 -7.03
N ALA A 57 17.11 2.40 -5.71
CA ALA A 57 16.64 3.60 -5.08
C ALA A 57 17.56 4.77 -5.45
N ALA A 58 18.86 4.53 -5.39
CA ALA A 58 19.81 5.57 -5.72
C ALA A 58 19.66 6.04 -7.18
N LEU A 59 19.39 5.13 -8.12
CA LEU A 59 19.14 5.53 -9.53
C LEU A 59 17.94 6.47 -9.70
N LEU A 60 16.90 6.20 -8.93
CA LEU A 60 15.70 7.00 -8.99
C LEU A 60 16.00 8.41 -8.42
N SER A 61 16.74 8.47 -7.32
CA SER A 61 17.18 9.76 -6.80
C SER A 61 17.97 10.54 -7.84
N GLN A 62 18.90 9.89 -8.51
CA GLN A 62 19.67 10.55 -9.56
C GLN A 62 18.78 11.08 -10.71
N GLU A 63 17.81 10.27 -11.12
CA GLU A 63 16.88 10.64 -12.17
C GLU A 63 16.12 11.92 -11.80
N PHE A 64 15.62 11.93 -10.57
CA PHE A 64 14.91 13.09 -10.00
C PHE A 64 15.79 14.34 -9.92
N ALA A 65 17.02 14.20 -9.42
CA ALA A 65 17.92 15.34 -9.30
C ALA A 65 18.30 15.89 -10.65
N GLU A 66 18.44 15.00 -11.63
CA GLU A 66 18.69 15.45 -13.01
C GLU A 66 17.53 16.30 -13.54
N ALA A 67 16.31 15.82 -13.36
CA ALA A 67 15.14 16.49 -13.93
C ALA A 67 15.00 17.89 -13.32
N TRP A 68 15.11 17.98 -12.00
CA TRP A 68 14.91 19.26 -11.32
C TRP A 68 16.10 20.16 -11.46
N GLY A 69 17.30 19.56 -11.42
CA GLY A 69 18.53 20.30 -11.56
C GLY A 69 18.65 20.98 -12.90
N GLN A 70 18.39 20.25 -13.98
CA GLN A 70 18.39 20.84 -15.31
C GLN A 70 17.38 21.96 -15.40
N LYS A 71 16.20 21.74 -14.83
CA LYS A 71 15.13 22.73 -14.89
C LYS A 71 15.54 24.01 -14.15
N ALA A 72 16.12 23.84 -12.96
CA ALA A 72 16.65 24.97 -12.16
C ALA A 72 17.63 25.83 -12.97
N LYS A 73 18.54 25.18 -13.69
CA LYS A 73 19.55 25.87 -14.49
C LYS A 73 18.94 26.54 -15.69
N GLU A 74 18.17 25.76 -16.42
CA GLU A 74 17.40 26.27 -17.53
C GLU A 74 16.70 27.56 -17.14
N LEU A 75 15.92 27.54 -16.05
CA LEU A 75 15.12 28.70 -15.65
C LEU A 75 15.94 29.81 -14.96
N TYR A 76 16.85 29.44 -14.06
CA TYR A 76 17.40 30.40 -13.10
C TYR A 76 18.92 30.56 -13.05
N GLU A 77 19.68 29.77 -13.82
CA GLU A 77 21.16 29.88 -13.75
C GLU A 77 21.65 31.32 -13.97
N PRO A 78 21.09 32.03 -14.96
CA PRO A 78 21.53 33.42 -15.18
C PRO A 78 21.01 34.49 -14.19
N ILE A 79 20.28 34.11 -13.14
CA ILE A 79 19.65 35.09 -12.23
C ILE A 79 19.56 34.72 -10.74
N TRP A 80 19.68 33.44 -10.40
CA TRP A 80 19.39 32.99 -9.03
C TRP A 80 20.31 33.60 -8.00
N GLN A 81 21.53 33.91 -8.39
CA GLN A 81 22.51 34.43 -7.42
C GLN A 81 22.17 35.86 -6.96
N GLN A 82 21.42 36.59 -7.78
CA GLN A 82 21.00 37.94 -7.43
C GLN A 82 19.61 38.02 -6.81
N PHE A 83 19.01 36.90 -6.43
CA PHE A 83 17.73 36.92 -5.69
C PHE A 83 17.89 37.53 -4.30
N THR A 84 16.82 38.17 -3.81
CA THR A 84 16.76 38.87 -2.50
C THR A 84 16.47 38.00 -1.31
N ASP A 85 16.00 36.78 -1.56
CA ASP A 85 15.64 35.88 -0.50
C ASP A 85 16.84 34.95 -0.38
N PRO A 86 17.56 35.03 0.76
CA PRO A 86 18.75 34.19 0.92
C PRO A 86 18.45 32.70 1.02
N GLN A 87 17.31 32.33 1.61
CA GLN A 87 16.93 30.93 1.72
C GLN A 87 16.60 30.33 0.37
N LEU A 88 15.86 31.07 -0.45
CA LEU A 88 15.60 30.67 -1.82
C LEU A 88 16.90 30.51 -2.61
N ARG A 89 17.83 31.45 -2.47
CA ARG A 89 19.14 31.31 -3.13
C ARG A 89 19.81 29.98 -2.76
N ARG A 90 19.79 29.62 -1.49
CA ARG A 90 20.37 28.37 -1.00
C ARG A 90 19.66 27.14 -1.55
N ILE A 91 18.33 27.21 -1.67
CA ILE A 91 17.56 26.09 -2.21
C ILE A 91 17.88 25.93 -3.67
N ILE A 92 17.83 27.03 -4.42
CA ILE A 92 18.13 26.96 -5.84
C ILE A 92 19.58 26.52 -6.06
N GLY A 93 20.49 27.05 -5.25
CA GLY A 93 21.90 26.69 -5.36
C GLY A 93 22.12 25.20 -5.17
N ALA A 94 21.46 24.61 -4.19
CA ALA A 94 21.52 23.18 -3.95
C ALA A 94 20.94 22.35 -5.12
N VAL A 95 19.76 22.75 -5.60
CA VAL A 95 19.09 22.02 -6.67
C VAL A 95 19.86 22.02 -8.02
N ARG A 96 20.57 23.11 -8.32
CA ARG A 96 21.36 23.21 -9.55
C ARG A 96 22.60 22.28 -9.55
N THR A 97 22.96 21.75 -8.37
CA THR A 97 24.11 20.84 -8.21
C THR A 97 23.68 19.36 -8.38
N LEU A 98 23.96 18.76 -9.54
CA LEU A 98 23.47 17.40 -9.85
C LEU A 98 24.32 16.27 -9.24
N GLY A 99 25.61 16.52 -8.97
CA GLY A 99 26.52 15.47 -8.48
C GLY A 99 26.50 14.27 -9.41
N SER A 100 26.41 13.07 -8.85
CA SER A 100 26.47 11.83 -9.63
C SER A 100 25.38 11.72 -10.71
N ALA A 101 24.30 12.50 -10.61
CA ALA A 101 23.28 12.58 -11.67
C ALA A 101 23.78 13.17 -12.96
N ASN A 102 24.94 13.84 -12.94
CA ASN A 102 25.61 14.28 -14.16
C ASN A 102 26.17 13.12 -14.97
N LEU A 103 26.38 11.98 -14.33
CA LEU A 103 26.96 10.83 -14.97
C LEU A 103 25.93 10.22 -15.92
N PRO A 104 26.40 9.70 -17.06
CA PRO A 104 25.51 8.92 -17.91
C PRO A 104 25.11 7.63 -17.20
N LEU A 105 24.08 6.97 -17.70
CA LEU A 105 23.39 5.92 -16.95
C LEU A 105 24.32 4.76 -16.55
N ALA A 106 25.13 4.28 -17.50
CA ALA A 106 26.03 3.16 -17.25
C ALA A 106 27.00 3.51 -16.10
N LYS A 107 27.53 4.73 -16.11
CA LYS A 107 28.40 5.22 -15.02
C LYS A 107 27.68 5.49 -13.71
N ARG A 108 26.41 5.91 -13.75
CA ARG A 108 25.63 6.03 -12.51
C ARG A 108 25.54 4.66 -11.81
N GLN A 109 25.23 3.63 -12.60
CA GLN A 109 25.13 2.26 -12.10
C GLN A 109 26.48 1.77 -11.57
N GLN A 110 27.54 2.06 -12.31
CA GLN A 110 28.87 1.71 -11.86
C GLN A 110 29.19 2.37 -10.49
N TYR A 111 28.96 3.68 -10.40
CA TYR A 111 29.19 4.47 -9.19
C TYR A 111 28.37 3.95 -8.00
N ASN A 112 27.09 3.73 -8.24
CA ASN A 112 26.23 3.22 -7.20
C ASN A 112 26.71 1.86 -6.69
N ALA A 113 27.14 0.99 -7.61
CA ALA A 113 27.58 -0.34 -7.22
C ALA A 113 28.91 -0.29 -6.47
N LEU A 114 29.82 0.62 -6.86
CA LEU A 114 31.08 0.78 -6.13
C LEU A 114 30.82 1.13 -4.67
N LEU A 115 29.89 2.03 -4.43
CA LEU A 115 29.56 2.42 -3.07
C LEU A 115 29.09 1.18 -2.28
N SER A 116 28.21 0.37 -2.86
CA SER A 116 27.72 -0.85 -2.17
C SER A 116 28.87 -1.76 -1.83
N GLN A 117 29.73 -1.98 -2.80
CA GLN A 117 30.79 -2.97 -2.63
C GLN A 117 31.88 -2.52 -1.68
N MET A 118 32.27 -1.26 -1.74
CA MET A 118 33.19 -0.71 -0.72
C MET A 118 32.57 -0.81 0.69
N SER A 119 31.29 -0.50 0.82
CA SER A 119 30.64 -0.60 2.14
C SER A 119 30.65 -2.02 2.64
N ARG A 120 30.31 -2.98 1.75
CA ARG A 120 30.35 -4.40 2.12
C ARG A 120 31.71 -4.80 2.61
N ILE A 121 32.72 -4.48 1.82
CA ILE A 121 34.08 -4.93 2.10
C ILE A 121 34.55 -4.47 3.47
N TYR A 122 34.39 -3.19 3.76
CA TYR A 122 34.79 -2.66 5.04
C TYR A 122 34.04 -3.29 6.20
N SER A 123 32.72 -3.30 6.09
CA SER A 123 31.90 -3.69 7.25
C SER A 123 31.83 -5.20 7.45
N THR A 124 32.28 -6.00 6.48
CA THR A 124 32.27 -7.45 6.65
C THR A 124 33.66 -8.06 6.76
N ALA A 125 34.70 -7.24 6.71
CA ALA A 125 36.07 -7.73 6.84
C ALA A 125 36.31 -8.32 8.25
N LYS A 126 37.07 -9.42 8.28
CA LYS A 126 37.43 -10.14 9.50
C LYS A 126 38.90 -10.50 9.57
N VAL A 127 39.39 -10.70 10.79
CA VAL A 127 40.74 -11.22 11.02
C VAL A 127 40.67 -12.63 11.60
N CYS A 128 41.19 -13.62 10.89
CA CYS A 128 41.14 -15.01 11.33
C CYS A 128 42.49 -15.43 11.89
N LEU A 129 42.47 -16.34 12.85
CA LEU A 129 43.66 -16.67 13.66
C LEU A 129 44.38 -17.91 13.15
N THR A 135 36.25 -19.06 12.65
CA THR A 135 36.73 -18.62 13.97
C THR A 135 37.47 -17.26 13.85
N CYS A 136 36.74 -16.18 13.56
CA CYS A 136 37.35 -14.91 13.14
C CYS A 136 36.84 -13.69 13.87
N TRP A 137 37.70 -12.68 13.99
CA TRP A 137 37.38 -11.45 14.73
C TRP A 137 36.81 -10.36 13.83
N SER A 138 35.73 -9.76 14.29
CA SER A 138 35.17 -8.57 13.65
C SER A 138 35.88 -7.34 14.22
N LEU A 139 35.79 -6.22 13.50
CA LEU A 139 36.30 -4.94 13.97
C LEU A 139 35.60 -4.53 15.27
N ASP A 140 34.26 -4.56 15.25
CA ASP A 140 33.47 -4.19 16.38
C ASP A 140 32.61 -5.40 16.75
N PRO A 141 32.84 -6.03 17.89
CA PRO A 141 33.57 -5.51 19.03
C PRO A 141 34.99 -6.01 19.22
N ASP A 142 35.37 -7.07 18.51
CA ASP A 142 36.52 -7.88 18.91
C ASP A 142 37.86 -7.14 18.80
N LEU A 143 38.13 -6.57 17.62
CA LEU A 143 39.42 -5.92 17.40
C LEU A 143 39.46 -4.58 18.13
N THR A 144 38.32 -3.93 18.25
CA THR A 144 38.21 -2.69 19.01
C THR A 144 38.58 -2.98 20.47
N ASN A 145 38.02 -4.06 21.03
CA ASN A 145 38.35 -4.46 22.40
C ASN A 145 39.83 -4.81 22.60
N ILE A 146 40.39 -5.57 21.67
CA ILE A 146 41.82 -5.87 21.76
C ILE A 146 42.67 -4.59 21.77
N LEU A 147 42.44 -3.68 20.83
CA LEU A 147 43.26 -2.47 20.78
C LEU A 147 43.07 -1.57 21.99
N ALA A 148 41.86 -1.58 22.55
CA ALA A 148 41.53 -0.82 23.75
C ALA A 148 42.21 -1.30 25.04
N SER A 149 42.36 -2.62 25.20
CA SER A 149 42.73 -3.15 26.51
C SER A 149 43.89 -4.14 26.53
N SER A 150 44.24 -4.75 25.40
CA SER A 150 45.43 -5.58 25.40
C SER A 150 46.67 -4.72 25.50
N ARG A 151 47.58 -5.14 26.37
CA ARG A 151 48.88 -4.53 26.52
C ARG A 151 49.96 -5.50 26.07
N SER A 152 49.60 -6.46 25.22
CA SER A 152 50.56 -7.40 24.66
C SER A 152 51.00 -6.86 23.32
N TYR A 153 52.26 -6.46 23.22
CA TYR A 153 52.76 -5.87 21.98
C TYR A 153 52.35 -6.73 20.78
N ALA A 154 52.59 -8.04 20.90
CA ALA A 154 52.41 -8.96 19.77
C ALA A 154 50.96 -9.13 19.36
N MET A 155 50.09 -9.21 20.34
CA MET A 155 48.67 -9.35 20.10
C MET A 155 48.12 -8.10 19.42
N LEU A 156 48.52 -6.94 19.93
CA LEU A 156 48.11 -5.67 19.34
C LEU A 156 48.52 -5.62 17.86
N LEU A 157 49.74 -6.10 17.59
CA LEU A 157 50.31 -6.07 16.25
C LEU A 157 49.51 -6.95 15.31
N PHE A 158 49.17 -8.13 15.79
CA PHE A 158 48.35 -9.05 15.02
C PHE A 158 47.01 -8.44 14.68
N ALA A 159 46.33 -7.86 15.66
CA ALA A 159 45.06 -7.13 15.41
C ALA A 159 45.19 -5.95 14.41
N TRP A 160 46.18 -5.10 14.65
CA TRP A 160 46.45 -3.93 13.79
C TRP A 160 46.77 -4.35 12.37
N GLU A 161 47.71 -5.28 12.23
CA GLU A 161 48.13 -5.73 10.92
C GLU A 161 47.00 -6.43 10.19
N GLY A 162 46.31 -7.29 10.94
CA GLY A 162 45.27 -8.12 10.39
C GLY A 162 44.18 -7.26 9.82
N TRP A 163 43.73 -6.29 10.62
CA TRP A 163 42.64 -5.43 10.19
C TRP A 163 43.00 -4.61 8.96
N HIS A 164 44.18 -4.01 8.97
CA HIS A 164 44.61 -3.15 7.87
C HIS A 164 44.74 -3.92 6.55
N ASN A 165 45.28 -5.14 6.64
CA ASN A 165 45.38 -6.04 5.49
C ASN A 165 44.03 -6.47 4.94
N ALA A 166 43.16 -6.92 5.85
CA ALA A 166 41.83 -7.45 5.53
C ALA A 166 40.94 -6.40 4.90
N ALA A 167 40.90 -5.20 5.47
CA ALA A 167 39.97 -4.18 4.98
C ALA A 167 40.52 -3.38 3.82
N GLY A 168 41.79 -3.00 3.93
CA GLY A 168 42.39 -2.08 2.97
C GLY A 168 42.71 -2.64 1.61
N ILE A 169 43.39 -3.80 1.57
CA ILE A 169 43.90 -4.37 0.31
C ILE A 169 42.79 -4.56 -0.75
N PRO A 170 41.67 -5.22 -0.40
CA PRO A 170 40.62 -5.36 -1.42
C PRO A 170 39.93 -4.06 -1.85
N LEU A 171 39.95 -3.04 -1.00
CA LEU A 171 39.35 -1.77 -1.38
C LEU A 171 40.09 -0.98 -2.46
N LYS A 172 41.39 -1.18 -2.63
CA LYS A 172 42.17 -0.25 -3.47
C LYS A 172 41.64 -0.09 -4.91
N PRO A 173 41.44 -1.20 -5.65
CA PRO A 173 40.91 -1.10 -7.02
C PRO A 173 39.58 -0.34 -7.12
N LEU A 174 38.68 -0.55 -6.15
CA LEU A 174 37.38 0.09 -6.20
C LEU A 174 37.50 1.56 -5.88
N TYR A 175 38.39 1.87 -4.95
CA TYR A 175 38.55 3.24 -4.52
C TYR A 175 39.07 4.09 -5.67
N GLU A 176 39.96 3.53 -6.45
CA GLU A 176 40.49 4.20 -7.64
C GLU A 176 39.37 4.53 -8.62
N ASP A 177 38.51 3.54 -8.87
CA ASP A 177 37.38 3.70 -9.77
C ASP A 177 36.37 4.69 -9.25
N PHE A 178 36.12 4.67 -7.94
CA PHE A 178 35.18 5.62 -7.34
C PHE A 178 35.68 7.06 -7.50
N THR A 179 36.97 7.28 -7.21
CA THR A 179 37.55 8.62 -7.29
C THR A 179 37.37 9.21 -8.68
N ALA A 180 37.63 8.42 -9.71
CA ALA A 180 37.53 8.90 -11.10
C ALA A 180 36.08 9.34 -11.49
N LEU A 181 35.11 8.50 -11.16
CA LEU A 181 33.69 8.78 -11.42
C LEU A 181 33.11 9.93 -10.61
N SER A 182 33.53 10.01 -9.35
CA SER A 182 33.15 11.12 -8.51
C SER A 182 33.66 12.45 -9.12
N ASN A 183 34.92 12.50 -9.50
CA ASN A 183 35.45 13.70 -10.13
C ASN A 183 34.72 14.04 -11.42
N GLU A 184 34.45 13.04 -12.25
CA GLU A 184 33.71 13.27 -13.48
C GLU A 184 32.35 13.91 -13.18
N ALA A 185 31.67 13.39 -12.18
CA ALA A 185 30.36 13.90 -11.80
C ALA A 185 30.39 15.39 -11.44
N TYR A 186 31.31 15.73 -10.52
CA TYR A 186 31.35 17.06 -9.96
C TYR A 186 31.99 18.11 -10.86
N LYS A 187 32.81 17.68 -11.81
CA LYS A 187 33.32 18.61 -12.82
C LYS A 187 32.17 19.25 -13.60
N GLN A 188 31.11 18.50 -13.82
CA GLN A 188 29.97 19.00 -14.55
C GLN A 188 29.17 20.02 -13.75
N ASP A 189 29.37 20.07 -12.43
CA ASP A 189 28.80 21.14 -11.63
C ASP A 189 29.76 22.32 -11.47
N GLY A 190 30.86 22.32 -12.22
CA GLY A 190 31.81 23.43 -12.24
C GLY A 190 32.95 23.36 -11.25
N PHE A 191 33.11 22.21 -10.58
CA PHE A 191 34.20 22.02 -9.60
C PHE A 191 35.43 21.34 -10.22
N THR A 192 36.63 21.80 -9.86
CA THR A 192 37.88 21.23 -10.40
C THR A 192 37.98 19.73 -10.04
N ASP A 193 37.51 19.37 -8.84
CA ASP A 193 37.45 17.97 -8.40
C ASP A 193 36.44 17.85 -7.22
N THR A 194 36.19 16.62 -6.79
CA THR A 194 35.23 16.35 -5.70
C THR A 194 35.60 17.01 -4.37
N GLY A 195 36.90 17.08 -4.11
CA GLY A 195 37.41 17.76 -2.93
C GLY A 195 37.01 19.21 -2.87
N ALA A 196 37.10 19.91 -4.02
CA ALA A 196 36.67 21.30 -4.15
C ALA A 196 35.18 21.43 -3.81
N TYR A 197 34.39 20.47 -4.27
CA TYR A 197 32.97 20.44 -3.95
C TYR A 197 32.77 20.31 -2.44
N TRP A 198 33.43 19.35 -1.82
CA TRP A 198 33.28 19.17 -0.34
C TRP A 198 33.70 20.41 0.45
N ARG A 199 34.76 21.06 0.00
CA ARG A 199 35.25 22.31 0.67
C ARG A 199 34.27 23.48 0.51
N SER A 200 33.49 23.48 -0.57
CA SER A 200 32.55 24.59 -0.85
C SER A 200 31.46 24.73 0.21
N TRP A 201 31.18 23.64 0.93
CA TRP A 201 30.22 23.65 2.01
C TRP A 201 30.54 24.63 3.14
N TYR A 202 31.79 25.06 3.25
CA TYR A 202 32.17 26.03 4.26
C TYR A 202 32.12 27.50 3.78
N ASN A 203 31.79 27.71 2.51
CA ASN A 203 31.61 29.06 1.97
C ASN A 203 32.67 30.04 2.48
N SER A 204 33.93 29.68 2.28
CA SER A 204 35.07 30.48 2.73
C SER A 204 36.17 30.39 1.72
N PRO A 205 36.48 31.51 1.05
CA PRO A 205 37.55 31.45 0.06
C PRO A 205 38.90 31.14 0.70
N THR A 206 38.99 31.28 2.01
CA THR A 206 40.24 31.06 2.70
C THR A 206 40.24 29.82 3.60
N PHE A 207 39.37 28.86 3.30
CA PHE A 207 39.20 27.70 4.17
C PHE A 207 40.51 26.97 4.53
N GLU A 208 41.31 26.60 3.54
CA GLU A 208 42.52 25.81 3.83
C GLU A 208 43.56 26.54 4.66
N ASP A 209 43.79 27.81 4.35
CA ASP A 209 44.61 28.67 5.19
C ASP A 209 44.08 28.80 6.61
N ASP A 210 42.77 28.91 6.75
CA ASP A 210 42.17 29.10 8.07
C ASP A 210 42.36 27.88 8.95
N LEU A 211 42.26 26.69 8.37
CA LEU A 211 42.52 25.43 9.08
C LEU A 211 43.97 25.32 9.47
N GLU A 212 44.86 25.73 8.58
CA GLU A 212 46.28 25.62 8.85
C GLU A 212 46.69 26.54 9.99
N HIS A 213 46.07 27.72 10.05
CA HIS A 213 46.36 28.67 11.11
CA HIS A 213 46.35 28.70 11.12
C HIS A 213 45.85 28.14 12.45
N LEU A 214 44.68 27.51 12.42
CA LEU A 214 44.18 26.82 13.60
C LEU A 214 45.15 25.71 14.02
N TYR A 215 45.54 24.84 13.09
CA TYR A 215 46.43 23.73 13.48
C TYR A 215 47.76 24.24 14.09
N GLN A 216 48.29 25.33 13.57
CA GLN A 216 49.52 25.89 14.13
C GLN A 216 49.40 26.21 15.59
N GLN A 217 48.26 26.73 15.99
CA GLN A 217 48.03 27.06 17.39
C GLN A 217 47.83 25.83 18.28
N LEU A 218 47.35 24.75 17.68
CA LEU A 218 47.02 23.54 18.43
C LEU A 218 48.20 22.60 18.52
N GLU A 219 49.10 22.63 17.52
CA GLU A 219 50.20 21.68 17.42
C GLU A 219 51.04 21.52 18.68
N PRO A 220 51.43 22.64 19.32
CA PRO A 220 52.28 22.41 20.49
C PRO A 220 51.56 21.68 21.61
N LEU A 221 50.23 21.78 21.68
CA LEU A 221 49.49 20.95 22.64
C LEU A 221 49.66 19.47 22.29
N TYR A 222 49.50 19.14 21.01
CA TYR A 222 49.65 17.74 20.58
C TYR A 222 51.09 17.22 20.79
N LEU A 223 52.08 18.05 20.42
CA LEU A 223 53.48 17.67 20.58
C LEU A 223 53.82 17.30 22.02
N ASN A 224 53.29 18.06 22.97
CA ASN A 224 53.50 17.77 24.40
C ASN A 224 52.74 16.53 24.91
N LEU A 225 51.49 16.34 24.48
CA LEU A 225 50.75 15.13 24.86
C LEU A 225 51.45 13.90 24.31
N HIS A 226 51.85 13.99 23.06
CA HIS A 226 52.55 12.92 22.34
C HIS A 226 53.83 12.50 23.08
N ALA A 227 54.67 13.47 23.37
CA ALA A 227 55.93 13.19 24.10
C ALA A 227 55.68 12.54 25.44
N PHE A 228 54.71 13.06 26.18
CA PHE A 228 54.33 12.52 27.49
C PHE A 228 53.87 11.05 27.40
N VAL A 229 53.00 10.77 26.44
CA VAL A 229 52.52 9.41 26.23
C VAL A 229 53.64 8.46 25.74
N ARG A 230 54.49 8.95 24.85
CA ARG A 230 55.64 8.18 24.34
C ARG A 230 56.58 7.75 25.48
N ARG A 231 56.81 8.65 26.44
CA ARG A 231 57.57 8.31 27.65
C ARG A 231 56.97 7.12 28.40
N ALA A 232 55.66 7.16 28.65
CA ALA A 232 54.97 6.05 29.32
C ALA A 232 55.11 4.73 28.55
N LEU A 233 55.01 4.82 27.23
CA LEU A 233 55.07 3.61 26.39
C LEU A 233 56.45 3.01 26.43
N HIS A 234 57.46 3.87 26.50
CA HIS A 234 58.84 3.45 26.65
C HIS A 234 59.05 2.67 27.94
N ARG A 235 58.51 3.20 29.04
CA ARG A 235 58.54 2.48 30.31
C ARG A 235 57.89 1.12 30.25
N ARG A 236 56.77 1.02 29.53
CA ARG A 236 56.01 -0.20 29.45
C ARG A 236 56.66 -1.22 28.54
N TYR A 237 57.08 -0.80 27.35
CA TYR A 237 57.51 -1.74 26.31
C TYR A 237 59.00 -1.77 26.05
N GLY A 238 59.74 -0.82 26.60
CA GLY A 238 61.19 -0.84 26.50
C GLY A 238 61.75 -0.15 25.27
N ASP A 239 63.06 -0.02 25.29
CA ASP A 239 63.78 0.73 24.28
C ASP A 239 63.81 0.08 22.91
N ARG A 240 63.58 -1.22 22.88
CA ARG A 240 63.54 -1.96 21.63
C ARG A 240 62.33 -1.58 20.75
N TYR A 241 61.20 -1.26 21.37
CA TYR A 241 59.95 -0.98 20.65
C TYR A 241 59.49 0.49 20.67
N ILE A 242 60.12 1.31 21.52
CA ILE A 242 59.82 2.72 21.57
C ILE A 242 61.10 3.51 21.45
N ASN A 243 61.11 4.41 20.47
CA ASN A 243 62.19 5.34 20.26
C ASN A 243 61.75 6.68 20.82
N LEU A 244 62.40 7.13 21.89
CA LEU A 244 62.04 8.40 22.55
C LEU A 244 62.23 9.62 21.66
N ARG A 245 62.90 9.49 20.52
CA ARG A 245 63.00 10.59 19.55
C ARG A 245 62.39 10.24 18.19
N GLY A 246 61.52 9.24 18.16
CA GLY A 246 60.93 8.79 16.91
C GLY A 246 59.41 8.71 16.98
N PRO A 247 58.79 8.33 15.86
CA PRO A 247 57.35 8.19 15.90
C PRO A 247 56.92 7.03 16.78
N ILE A 248 55.69 7.09 17.28
CA ILE A 248 55.15 6.02 18.12
C ILE A 248 54.56 4.93 17.24
N PRO A 249 54.90 3.65 17.51
CA PRO A 249 54.22 2.58 16.75
C PRO A 249 52.69 2.69 16.81
N ALA A 250 52.04 2.59 15.64
CA ALA A 250 50.65 3.02 15.46
C ALA A 250 49.60 2.17 16.17
N HIS A 251 50.02 1.07 16.77
CA HIS A 251 49.12 0.10 17.35
C HIS A 251 49.02 0.16 18.88
N LEU A 252 49.72 1.11 19.50
CA LEU A 252 49.88 1.12 20.97
C LEU A 252 49.07 2.17 21.70
N LEU A 253 48.21 2.91 21.00
CA LEU A 253 47.56 4.08 21.59
C LEU A 253 46.08 3.88 21.90
N GLY A 254 45.64 2.62 21.90
CA GLY A 254 44.31 2.26 22.42
C GLY A 254 43.21 2.16 21.40
N ASP A 255 43.55 2.46 20.15
CA ASP A 255 42.57 2.68 19.09
C ASP A 255 43.15 2.24 17.76
N MET A 256 42.35 1.57 16.95
CA MET A 256 42.82 0.99 15.68
C MET A 256 43.53 2.02 14.79
N TRP A 257 43.11 3.27 14.84
CA TRP A 257 43.69 4.35 14.00
C TRP A 257 44.51 5.34 14.81
N ALA A 258 44.79 4.99 16.06
CA ALA A 258 45.46 5.86 17.02
C ALA A 258 44.84 7.25 17.03
N GLN A 259 43.54 7.32 16.84
CA GLN A 259 42.89 8.59 16.60
C GLN A 259 42.47 9.27 17.88
N SER A 260 42.29 8.49 18.91
CA SER A 260 42.10 9.07 20.21
C SER A 260 42.64 8.05 21.20
N TRP A 261 43.18 8.56 22.29
CA TRP A 261 44.05 7.76 23.15
C TRP A 261 43.50 7.49 24.54
N GLU A 262 42.19 7.68 24.74
CA GLU A 262 41.62 7.57 26.09
C GLU A 262 41.70 6.16 26.66
N ASN A 263 41.83 5.16 25.80
CA ASN A 263 41.93 3.80 26.28
C ASN A 263 43.27 3.46 26.95
N ILE A 264 44.31 4.29 26.76
CA ILE A 264 45.54 4.12 27.54
C ILE A 264 45.62 5.04 28.76
N TYR A 265 44.53 5.67 29.15
CA TYR A 265 44.51 6.51 30.34
C TYR A 265 45.15 5.81 31.54
N ASP A 266 44.75 4.56 31.78
CA ASP A 266 45.26 3.82 32.95
C ASP A 266 46.77 3.58 32.96
N MET A 267 47.40 3.59 31.80
CA MET A 267 48.85 3.57 31.76
C MET A 267 49.53 4.91 32.04
N VAL A 268 48.83 6.03 31.89
CA VAL A 268 49.50 7.34 31.96
C VAL A 268 48.92 8.33 32.95
N VAL A 269 47.80 7.96 33.59
CA VAL A 269 47.25 8.80 34.64
C VAL A 269 48.34 9.16 35.66
N PRO A 270 48.61 10.46 35.86
CA PRO A 270 49.68 10.87 36.80
C PRO A 270 49.47 10.43 38.26
N PHE A 271 48.25 10.58 38.76
CA PHE A 271 47.95 10.41 40.16
C PHE A 271 46.90 9.30 40.31
N PRO A 272 47.34 8.02 40.21
CA PRO A 272 46.39 6.89 40.18
C PRO A 272 45.62 6.61 41.47
N ASP A 273 46.12 7.10 42.60
CA ASP A 273 45.43 6.98 43.89
C ASP A 273 44.09 7.71 43.93
N LYS A 274 43.94 8.71 43.06
CA LYS A 274 42.71 9.52 42.97
C LYS A 274 41.57 8.69 42.41
N PRO A 275 40.32 9.18 42.52
CA PRO A 275 39.19 8.44 41.93
C PRO A 275 39.38 8.13 40.44
N ASN A 276 38.86 6.98 40.02
CA ASN A 276 39.04 6.52 38.65
C ASN A 276 38.02 7.18 37.73
N LEU A 277 38.51 8.07 36.87
CA LEU A 277 37.64 8.81 35.97
C LEU A 277 37.07 7.98 34.81
N ASP A 278 37.53 6.72 34.69
CA ASP A 278 36.90 5.78 33.77
C ASP A 278 35.81 5.01 34.48
N VAL A 279 34.57 5.38 34.20
CA VAL A 279 33.41 4.84 34.88
C VAL A 279 32.85 3.54 34.28
N THR A 280 33.56 2.93 33.33
CA THR A 280 33.04 1.72 32.66
C THR A 280 32.61 0.63 33.64
N SER A 281 33.48 0.28 34.59
CA SER A 281 33.20 -0.81 35.54
C SER A 281 31.92 -0.57 36.34
N THR A 282 31.71 0.68 36.70
CA THR A 282 30.52 1.08 37.43
C THR A 282 29.25 0.93 36.57
N MET A 283 29.36 1.29 35.30
CA MET A 283 28.27 1.09 34.36
C MET A 283 27.95 -0.41 34.30
N LEU A 284 29.00 -1.22 34.13
CA LEU A 284 28.86 -2.69 34.07
C LEU A 284 28.23 -3.26 35.34
N GLN A 285 28.80 -2.89 36.47
CA GLN A 285 28.24 -3.26 37.77
C GLN A 285 26.77 -2.87 38.00
N GLN A 286 26.40 -1.66 37.60
CA GLN A 286 25.03 -1.18 37.77
C GLN A 286 24.06 -1.70 36.72
N GLY A 287 24.55 -2.54 35.80
CA GLY A 287 23.68 -3.17 34.83
C GLY A 287 23.24 -2.27 33.71
N TRP A 288 24.08 -1.29 33.33
CA TRP A 288 23.74 -0.40 32.22
C TRP A 288 23.67 -1.21 30.92
N GLN A 289 22.73 -0.87 30.07
CA GLN A 289 22.66 -1.44 28.74
C GLN A 289 22.52 -0.32 27.76
N ALA A 290 22.58 -0.67 26.47
CA ALA A 290 22.50 0.32 25.41
C ALA A 290 21.34 1.28 25.65
N THR A 291 20.14 0.72 25.83
CA THR A 291 18.94 1.53 26.00
C THR A 291 19.05 2.53 27.13
N HIS A 292 19.68 2.13 28.24
CA HIS A 292 19.85 3.06 29.36
C HIS A 292 20.79 4.20 28.95
N MET A 293 21.84 3.88 28.20
CA MET A 293 22.75 4.90 27.72
C MET A 293 21.98 5.90 26.87
N PHE A 294 21.12 5.42 25.98
CA PHE A 294 20.29 6.35 25.16
C PHE A 294 19.28 7.21 25.97
N ARG A 295 18.64 6.62 26.97
CA ARG A 295 17.70 7.36 27.81
C ARG A 295 18.38 8.44 28.63
N VAL A 296 19.58 8.12 29.10
CA VAL A 296 20.32 9.06 29.90
C VAL A 296 20.76 10.23 29.03
N ALA A 297 21.22 9.97 27.80
CA ALA A 297 21.49 11.04 26.86
C ALA A 297 20.25 11.88 26.53
N GLU A 298 19.14 11.20 26.21
CA GLU A 298 17.90 11.89 25.94
C GLU A 298 17.56 12.88 27.02
N GLU A 299 17.72 12.47 28.28
CA GLU A 299 17.27 13.31 29.39
C GLU A 299 18.09 14.59 29.54
N PHE A 300 19.37 14.55 29.18
CA PHE A 300 20.19 15.77 29.14
C PHE A 300 19.57 16.75 28.14
N PHE A 301 19.18 16.25 26.96
CA PHE A 301 18.53 17.10 25.97
C PHE A 301 17.25 17.72 26.48
N THR A 302 16.37 16.90 27.07
CA THR A 302 15.13 17.41 27.59
C THR A 302 15.35 18.35 28.78
N SER A 303 16.41 18.15 29.55
CA SER A 303 16.77 19.10 30.62
C SER A 303 17.04 20.48 30.08
N LEU A 304 17.56 20.57 28.85
CA LEU A 304 17.76 21.85 28.18
C LEU A 304 16.51 22.37 27.48
N GLU A 305 15.38 21.70 27.69
CA GLU A 305 14.14 22.00 26.98
C GLU A 305 14.26 21.79 25.48
N LEU A 306 15.11 20.86 25.07
CA LEU A 306 15.14 20.41 23.67
C LEU A 306 14.24 19.20 23.61
N SER A 307 14.05 18.64 22.42
CA SER A 307 13.07 17.59 22.21
C SER A 307 13.52 16.20 22.67
N PRO A 308 12.59 15.44 23.25
CA PRO A 308 12.83 14.01 23.49
C PRO A 308 12.80 13.25 22.17
N MET A 309 13.32 12.03 22.17
CA MET A 309 13.26 11.20 20.99
C MET A 309 11.83 10.73 20.78
N PRO A 310 11.31 10.84 19.54
CA PRO A 310 9.99 10.34 19.26
C PRO A 310 9.90 8.81 19.30
N PRO A 311 8.67 8.27 19.41
CA PRO A 311 8.48 6.82 19.43
C PRO A 311 9.05 6.12 18.21
N GLU A 312 8.98 6.78 17.05
CA GLU A 312 9.55 6.21 15.82
C GLU A 312 11.03 5.90 15.98
N PHE A 313 11.73 6.72 16.77
CA PHE A 313 13.16 6.53 17.00
C PHE A 313 13.43 5.24 17.79
N TRP A 314 12.70 5.06 18.89
CA TRP A 314 12.86 3.88 19.75
C TRP A 314 12.44 2.58 19.05
N GLU A 315 11.36 2.63 18.27
CA GLU A 315 10.89 1.46 17.56
C GLU A 315 11.75 1.11 16.36
N GLY A 316 12.28 2.12 15.65
CA GLY A 316 13.05 1.90 14.43
C GLY A 316 14.55 1.77 14.57
N SER A 317 15.13 2.30 15.65
CA SER A 317 16.60 2.36 15.73
C SER A 317 17.21 0.99 15.92
N MET A 318 18.50 0.88 15.59
CA MET A 318 19.28 -0.32 15.89
C MET A 318 20.34 0.09 16.91
N LEU A 319 20.08 -0.21 18.16
CA LEU A 319 20.87 0.28 19.28
C LEU A 319 21.87 -0.75 19.82
N GLU A 320 21.84 -1.97 19.27
CA GLU A 320 22.80 -3.00 19.61
C GLU A 320 23.14 -3.84 18.40
N LYS A 321 24.28 -4.51 18.42
CA LYS A 321 24.63 -5.41 17.34
C LYS A 321 23.70 -6.62 17.32
N PRO A 322 23.04 -6.89 16.19
CA PRO A 322 22.12 -8.04 16.15
C PRO A 322 22.82 -9.35 16.46
N ALA A 323 22.24 -10.14 17.37
CA ALA A 323 22.79 -11.43 17.79
C ALA A 323 22.32 -12.58 16.91
N ASP A 324 21.46 -12.30 15.93
CA ASP A 324 21.14 -13.28 14.90
C ASP A 324 22.35 -13.39 13.98
N GLY A 325 22.20 -13.95 12.78
CA GLY A 325 23.30 -13.93 11.81
C GLY A 325 23.76 -12.54 11.35
N ARG A 326 22.79 -11.69 10.97
CA ARG A 326 23.02 -10.47 10.18
C ARG A 326 24.42 -9.83 10.17
N GLU A 327 24.94 -9.58 8.96
CA GLU A 327 26.02 -8.63 8.78
C GLU A 327 25.40 -7.21 8.78
N VAL A 328 25.96 -6.32 9.59
CA VAL A 328 25.54 -4.92 9.60
C VAL A 328 26.76 -3.99 9.50
N VAL A 329 26.48 -2.73 9.17
CA VAL A 329 27.46 -1.65 9.29
C VAL A 329 27.43 -1.22 10.76
N CYS A 330 28.45 -1.61 11.50
CA CYS A 330 28.49 -1.27 12.91
C CYS A 330 28.80 0.19 13.22
N HIS A 331 29.46 0.88 12.31
CA HIS A 331 29.92 2.23 12.61
C HIS A 331 28.74 3.13 12.95
N ALA A 332 28.78 3.77 14.12
CA ALA A 332 27.66 4.60 14.59
C ALA A 332 27.24 5.69 13.61
N SER A 333 25.94 5.76 13.32
CA SER A 333 25.43 6.84 12.48
C SER A 333 24.00 7.27 12.86
N ALA A 334 23.69 8.52 12.52
CA ALA A 334 22.38 9.13 12.80
C ALA A 334 21.67 9.44 11.49
N TRP A 335 20.39 9.15 11.46
CA TRP A 335 19.66 9.08 10.22
C TRP A 335 18.43 9.98 10.21
N ASP A 336 18.34 10.83 9.19
CA ASP A 336 17.15 11.60 8.86
C ASP A 336 16.52 10.99 7.60
N PHE A 337 15.25 10.65 7.70
CA PHE A 337 14.55 10.00 6.60
C PHE A 337 13.82 11.00 5.72
N TYR A 338 13.88 12.28 6.07
CA TYR A 338 13.31 13.39 5.27
C TYR A 338 11.79 13.39 5.17
N ASN A 339 11.11 12.70 6.07
CA ASN A 339 9.66 12.69 6.10
C ASN A 339 9.12 13.34 7.37
N ARG A 340 9.99 14.01 8.13
CA ARG A 340 9.63 14.69 9.38
C ARG A 340 9.12 13.79 10.51
N LYS A 341 9.23 12.48 10.35
CA LYS A 341 8.69 11.52 11.32
C LYS A 341 9.68 10.44 11.78
N ASP A 342 10.41 9.89 10.81
CA ASP A 342 11.39 8.86 11.11
C ASP A 342 12.80 9.41 11.26
N PHE A 343 13.40 9.13 12.41
CA PHE A 343 14.72 9.56 12.78
C PHE A 343 15.31 8.39 13.56
N ARG A 344 16.52 7.96 13.22
CA ARG A 344 17.09 6.76 13.84
C ARG A 344 18.58 6.82 14.07
N ILE A 345 19.01 6.09 15.08
CA ILE A 345 20.42 5.80 15.27
C ILE A 345 20.71 4.32 14.98
N LYS A 346 21.82 4.06 14.31
CA LYS A 346 22.35 2.73 14.06
C LYS A 346 23.72 2.62 14.70
N GLN A 347 23.77 1.98 15.85
CA GLN A 347 25.02 1.84 16.59
C GLN A 347 25.13 0.45 17.22
N CYS A 348 26.28 -0.19 17.05
CA CYS A 348 26.58 -1.45 17.76
C CYS A 348 27.10 -1.11 19.15
N THR A 349 26.20 -0.56 19.99
CA THR A 349 26.58 0.00 21.28
C THR A 349 27.19 -1.00 22.22
N ARG A 350 28.31 -0.62 22.84
CA ARG A 350 28.94 -1.39 23.90
C ARG A 350 28.88 -0.56 25.17
N VAL A 351 28.85 -1.22 26.31
CA VAL A 351 28.71 -0.52 27.58
C VAL A 351 30.07 -0.10 28.07
N THR A 352 30.49 1.09 27.62
CA THR A 352 31.69 1.76 28.12
C THR A 352 31.44 3.28 28.22
N MET A 353 32.31 3.97 28.93
CA MET A 353 32.22 5.43 29.02
C MET A 353 32.44 6.10 27.67
N ASP A 354 33.41 5.64 26.87
CA ASP A 354 33.59 6.22 25.53
C ASP A 354 32.37 5.99 24.61
N GLN A 355 31.65 4.89 24.76
CA GLN A 355 30.42 4.68 24.00
C GLN A 355 29.29 5.61 24.44
N LEU A 356 29.28 6.00 25.71
CA LEU A 356 28.27 6.91 26.21
C LEU A 356 28.45 8.26 25.53
N SER A 357 29.70 8.67 25.36
CA SER A 357 29.97 9.91 24.63
C SER A 357 29.51 9.76 23.19
N THR A 358 29.73 8.58 22.62
CA THR A 358 29.32 8.35 21.25
C THR A 358 27.81 8.45 21.14
N VAL A 359 27.10 7.87 22.10
CA VAL A 359 25.65 7.96 22.12
C VAL A 359 25.19 9.41 22.10
N HIS A 360 25.82 10.24 22.91
CA HIS A 360 25.56 11.68 22.89
C HIS A 360 25.81 12.33 21.53
N HIS A 361 26.95 11.98 20.92
CA HIS A 361 27.33 12.52 19.61
C HIS A 361 26.25 12.24 18.57
N GLU A 362 25.81 10.98 18.50
CA GLU A 362 24.78 10.59 17.53
C GLU A 362 23.44 11.25 17.85
N MET A 363 23.07 11.30 19.12
CA MET A 363 21.82 11.94 19.49
C MET A 363 21.79 13.46 19.20
N GLY A 364 22.95 14.09 19.19
CA GLY A 364 23.09 15.46 18.74
C GLY A 364 22.64 15.65 17.31
N HIS A 365 23.04 14.72 16.43
CA HIS A 365 22.63 14.77 15.04
C HIS A 365 21.11 14.66 14.99
N ILE A 366 20.56 13.75 15.79
CA ILE A 366 19.11 13.54 15.79
C ILE A 366 18.36 14.78 16.27
N GLN A 367 18.82 15.39 17.36
CA GLN A 367 18.23 16.65 17.85
C GLN A 367 18.22 17.76 16.78
N TYR A 368 19.32 17.89 16.04
CA TYR A 368 19.37 18.80 14.89
C TYR A 368 18.27 18.47 13.90
N TYR A 369 18.17 17.20 13.49
CA TYR A 369 17.13 16.77 12.55
C TYR A 369 15.75 17.16 13.08
N LEU A 370 15.51 16.89 14.36
CA LEU A 370 14.20 17.17 14.94
C LEU A 370 13.86 18.65 14.92
N GLN A 371 14.85 19.50 15.12
CA GLN A 371 14.65 20.93 15.26
C GLN A 371 14.44 21.63 13.91
N TYR A 372 15.06 21.13 12.84
CA TYR A 372 14.91 21.75 11.51
C TYR A 372 14.02 20.99 10.54
N LYS A 373 13.26 20.02 11.04
CA LYS A 373 12.44 19.16 10.20
C LYS A 373 11.36 19.89 9.39
N ASP A 374 10.98 21.08 9.83
CA ASP A 374 9.98 21.86 9.10
C ASP A 374 10.52 22.77 8.03
N LEU A 375 11.83 22.89 7.94
CA LEU A 375 12.44 23.62 6.83
C LEU A 375 12.28 22.86 5.51
N PRO A 376 12.35 23.59 4.38
CA PRO A 376 12.44 22.83 3.13
C PRO A 376 13.63 21.88 3.17
N VAL A 377 13.51 20.76 2.47
CA VAL A 377 14.50 19.69 2.59
C VAL A 377 15.92 20.13 2.27
N SER A 378 16.06 21.05 1.31
CA SER A 378 17.38 21.55 0.93
C SER A 378 18.11 22.24 2.09
N LEU A 379 17.36 22.70 3.08
CA LEU A 379 17.95 23.40 4.22
C LEU A 379 18.04 22.52 5.48
N ARG A 380 17.77 21.22 5.33
CA ARG A 380 17.91 20.28 6.44
C ARG A 380 19.34 19.73 6.47
N ARG A 381 20.25 20.61 6.88
CA ARG A 381 21.67 20.34 7.07
C ARG A 381 22.14 21.25 8.21
N GLY A 382 23.37 21.03 8.69
CA GLY A 382 23.91 21.87 9.76
C GLY A 382 24.34 23.19 9.15
N ALA A 383 24.66 24.20 9.94
CA ALA A 383 24.96 25.48 9.34
C ALA A 383 26.22 25.26 8.48
N ASN A 384 27.08 24.37 8.97
CA ASN A 384 28.02 23.64 8.13
C ASN A 384 28.23 22.25 8.77
N PRO A 385 28.95 21.33 8.08
CA PRO A 385 29.00 19.97 8.61
C PRO A 385 29.67 19.80 9.97
N GLY A 386 30.59 20.69 10.30
CA GLY A 386 31.19 20.74 11.64
C GLY A 386 30.20 21.05 12.75
N PHE A 387 29.24 21.94 12.47
CA PHE A 387 28.15 22.20 13.39
C PHE A 387 27.45 20.90 13.73
N HIS A 388 27.17 20.10 12.71
CA HIS A 388 26.38 18.89 12.90
C HIS A 388 27.21 17.95 13.77
N GLU A 389 28.51 17.84 13.49
CA GLU A 389 29.39 17.02 14.35
C GLU A 389 29.63 17.53 15.77
N ALA A 390 29.45 18.84 16.02
CA ALA A 390 29.73 19.40 17.34
C ALA A 390 28.58 19.30 18.37
N ILE A 391 27.35 19.10 17.93
CA ILE A 391 26.20 19.30 18.80
C ILE A 391 26.26 18.36 20.04
N GLY A 392 26.32 17.06 19.80
CA GLY A 392 26.29 16.10 20.89
C GLY A 392 27.55 16.11 21.73
N ASP A 393 28.69 16.39 21.09
CA ASP A 393 29.98 16.49 21.77
C ASP A 393 29.95 17.61 22.80
N VAL A 394 29.23 18.69 22.51
CA VAL A 394 29.09 19.79 23.48
C VAL A 394 28.38 19.28 24.75
N LEU A 395 27.25 18.61 24.61
CA LEU A 395 26.62 18.04 25.80
C LEU A 395 27.54 17.05 26.51
N ALA A 396 28.26 16.23 25.74
CA ALA A 396 29.20 15.24 26.32
C ALA A 396 30.30 15.90 27.16
N LEU A 397 30.76 17.07 26.76
CA LEU A 397 31.69 17.81 27.63
C LEU A 397 31.13 18.05 29.04
N SER A 398 29.86 18.42 29.16
CA SER A 398 29.22 18.56 30.48
C SER A 398 29.05 17.22 31.17
N VAL A 399 28.67 16.20 30.40
CA VAL A 399 28.42 14.87 30.95
C VAL A 399 29.68 14.26 31.57
N SER A 400 30.82 14.53 30.97
CA SER A 400 32.06 13.87 31.37
C SER A 400 32.68 14.46 32.64
N THR A 401 32.33 15.70 32.98
CA THR A 401 32.84 16.34 34.21
C THR A 401 32.53 15.48 35.42
N PRO A 402 33.50 15.32 36.33
CA PRO A 402 33.30 14.51 37.53
C PRO A 402 32.07 14.89 38.32
N GLU A 403 31.71 16.16 38.36
CA GLU A 403 30.50 16.54 39.08
C GLU A 403 29.24 16.05 38.37
N HIS A 404 29.22 16.08 37.03
CA HIS A 404 28.04 15.55 36.38
C HIS A 404 27.94 14.05 36.58
N LEU A 405 29.09 13.37 36.42
CA LEU A 405 29.17 11.93 36.63
C LEU A 405 28.66 11.58 38.02
N HIS A 406 28.99 12.39 39.01
CA HIS A 406 28.52 12.15 40.36
C HIS A 406 27.00 12.35 40.44
N LYS A 407 26.49 13.39 39.81
CA LYS A 407 25.05 13.59 39.73
C LYS A 407 24.31 12.39 39.17
N ILE A 408 24.89 11.71 38.18
CA ILE A 408 24.23 10.57 37.57
C ILE A 408 24.70 9.22 38.13
N GLY A 409 25.37 9.23 39.27
CA GLY A 409 25.62 7.98 40.01
C GLY A 409 26.77 7.13 39.55
N LEU A 410 27.61 7.68 38.67
CA LEU A 410 28.73 6.96 38.10
C LEU A 410 30.06 7.26 38.77
N LEU A 411 30.10 8.22 39.69
CA LEU A 411 31.33 8.57 40.39
C LEU A 411 31.05 9.19 41.76
N ASP A 412 31.71 8.69 42.79
CA ASP A 412 31.65 9.35 44.11
C ASP A 412 32.48 10.63 44.10
N ARG A 413 32.15 11.56 44.99
CA ARG A 413 32.66 12.93 44.89
C ARG A 413 34.18 12.97 44.85
N VAL A 414 34.71 13.85 44.01
CA VAL A 414 36.16 14.01 43.86
C VAL A 414 36.59 15.27 44.58
N THR A 415 37.80 15.29 45.11
CA THR A 415 38.31 16.52 45.70
C THR A 415 38.40 17.50 44.54
N ASN A 416 37.84 18.69 44.73
CA ASN A 416 38.05 19.75 43.79
C ASN A 416 39.43 20.33 44.10
N ASP A 417 40.46 19.59 43.72
CA ASP A 417 41.84 19.98 43.97
C ASP A 417 42.66 19.86 42.67
N THR A 418 43.88 20.37 42.71
CA THR A 418 44.66 20.53 41.48
C THR A 418 45.04 19.19 40.81
N GLU A 419 45.32 18.17 41.60
CA GLU A 419 45.73 16.87 41.08
C GLU A 419 44.57 16.15 40.37
N SER A 420 43.36 16.28 40.91
CA SER A 420 42.16 15.75 40.24
C SER A 420 41.84 16.47 38.92
N ASP A 421 41.95 17.79 38.92
CA ASP A 421 41.85 18.59 37.71
C ASP A 421 42.80 18.12 36.62
N ILE A 422 44.06 17.87 36.98
CA ILE A 422 45.06 17.46 36.02
C ILE A 422 44.68 16.11 35.44
N ASN A 423 44.19 15.21 36.30
CA ASN A 423 43.77 13.89 35.84
C ASN A 423 42.65 13.97 34.79
N TYR A 424 41.62 14.75 35.09
CA TYR A 424 40.45 14.88 34.22
C TYR A 424 40.84 15.52 32.90
N LEU A 425 41.54 16.66 32.97
CA LEU A 425 41.96 17.34 31.74
C LEU A 425 42.93 16.50 30.90
N LEU A 426 43.73 15.64 31.53
CA LEU A 426 44.59 14.73 30.80
C LEU A 426 43.75 13.70 30.06
N LYS A 427 42.73 13.17 30.74
CA LYS A 427 41.84 12.20 30.13
C LYS A 427 41.14 12.82 28.94
N MET A 428 40.73 14.08 29.10
CA MET A 428 40.05 14.77 28.03
C MET A 428 41.02 15.09 26.90
N ALA A 429 42.27 15.37 27.23
CA ALA A 429 43.27 15.63 26.22
C ALA A 429 43.52 14.37 25.38
N LEU A 430 43.53 13.21 26.02
CA LEU A 430 43.71 11.98 25.30
C LEU A 430 42.59 11.79 24.26
N GLU A 431 41.39 12.27 24.58
CA GLU A 431 40.21 12.15 23.71
C GLU A 431 40.11 13.23 22.62
N LYS A 432 40.46 14.48 22.97
CA LYS A 432 40.23 15.63 22.13
C LYS A 432 41.47 16.14 21.43
N ILE A 433 42.59 16.26 22.14
CA ILE A 433 43.82 16.80 21.57
C ILE A 433 44.52 15.79 20.66
N ALA A 434 44.53 14.52 21.06
CA ALA A 434 45.13 13.45 20.28
C ALA A 434 44.49 13.32 18.91
N PHE A 435 43.21 13.64 18.82
CA PHE A 435 42.45 13.55 17.60
C PHE A 435 42.79 14.61 16.58
N LEU A 436 43.18 15.78 17.06
CA LEU A 436 43.32 16.94 16.20
C LEU A 436 44.12 16.66 14.92
N PRO A 437 45.33 16.10 15.02
CA PRO A 437 46.11 15.85 13.79
C PRO A 437 45.44 14.85 12.85
N PHE A 438 44.78 13.84 13.38
CA PHE A 438 44.07 12.86 12.55
C PHE A 438 42.86 13.50 11.88
N GLY A 439 42.03 14.21 12.67
CA GLY A 439 40.94 15.01 12.10
C GLY A 439 41.36 15.95 10.96
N TYR A 440 42.57 16.47 11.08
CA TYR A 440 43.08 17.38 10.07
C TYR A 440 43.64 16.64 8.87
N LEU A 441 44.33 15.51 9.10
CA LEU A 441 45.07 14.85 8.00
C LEU A 441 44.24 14.04 7.00
N VAL A 442 43.12 13.50 7.44
CA VAL A 442 42.40 12.54 6.64
C VAL A 442 41.92 13.14 5.32
N ASP A 443 41.34 14.33 5.36
CA ASP A 443 40.92 14.94 4.11
C ASP A 443 42.04 15.65 3.38
N GLN A 444 43.16 15.95 4.05
CA GLN A 444 44.37 16.33 3.31
C GLN A 444 44.80 15.22 2.35
N TRP A 445 44.77 13.97 2.82
CA TRP A 445 45.05 12.83 1.96
C TRP A 445 44.02 12.76 0.80
N ARG A 446 42.75 12.78 1.15
CA ARG A 446 41.68 12.60 0.19
C ARG A 446 41.61 13.75 -0.83
N TRP A 447 41.83 15.00 -0.37
CA TRP A 447 41.92 16.13 -1.27
C TRP A 447 43.00 15.92 -2.30
N GLY A 448 44.13 15.36 -1.85
CA GLY A 448 45.25 15.02 -2.72
C GLY A 448 44.87 13.93 -3.72
N VAL A 449 44.13 12.93 -3.25
CA VAL A 449 43.70 11.88 -4.16
C VAL A 449 42.76 12.50 -5.20
N PHE A 450 41.74 13.21 -4.73
CA PHE A 450 40.78 13.83 -5.66
C PHE A 450 41.41 14.78 -6.67
N SER A 451 42.46 15.50 -6.27
CA SER A 451 43.08 16.48 -7.17
C SER A 451 44.02 15.81 -8.14
N GLY A 452 44.34 14.55 -7.91
CA GLY A 452 45.28 13.85 -8.75
C GLY A 452 46.72 13.99 -8.26
N ARG A 453 46.98 14.79 -7.24
CA ARG A 453 48.33 14.92 -6.69
C ARG A 453 48.82 13.58 -6.13
N THR A 454 47.90 12.82 -5.54
CA THR A 454 48.19 11.48 -5.08
C THR A 454 47.51 10.41 -5.96
N PRO A 455 48.27 9.84 -6.92
CA PRO A 455 47.76 8.76 -7.74
C PRO A 455 47.74 7.47 -6.97
N PRO A 456 47.06 6.43 -7.51
CA PRO A 456 47.06 5.14 -6.82
C PRO A 456 48.45 4.62 -6.49
N SER A 457 49.43 4.90 -7.35
CA SER A 457 50.78 4.45 -7.07
C SER A 457 51.39 5.06 -5.80
N ARG A 458 50.78 6.13 -5.26
CA ARG A 458 51.26 6.70 -3.99
C ARG A 458 50.18 6.81 -2.87
N TYR A 459 49.08 6.06 -2.98
CA TYR A 459 48.06 6.07 -1.92
C TYR A 459 48.63 5.83 -0.50
N ASN A 460 49.45 4.80 -0.33
CA ASN A 460 50.00 4.46 0.98
C ASN A 460 51.23 5.29 1.39
N PHE A 461 52.11 5.57 0.42
CA PHE A 461 53.26 6.43 0.64
C PHE A 461 52.78 7.77 1.19
N ASP A 462 51.77 8.36 0.54
CA ASP A 462 51.28 9.68 0.94
C ASP A 462 50.43 9.63 2.21
N TRP A 463 49.71 8.51 2.44
CA TRP A 463 49.01 8.31 3.71
C TRP A 463 50.00 8.32 4.86
N TRP A 464 51.03 7.49 4.80
CA TRP A 464 51.98 7.40 5.91
C TRP A 464 52.86 8.65 6.06
N TYR A 465 53.09 9.35 4.96
CA TYR A 465 53.72 10.66 5.02
C TYR A 465 52.90 11.56 5.96
N LEU A 466 51.60 11.65 5.70
CA LEU A 466 50.74 12.52 6.49
C LEU A 466 50.59 12.02 7.91
N ARG A 467 50.44 10.71 8.07
CA ARG A 467 50.29 10.12 9.39
C ARG A 467 51.50 10.42 10.26
N THR A 468 52.69 10.27 9.69
CA THR A 468 53.93 10.58 10.42
C THR A 468 54.05 12.10 10.65
N LYS A 469 53.81 12.90 9.60
CA LYS A 469 53.89 14.36 9.67
C LYS A 469 53.03 14.96 10.78
N TYR A 470 51.77 14.54 10.87
CA TYR A 470 50.85 15.15 11.82
C TYR A 470 50.75 14.38 13.11
N GLN A 471 50.56 13.06 13.04
CA GLN A 471 50.38 12.29 14.24
C GLN A 471 51.69 11.83 14.89
N GLY A 472 52.78 11.77 14.16
CA GLY A 472 54.01 11.27 14.75
C GLY A 472 53.93 9.78 15.09
N ILE A 473 53.36 9.02 14.17
CA ILE A 473 53.22 7.57 14.34
C ILE A 473 53.83 6.89 13.16
N CYS A 474 54.12 5.61 13.33
CA CYS A 474 54.74 4.83 12.26
C CYS A 474 54.12 3.44 12.28
N PRO A 475 53.95 2.79 11.11
CA PRO A 475 53.35 1.45 11.06
C PRO A 475 54.28 0.46 11.76
N PRO A 476 53.74 -0.45 12.57
CA PRO A 476 54.59 -1.36 13.33
C PRO A 476 55.10 -2.56 12.53
N VAL A 477 54.63 -2.71 11.29
CA VAL A 477 55.19 -3.62 10.31
C VAL A 477 55.36 -2.87 9.00
N THR A 478 56.25 -3.37 8.15
CA THR A 478 56.51 -2.74 6.88
C THR A 478 55.25 -2.73 6.02
N ARG A 479 55.01 -1.60 5.36
CA ARG A 479 53.93 -1.43 4.43
C ARG A 479 54.52 -1.06 3.07
N ASN A 480 53.76 -1.30 2.01
CA ASN A 480 54.14 -1.03 0.63
C ASN A 480 52.84 -0.70 -0.12
N GLU A 481 52.90 -0.46 -1.42
CA GLU A 481 51.70 0.00 -2.12
C GLU A 481 50.67 -1.07 -2.48
N THR A 482 50.95 -2.33 -2.15
CA THR A 482 49.88 -3.33 -2.11
C THR A 482 48.90 -3.00 -0.98
N HIS A 483 49.41 -2.49 0.11
CA HIS A 483 48.56 -2.09 1.22
C HIS A 483 47.83 -0.77 0.94
N PHE A 484 46.63 -0.62 1.51
CA PHE A 484 45.82 0.57 1.29
C PHE A 484 45.23 0.97 2.64
N ASP A 485 46.10 1.49 3.49
CA ASP A 485 45.81 1.69 4.90
C ASP A 485 44.78 2.78 5.16
N ALA A 486 44.68 3.74 4.25
CA ALA A 486 43.60 4.70 4.30
C ALA A 486 42.22 4.02 4.18
N GLY A 487 42.15 2.91 3.44
CA GLY A 487 40.89 2.25 3.19
C GLY A 487 40.39 1.48 4.39
N ALA A 488 41.27 1.19 5.35
CA ALA A 488 40.90 0.56 6.63
C ALA A 488 40.26 1.49 7.70
N LYS A 489 39.98 2.73 7.33
CA LYS A 489 39.26 3.68 8.15
C LYS A 489 37.89 3.90 7.53
N PHE A 490 36.84 3.72 8.31
CA PHE A 490 35.46 3.73 7.83
C PHE A 490 35.15 4.74 6.77
N HIS A 491 35.50 5.99 7.06
CA HIS A 491 35.01 7.10 6.29
C HIS A 491 35.46 7.12 4.87
N VAL A 492 36.59 6.47 4.60
CA VAL A 492 37.15 6.43 3.26
C VAL A 492 36.29 5.55 2.33
N PRO A 493 36.18 4.23 2.60
CA PRO A 493 35.28 3.39 1.76
C PRO A 493 33.80 3.81 1.83
N ASN A 494 33.37 4.39 2.95
CA ASN A 494 32.00 4.89 3.05
C ASN A 494 31.86 6.36 2.60
N VAL A 495 32.88 6.93 1.97
CA VAL A 495 32.76 8.24 1.34
C VAL A 495 32.06 9.29 2.23
N THR A 496 32.52 9.37 3.49
CA THR A 496 32.07 10.40 4.42
C THR A 496 33.21 11.36 4.66
N PRO A 497 33.00 12.65 4.34
CA PRO A 497 34.02 13.67 4.55
C PRO A 497 34.45 13.72 6.02
N TYR A 498 35.70 14.13 6.25
CA TYR A 498 36.34 14.06 7.56
C TYR A 498 36.67 15.43 8.18
N ILE A 499 36.89 16.45 7.37
CA ILE A 499 37.31 17.75 7.90
C ILE A 499 36.28 18.30 8.89
N ARG A 500 35.01 17.98 8.68
CA ARG A 500 33.94 18.25 9.66
C ARG A 500 34.33 17.95 11.11
N TYR A 501 35.10 16.91 11.34
CA TYR A 501 35.44 16.54 12.70
C TYR A 501 36.52 17.45 13.30
N PHE A 502 37.53 17.82 12.50
CA PHE A 502 38.49 18.78 12.95
C PHE A 502 37.79 20.09 13.31
N VAL A 503 36.92 20.53 12.43
CA VAL A 503 36.14 21.74 12.65
C VAL A 503 35.28 21.62 13.90
N SER A 504 34.57 20.50 14.03
CA SER A 504 33.78 20.19 15.22
C SER A 504 34.59 20.26 16.51
N PHE A 505 35.81 19.73 16.50
CA PHE A 505 36.57 19.58 17.75
C PHE A 505 37.02 20.93 18.26
N VAL A 506 37.25 21.87 17.33
CA VAL A 506 37.53 23.26 17.69
C VAL A 506 36.26 23.98 18.15
N LEU A 507 35.26 23.96 17.28
CA LEU A 507 33.97 24.60 17.46
C LEU A 507 33.24 24.20 18.76
N GLN A 508 33.37 22.94 19.16
CA GLN A 508 32.59 22.45 20.32
C GLN A 508 33.02 23.16 21.62
N PHE A 509 34.28 23.61 21.66
CA PHE A 509 34.74 24.43 22.79
C PHE A 509 34.24 25.87 22.69
N GLN A 510 34.04 26.37 21.49
CA GLN A 510 33.45 27.68 21.33
C GLN A 510 32.00 27.66 21.81
N PHE A 511 31.27 26.64 21.39
CA PHE A 511 29.90 26.43 21.86
C PHE A 511 29.85 26.26 23.36
N HIS A 512 30.76 25.46 23.89
CA HIS A 512 30.74 25.15 25.32
C HIS A 512 30.92 26.43 26.13
N GLU A 513 31.85 27.28 25.70
CA GLU A 513 32.12 28.55 26.39
C GLU A 513 30.93 29.48 26.35
N ALA A 514 30.32 29.59 25.17
CA ALA A 514 29.16 30.44 25.00
C ALA A 514 28.01 29.97 25.85
N LEU A 515 27.74 28.66 25.84
CA LEU A 515 26.61 28.09 26.58
C LEU A 515 26.79 28.15 28.10
N CYS A 516 28.00 27.89 28.55
CA CYS A 516 28.35 28.07 29.96
C CYS A 516 28.18 29.51 30.41
N LYS A 517 28.62 30.43 29.58
CA LYS A 517 28.39 31.85 29.86
C LYS A 517 26.88 32.17 29.90
N GLU A 518 26.11 31.63 28.96
CA GLU A 518 24.67 31.90 28.89
C GLU A 518 23.91 31.28 30.07
N ALA A 519 24.40 30.16 30.58
CA ALA A 519 23.76 29.52 31.73
C ALA A 519 24.13 30.22 33.03
N GLY A 520 25.05 31.19 32.97
CA GLY A 520 25.46 31.96 34.12
C GLY A 520 26.43 31.22 35.00
N TYR A 521 27.10 30.20 34.47
CA TYR A 521 28.18 29.52 35.19
C TYR A 521 29.36 30.46 35.22
N GLU A 522 30.09 30.51 36.33
CA GLU A 522 31.22 31.46 36.48
C GLU A 522 32.56 30.86 36.90
N GLY A 523 32.62 29.55 37.12
CA GLY A 523 33.86 28.88 37.44
C GLY A 523 34.73 28.57 36.23
N PRO A 524 35.72 27.67 36.40
CA PRO A 524 36.63 27.32 35.33
C PRO A 524 35.88 26.57 34.26
N LEU A 525 36.23 26.85 33.00
CA LEU A 525 35.48 26.35 31.85
C LEU A 525 35.33 24.83 31.87
N HIS A 526 36.41 24.14 32.20
CA HIS A 526 36.41 22.68 32.23
C HIS A 526 35.59 22.04 33.35
N GLN A 527 35.01 22.82 34.26
CA GLN A 527 34.13 22.29 35.30
C GLN A 527 32.69 22.76 35.10
N CYS A 528 32.44 23.42 33.97
CA CYS A 528 31.09 23.82 33.63
C CYS A 528 30.23 22.61 33.30
N ASP A 529 28.99 22.64 33.79
CA ASP A 529 27.96 21.68 33.45
C ASP A 529 26.71 22.47 33.08
N ILE A 530 26.27 22.40 31.83
CA ILE A 530 25.05 23.12 31.40
C ILE A 530 23.74 22.36 31.63
N TYR A 531 23.82 21.17 32.22
CA TYR A 531 22.63 20.39 32.56
C TYR A 531 21.54 21.28 33.19
N ARG A 532 20.33 21.17 32.67
CA ARG A 532 19.17 21.87 33.20
C ARG A 532 19.16 23.38 32.97
N SER A 533 20.12 23.93 32.22
CA SER A 533 20.08 25.35 31.90
C SER A 533 19.17 25.55 30.69
N THR A 534 17.99 26.11 30.95
CA THR A 534 17.02 26.34 29.88
C THR A 534 17.40 27.56 29.01
N LYS A 535 18.19 28.48 29.57
CA LYS A 535 18.77 29.57 28.76
C LYS A 535 19.84 29.05 27.80
N ALA A 536 20.69 28.15 28.27
CA ALA A 536 21.66 27.49 27.42
C ALA A 536 20.96 26.73 26.31
N GLY A 537 19.87 26.05 26.68
CA GLY A 537 19.08 25.31 25.71
C GLY A 537 18.47 26.17 24.62
N ALA A 538 17.95 27.33 25.01
CA ALA A 538 17.32 28.25 24.07
C ALA A 538 18.37 28.75 23.07
N LYS A 539 19.57 29.02 23.56
CA LYS A 539 20.66 29.48 22.72
C LYS A 539 21.07 28.42 21.68
N LEU A 540 21.26 27.19 22.15
CA LEU A 540 21.53 26.04 21.28
C LEU A 540 20.37 25.80 20.31
N ARG A 541 19.15 25.88 20.79
CA ARG A 541 17.97 25.70 19.95
C ARG A 541 17.94 26.66 18.78
N LYS A 542 18.31 27.92 19.00
CA LYS A 542 18.37 28.89 17.92
C LYS A 542 19.28 28.39 16.78
N VAL A 543 20.42 27.80 17.14
CA VAL A 543 21.34 27.27 16.13
C VAL A 543 20.68 26.16 15.35
N LEU A 544 20.13 25.20 16.07
CA LEU A 544 19.60 23.98 15.48
C LEU A 544 18.43 24.26 14.55
N ARG A 545 17.53 25.14 14.98
CA ARG A 545 16.38 25.50 14.15
C ARG A 545 16.76 26.25 12.88
N ALA A 546 17.97 26.78 12.78
CA ALA A 546 18.38 27.53 11.59
C ALA A 546 18.73 26.64 10.40
N GLY A 547 19.13 25.39 10.68
CA GLY A 547 19.53 24.48 9.62
C GLY A 547 20.67 25.09 8.84
N SER A 548 20.58 25.02 7.51
CA SER A 548 21.51 25.74 6.63
C SER A 548 20.83 26.93 5.95
N SER A 549 19.81 27.48 6.60
CA SER A 549 19.07 28.61 6.06
C SER A 549 19.90 29.90 6.00
N ARG A 550 20.90 30.01 6.88
CA ARG A 550 21.71 31.21 7.04
C ARG A 550 23.22 30.87 6.99
N PRO A 551 24.06 31.84 6.59
CA PRO A 551 25.51 31.64 6.61
C PRO A 551 26.03 31.21 7.98
N TRP A 552 26.87 30.18 8.03
CA TRP A 552 27.35 29.67 9.31
C TRP A 552 28.04 30.76 10.14
N GLN A 553 28.71 31.70 9.47
CA GLN A 553 29.47 32.74 10.18
C GLN A 553 28.51 33.62 10.97
N GLU A 554 27.39 33.96 10.38
CA GLU A 554 26.33 34.73 11.06
C GLU A 554 25.73 33.97 12.23
N VAL A 555 25.48 32.67 12.02
CA VAL A 555 24.83 31.83 13.02
C VAL A 555 25.78 31.69 14.21
N LEU A 556 27.05 31.49 13.92
CA LEU A 556 28.09 31.42 14.95
C LEU A 556 28.18 32.71 15.74
N LYS A 557 28.09 33.83 15.03
CA LYS A 557 28.24 35.14 15.65
C LYS A 557 27.10 35.37 16.64
N ASP A 558 25.87 35.11 16.22
CA ASP A 558 24.73 35.18 17.14
C ASP A 558 24.91 34.28 18.34
N MET A 559 25.49 33.11 18.13
CA MET A 559 25.69 32.18 19.21
C MET A 559 26.83 32.54 20.16
N VAL A 560 28.03 32.78 19.64
CA VAL A 560 29.19 32.93 20.51
C VAL A 560 29.84 34.31 20.47
N GLY A 561 29.33 35.20 19.62
CA GLY A 561 29.84 36.55 19.55
C GLY A 561 31.03 36.74 18.64
N LEU A 562 31.38 35.70 17.88
CA LEU A 562 32.47 35.78 16.93
C LEU A 562 31.98 35.07 15.69
N ASP A 563 32.45 35.52 14.52
CA ASP A 563 31.96 34.99 13.25
C ASP A 563 32.94 33.99 12.59
N ALA A 564 33.80 33.38 13.40
CA ALA A 564 34.92 32.62 12.90
C ALA A 564 35.28 31.51 13.87
N LEU A 565 35.83 30.43 13.31
CA LEU A 565 36.43 29.37 14.11
C LEU A 565 37.58 29.98 14.89
N ASP A 566 37.63 29.68 16.19
CA ASP A 566 38.62 30.24 17.07
C ASP A 566 39.10 29.16 18.03
N ALA A 567 40.41 28.99 18.13
CA ALA A 567 41.01 27.98 18.98
C ALA A 567 41.08 28.39 20.45
N GLN A 568 40.90 29.67 20.76
CA GLN A 568 41.19 30.17 22.10
C GLN A 568 40.33 29.46 23.16
N PRO A 569 39.03 29.24 22.88
CA PRO A 569 38.24 28.51 23.89
C PRO A 569 38.77 27.10 24.20
N LEU A 570 39.26 26.39 23.20
CA LEU A 570 39.88 25.09 23.44
C LEU A 570 41.12 25.25 24.31
N LEU A 571 41.94 26.26 24.02
CA LEU A 571 43.17 26.41 24.78
C LEU A 571 42.86 26.77 26.22
N LYS A 572 41.86 27.62 26.38
CA LYS A 572 41.39 28.09 27.68
C LYS A 572 40.95 26.90 28.51
N TYR A 573 40.19 26.01 27.88
CA TYR A 573 39.68 24.83 28.55
C TYR A 573 40.82 23.96 29.07
N PHE A 574 41.85 23.79 28.25
CA PHE A 574 42.97 22.90 28.57
C PHE A 574 44.17 23.52 29.31
N GLN A 575 44.13 24.83 29.58
CA GLN A 575 45.30 25.58 30.09
C GLN A 575 46.16 24.83 31.10
N LEU A 576 45.53 24.29 32.14
CA LEU A 576 46.28 23.75 33.27
C LEU A 576 47.07 22.51 32.88
N VAL A 577 46.48 21.61 32.07
CA VAL A 577 47.19 20.38 31.69
C VAL A 577 48.19 20.65 30.58
N THR A 578 47.92 21.66 29.76
CA THR A 578 48.89 22.14 28.81
C THR A 578 50.18 22.54 29.55
N GLN A 579 50.03 23.35 30.60
CA GLN A 579 51.17 23.81 31.39
C GLN A 579 51.88 22.63 32.01
N TRP A 580 51.10 21.80 32.67
CA TRP A 580 51.62 20.64 33.38
C TRP A 580 52.41 19.69 32.47
N LEU A 581 51.86 19.37 31.30
CA LEU A 581 52.52 18.43 30.39
C LEU A 581 53.83 19.00 29.92
N GLN A 582 53.84 20.29 29.62
CA GLN A 582 55.04 20.97 29.24
C GLN A 582 56.11 20.82 30.31
N GLU A 583 55.71 20.97 31.58
CA GLU A 583 56.65 20.89 32.69
C GLU A 583 57.16 19.46 32.89
N GLN A 584 56.29 18.47 32.78
CA GLN A 584 56.71 17.07 32.84
C GLN A 584 57.75 16.73 31.76
N ASN A 585 57.50 17.20 30.55
CA ASN A 585 58.37 16.92 29.41
C ASN A 585 59.74 17.60 29.58
N GLN A 586 59.74 18.87 29.98
CA GLN A 586 61.00 19.57 30.31
C GLN A 586 61.80 18.84 31.40
N GLN A 587 61.15 18.51 32.50
CA GLN A 587 61.78 17.78 33.59
C GLN A 587 62.37 16.45 33.14
N ASN A 588 61.70 15.76 32.22
CA ASN A 588 62.23 14.50 31.70
C ASN A 588 63.18 14.66 30.51
N GLY A 589 63.50 15.89 30.13
CA GLY A 589 64.37 16.14 29.00
C GLY A 589 63.86 15.59 27.68
N GLU A 590 62.55 15.63 27.47
CA GLU A 590 61.94 15.06 26.25
C GLU A 590 62.27 15.89 25.02
N VAL A 591 62.45 15.20 23.90
CA VAL A 591 62.46 15.84 22.60
C VAL A 591 61.01 15.93 22.16
N LEU A 592 60.56 17.14 21.85
CA LEU A 592 59.20 17.35 21.36
C LEU A 592 59.23 17.12 19.86
N GLY A 593 58.42 16.19 19.38
CA GLY A 593 58.49 15.79 17.99
C GLY A 593 59.17 14.46 17.80
N TRP A 594 59.44 14.13 16.54
CA TRP A 594 59.99 12.84 16.15
C TRP A 594 61.04 13.03 15.04
N PRO A 595 62.17 13.66 15.38
CA PRO A 595 63.25 13.95 14.41
C PRO A 595 63.84 12.73 13.73
N GLU A 596 63.79 11.57 14.39
CA GLU A 596 64.16 10.30 13.76
C GLU A 596 62.94 9.74 13.00
N TYR A 597 62.54 10.53 11.99
CA TYR A 597 61.39 10.29 11.16
C TYR A 597 61.41 8.98 10.35
N GLN A 598 62.57 8.32 10.27
CA GLN A 598 62.76 7.08 9.49
C GLN A 598 62.48 5.81 10.31
N TRP A 599 62.39 5.95 11.63
CA TRP A 599 62.42 4.83 12.52
C TRP A 599 61.11 4.06 12.54
N HIS A 600 61.25 2.73 12.54
CA HIS A 600 60.15 1.79 12.72
C HIS A 600 60.62 0.73 13.72
N PRO A 601 59.71 0.25 14.57
CA PRO A 601 60.13 -0.77 15.53
C PRO A 601 60.41 -2.08 14.84
N PRO A 602 61.17 -2.98 15.48
CA PRO A 602 61.38 -4.31 14.93
C PRO A 602 60.17 -5.19 15.22
N LEU A 603 60.14 -6.38 14.62
CA LEU A 603 59.10 -7.36 14.90
C LEU A 603 59.36 -8.03 16.23
N PRO A 604 58.30 -8.47 16.91
CA PRO A 604 58.52 -9.32 18.07
C PRO A 604 59.22 -10.61 17.66
N ASP A 605 59.93 -11.22 18.60
CA ASP A 605 60.61 -12.50 18.35
C ASP A 605 59.58 -13.52 17.90
N ASN A 606 59.88 -14.22 16.81
CA ASN A 606 59.00 -15.26 16.26
C ASN A 606 57.56 -14.80 16.05
N TYR A 607 57.39 -13.78 15.22
CA TYR A 607 56.06 -13.26 14.86
C TYR A 607 55.72 -13.74 13.45
N PRO A 608 54.52 -14.29 13.24
CA PRO A 608 53.48 -14.50 14.29
C PRO A 608 53.71 -15.77 15.11
N GLU A 609 53.08 -15.86 16.28
CA GLU A 609 53.19 -17.05 17.13
C GLU A 609 52.05 -17.12 18.16
N LEU B 1 -54.03 -22.61 -44.30
CA LEU B 1 -54.67 -21.83 -43.21
C LEU B 1 -56.18 -21.79 -43.46
N ASP B 2 -56.99 -22.07 -42.45
CA ASP B 2 -58.43 -21.97 -42.61
C ASP B 2 -58.82 -20.57 -43.08
N PRO B 3 -59.74 -20.47 -44.05
CA PRO B 3 -60.12 -19.14 -44.55
C PRO B 3 -60.74 -18.22 -43.47
N GLY B 4 -61.40 -18.80 -42.47
CA GLY B 4 -61.92 -18.05 -41.33
C GLY B 4 -60.83 -17.37 -40.51
N LEU B 5 -59.58 -17.81 -40.64
CA LEU B 5 -58.45 -17.17 -39.95
C LEU B 5 -57.69 -16.28 -40.89
N GLN B 6 -58.16 -16.16 -42.13
CA GLN B 6 -57.50 -15.32 -43.10
C GLN B 6 -58.15 -13.95 -43.05
N PRO B 7 -57.42 -12.92 -43.46
CA PRO B 7 -58.04 -11.61 -43.43
C PRO B 7 -59.16 -11.48 -44.47
N GLY B 8 -60.12 -10.60 -44.18
CA GLY B 8 -61.10 -10.16 -45.16
C GLY B 8 -60.66 -8.88 -45.86
N GLN B 9 -61.66 -8.07 -46.21
CA GLN B 9 -61.48 -6.81 -46.91
C GLN B 9 -61.43 -5.67 -45.88
N PHE B 10 -60.40 -4.83 -45.97
CA PHE B 10 -60.27 -3.66 -45.09
C PHE B 10 -59.81 -2.45 -45.90
N SER B 11 -60.39 -1.27 -45.61
CA SER B 11 -59.98 -0.02 -46.29
C SER B 11 -58.54 0.40 -45.92
N ALA B 12 -57.84 1.05 -46.86
CA ALA B 12 -56.43 1.45 -46.68
C ALA B 12 -56.30 2.81 -46.00
N ASP B 13 -56.83 2.93 -44.77
CA ASP B 13 -56.83 4.19 -44.05
C ASP B 13 -56.93 3.82 -42.57
N GLU B 14 -56.87 4.80 -41.69
CA GLU B 14 -56.91 4.52 -40.27
C GLU B 14 -58.21 3.81 -39.84
N ALA B 15 -59.34 4.19 -40.44
CA ALA B 15 -60.65 3.52 -40.16
C ALA B 15 -60.57 2.02 -40.42
N GLY B 16 -60.00 1.65 -41.58
CA GLY B 16 -59.85 0.26 -41.93
C GLY B 16 -58.89 -0.49 -41.01
N ALA B 17 -57.73 0.12 -40.75
CA ALA B 17 -56.71 -0.43 -39.84
C ALA B 17 -57.30 -0.79 -38.47
N GLN B 18 -58.18 0.03 -37.92
CA GLN B 18 -58.82 -0.31 -36.62
C GLN B 18 -59.60 -1.64 -36.72
N LEU B 19 -60.38 -1.78 -37.80
CA LEU B 19 -61.14 -3.01 -38.04
C LEU B 19 -60.21 -4.18 -38.29
N PHE B 20 -59.14 -3.92 -39.05
CA PHE B 20 -58.12 -4.91 -39.35
C PHE B 20 -57.53 -5.47 -38.05
N ALA B 21 -57.18 -4.55 -37.15
CA ALA B 21 -56.52 -4.91 -35.91
C ALA B 21 -57.49 -5.71 -35.03
N GLN B 22 -58.76 -5.35 -35.04
CA GLN B 22 -59.75 -6.11 -34.26
C GLN B 22 -59.98 -7.50 -34.80
N SER B 23 -59.99 -7.61 -36.13
CA SER B 23 -60.16 -8.90 -36.79
C SER B 23 -58.91 -9.78 -36.59
N TYR B 24 -57.75 -9.17 -36.78
CA TYR B 24 -56.50 -9.84 -36.48
C TYR B 24 -56.51 -10.43 -35.06
N GLN B 25 -56.82 -9.63 -34.05
CA GLN B 25 -56.79 -10.13 -32.68
C GLN B 25 -57.78 -11.29 -32.48
N SER B 26 -58.95 -11.19 -33.09
CA SER B 26 -59.93 -12.25 -32.94
C SER B 26 -59.36 -13.62 -33.40
N SER B 27 -58.71 -13.64 -34.56
CA SER B 27 -58.07 -14.85 -35.06
C SER B 27 -56.73 -15.18 -34.34
N ALA B 28 -55.89 -14.17 -34.12
CA ALA B 28 -54.59 -14.34 -33.43
C ALA B 28 -54.68 -15.03 -32.07
N GLU B 29 -55.69 -14.69 -31.29
CA GLU B 29 -55.86 -15.33 -30.00
C GLU B 29 -56.07 -16.84 -30.13
N GLN B 30 -56.71 -17.29 -31.21
CA GLN B 30 -56.94 -18.72 -31.42
C GLN B 30 -55.68 -19.40 -31.92
N VAL B 31 -54.97 -18.73 -32.82
CA VAL B 31 -53.73 -19.25 -33.39
C VAL B 31 -52.61 -19.26 -32.35
N LEU B 32 -52.43 -18.17 -31.64
CA LEU B 32 -51.45 -18.11 -30.54
C LEU B 32 -51.77 -19.15 -29.48
N PHE B 33 -53.05 -19.26 -29.11
CA PHE B 33 -53.45 -20.24 -28.12
C PHE B 33 -53.07 -21.67 -28.53
N GLN B 34 -53.43 -22.09 -29.73
CA GLN B 34 -53.13 -23.46 -30.17
C GLN B 34 -51.61 -23.71 -30.17
N SER B 35 -50.85 -22.68 -30.52
CA SER B 35 -49.42 -22.84 -30.55
C SER B 35 -48.83 -22.97 -29.14
N VAL B 36 -49.28 -22.13 -28.22
CA VAL B 36 -48.81 -22.21 -26.82
C VAL B 36 -49.28 -23.53 -26.18
N ALA B 37 -50.51 -23.97 -26.46
CA ALA B 37 -51.00 -25.23 -25.89
C ALA B 37 -50.18 -26.42 -26.37
N ALA B 38 -49.75 -26.38 -27.63
CA ALA B 38 -48.95 -27.49 -28.18
C ALA B 38 -47.54 -27.50 -27.61
N SER B 39 -46.97 -26.31 -27.43
CA SER B 39 -45.65 -26.22 -26.76
C SER B 39 -45.77 -26.70 -25.32
N TRP B 40 -46.87 -26.38 -24.65
CA TRP B 40 -47.06 -26.83 -23.27
C TRP B 40 -47.08 -28.37 -23.22
N ALA B 41 -47.84 -28.95 -24.13
CA ALA B 41 -48.03 -30.40 -24.19
C ALA B 41 -46.72 -31.11 -24.42
N HIS B 42 -45.88 -30.52 -25.26
CA HIS B 42 -44.53 -31.04 -25.48
C HIS B 42 -43.63 -30.84 -24.29
N ASP B 43 -43.52 -29.59 -23.85
CA ASP B 43 -42.59 -29.25 -22.77
C ASP B 43 -42.87 -29.93 -21.45
N THR B 44 -44.12 -30.30 -21.18
CA THR B 44 -44.44 -31.07 -19.98
C THR B 44 -44.52 -32.58 -20.22
N ASN B 45 -44.11 -33.02 -21.41
CA ASN B 45 -44.25 -34.40 -21.85
C ASN B 45 -43.55 -34.57 -23.20
N ILE B 46 -42.23 -34.63 -23.16
CA ILE B 46 -41.42 -34.61 -24.37
C ILE B 46 -41.49 -35.99 -25.02
N THR B 47 -42.15 -36.06 -26.18
CA THR B 47 -42.18 -37.27 -26.99
C THR B 47 -42.10 -36.88 -28.45
N ALA B 48 -41.80 -37.85 -29.29
CA ALA B 48 -41.78 -37.62 -30.73
C ALA B 48 -43.15 -37.14 -31.24
N GLU B 49 -44.22 -37.72 -30.71
CA GLU B 49 -45.56 -37.35 -31.15
C GLU B 49 -45.92 -35.92 -30.75
N ASN B 50 -45.55 -35.52 -29.53
CA ASN B 50 -45.84 -34.16 -29.10
C ASN B 50 -45.01 -33.12 -29.82
N ALA B 51 -43.77 -33.49 -30.19
CA ALA B 51 -42.97 -32.61 -31.03
C ALA B 51 -43.63 -32.45 -32.40
N ARG B 52 -44.10 -33.56 -32.97
CA ARG B 52 -44.79 -33.48 -34.26
C ARG B 52 -46.02 -32.54 -34.17
N ARG B 53 -46.79 -32.61 -33.09
CA ARG B 53 -47.95 -31.72 -32.91
C ARG B 53 -47.56 -30.23 -32.74
N GLN B 54 -46.50 -30.00 -31.97
CA GLN B 54 -46.00 -28.64 -31.83
C GLN B 54 -45.47 -28.09 -33.17
N GLU B 55 -44.82 -28.91 -33.97
CA GLU B 55 -44.38 -28.47 -35.30
C GLU B 55 -45.54 -28.15 -36.24
N GLU B 56 -46.60 -28.96 -36.18
CA GLU B 56 -47.83 -28.65 -36.91
C GLU B 56 -48.38 -27.24 -36.54
N ALA B 57 -48.44 -26.98 -35.24
CA ALA B 57 -48.97 -25.71 -34.71
C ALA B 57 -48.09 -24.54 -35.14
N ALA B 58 -46.79 -24.71 -35.04
CA ALA B 58 -45.83 -23.72 -35.53
C ALA B 58 -46.05 -23.41 -37.02
N LEU B 59 -46.21 -24.43 -37.85
CA LEU B 59 -46.42 -24.20 -39.28
C LEU B 59 -47.72 -23.40 -39.53
N LEU B 60 -48.75 -23.69 -38.75
CA LEU B 60 -50.00 -22.98 -38.88
C LEU B 60 -49.81 -21.52 -38.49
N SER B 61 -49.05 -21.27 -37.42
CA SER B 61 -48.73 -19.89 -37.02
C SER B 61 -47.91 -19.15 -38.07
N GLN B 62 -46.98 -19.84 -38.72
CA GLN B 62 -46.28 -19.20 -39.82
C GLN B 62 -47.21 -18.86 -41.00
N GLU B 63 -48.15 -19.74 -41.35
CA GLU B 63 -49.12 -19.40 -42.41
C GLU B 63 -49.96 -18.16 -42.04
N PHE B 64 -50.42 -18.13 -40.79
CA PHE B 64 -51.16 -17.01 -40.24
C PHE B 64 -50.36 -15.74 -40.33
N ALA B 65 -49.15 -15.78 -39.76
CA ALA B 65 -48.29 -14.63 -39.73
C ALA B 65 -48.03 -14.11 -41.14
N GLU B 66 -47.82 -15.01 -42.11
CA GLU B 66 -47.58 -14.57 -43.50
C GLU B 66 -48.83 -13.92 -44.10
N ALA B 67 -50.01 -14.48 -43.84
CA ALA B 67 -51.25 -13.96 -44.43
C ALA B 67 -51.55 -12.54 -43.87
N TRP B 68 -51.55 -12.41 -42.55
CA TRP B 68 -51.90 -11.13 -41.97
C TRP B 68 -50.79 -10.14 -42.15
N GLY B 69 -49.56 -10.66 -42.15
CA GLY B 69 -48.36 -9.86 -42.41
C GLY B 69 -48.40 -9.17 -43.74
N GLN B 70 -48.50 -9.96 -44.83
CA GLN B 70 -48.59 -9.42 -46.20
C GLN B 70 -49.78 -8.50 -46.40
N LYS B 71 -50.92 -8.82 -45.79
CA LYS B 71 -52.11 -7.99 -45.93
C LYS B 71 -51.88 -6.65 -45.26
N ALA B 72 -51.20 -6.65 -44.11
CA ALA B 72 -50.87 -5.42 -43.40
C ALA B 72 -49.92 -4.52 -44.20
N LYS B 73 -49.01 -5.10 -44.99
CA LYS B 73 -48.10 -4.31 -45.81
C LYS B 73 -48.81 -3.73 -47.02
N GLU B 74 -49.53 -4.59 -47.70
CA GLU B 74 -50.23 -4.21 -48.91
C GLU B 74 -51.23 -3.06 -48.64
N LEU B 75 -51.84 -3.03 -47.46
CA LEU B 75 -52.83 -2.01 -47.11
C LEU B 75 -52.22 -0.81 -46.41
N TYR B 76 -51.20 -1.03 -45.59
CA TYR B 76 -50.78 0.00 -44.64
C TYR B 76 -49.31 0.37 -44.68
N GLU B 77 -48.53 -0.25 -45.57
CA GLU B 77 -47.08 0.01 -45.59
C GLU B 77 -46.79 1.50 -45.63
N PRO B 78 -47.39 2.21 -46.60
CA PRO B 78 -47.09 3.65 -46.72
C PRO B 78 -47.57 4.54 -45.57
N ILE B 79 -48.57 4.09 -44.79
CA ILE B 79 -49.34 5.00 -43.91
C ILE B 79 -49.39 4.67 -42.40
N TRP B 80 -49.05 3.45 -42.01
CA TRP B 80 -49.20 3.01 -40.61
C TRP B 80 -48.50 3.91 -39.57
N GLN B 81 -47.38 4.51 -39.95
CA GLN B 81 -46.56 5.32 -39.03
C GLN B 81 -47.15 6.71 -38.70
N GLN B 82 -48.02 7.23 -39.58
CA GLN B 82 -48.72 8.50 -39.31
C GLN B 82 -50.11 8.35 -38.65
N PHE B 83 -50.54 7.12 -38.35
CA PHE B 83 -51.84 6.94 -37.71
C PHE B 83 -51.85 7.62 -36.35
N THR B 84 -53.00 8.23 -36.03
CA THR B 84 -53.19 9.00 -34.80
C THR B 84 -53.23 8.16 -33.52
N ASP B 85 -53.53 6.86 -33.64
CA ASP B 85 -53.65 5.97 -32.48
C ASP B 85 -52.32 5.25 -32.28
N PRO B 86 -51.60 5.52 -31.16
CA PRO B 86 -50.27 4.90 -30.90
C PRO B 86 -50.28 3.38 -30.68
N GLN B 87 -51.34 2.85 -30.08
CA GLN B 87 -51.50 1.40 -29.94
C GLN B 87 -51.65 0.78 -31.31
N LEU B 88 -52.48 1.41 -32.13
CA LEU B 88 -52.70 0.93 -33.50
C LEU B 88 -51.39 0.89 -34.28
N ARG B 89 -50.54 1.93 -34.15
CA ARG B 89 -49.26 1.96 -34.87
C ARG B 89 -48.42 0.76 -34.50
N ARG B 90 -48.36 0.47 -33.20
CA ARG B 90 -47.54 -0.63 -32.70
C ARG B 90 -48.13 -2.02 -33.06
N ILE B 91 -49.46 -2.12 -33.10
CA ILE B 91 -50.11 -3.35 -33.56
C ILE B 91 -49.71 -3.66 -35.01
N ILE B 92 -49.77 -2.68 -35.90
CA ILE B 92 -49.41 -2.92 -37.31
C ILE B 92 -47.90 -3.18 -37.49
N GLY B 93 -47.06 -2.40 -36.81
CA GLY B 93 -45.61 -2.66 -36.82
C GLY B 93 -45.22 -4.08 -36.41
N ALA B 94 -45.90 -4.63 -35.41
CA ALA B 94 -45.66 -6.01 -34.98
C ALA B 94 -46.14 -6.99 -36.06
N VAL B 95 -47.38 -6.80 -36.54
CA VAL B 95 -47.99 -7.68 -37.52
C VAL B 95 -47.17 -7.75 -38.82
N ARG B 96 -46.52 -6.66 -39.21
CA ARG B 96 -45.76 -6.66 -40.47
C ARG B 96 -44.40 -7.37 -40.39
N THR B 97 -44.01 -7.82 -39.20
CA THR B 97 -42.78 -8.58 -39.04
C THR B 97 -43.08 -10.08 -39.13
N LEU B 98 -42.53 -10.74 -40.14
CA LEU B 98 -42.90 -12.12 -40.49
C LEU B 98 -42.03 -13.17 -39.80
N GLY B 99 -40.76 -12.84 -39.57
CA GLY B 99 -39.84 -13.76 -38.91
C GLY B 99 -39.71 -15.01 -39.74
N SER B 100 -39.82 -16.16 -39.10
CA SER B 100 -39.66 -17.44 -39.79
C SER B 100 -40.73 -17.69 -40.86
N ALA B 101 -41.82 -16.91 -40.84
CA ALA B 101 -42.86 -17.03 -41.85
C ALA B 101 -42.41 -16.50 -43.19
N ASN B 102 -41.29 -15.76 -43.21
CA ASN B 102 -40.64 -15.42 -44.46
C ASN B 102 -40.01 -16.60 -45.16
N LEU B 103 -39.74 -17.69 -44.43
CA LEU B 103 -39.14 -18.86 -45.07
C LEU B 103 -40.17 -19.59 -45.93
N PRO B 104 -39.74 -20.17 -47.05
CA PRO B 104 -40.60 -21.08 -47.78
C PRO B 104 -40.81 -22.37 -46.99
N LEU B 105 -41.85 -23.10 -47.36
CA LEU B 105 -42.32 -24.28 -46.61
C LEU B 105 -41.23 -25.26 -46.14
N ALA B 106 -40.39 -25.74 -47.05
CA ALA B 106 -39.35 -26.74 -46.69
C ALA B 106 -38.40 -26.22 -45.60
N LYS B 107 -38.06 -24.93 -45.67
CA LYS B 107 -37.20 -24.30 -44.66
C LYS B 107 -37.96 -23.98 -43.36
N ARG B 108 -39.26 -23.70 -43.45
CA ARG B 108 -40.09 -23.62 -42.24
C ARG B 108 -40.07 -24.92 -41.48
N GLN B 109 -40.28 -26.01 -42.20
CA GLN B 109 -40.31 -27.33 -41.62
C GLN B 109 -38.98 -27.65 -40.95
N GLN B 110 -37.89 -27.37 -41.66
CA GLN B 110 -36.56 -27.62 -41.16
C GLN B 110 -36.27 -26.81 -39.89
N TYR B 111 -36.67 -25.54 -39.89
CA TYR B 111 -36.51 -24.63 -38.77
C TYR B 111 -37.29 -25.11 -37.53
N ASN B 112 -38.57 -25.39 -37.74
CA ASN B 112 -39.41 -25.92 -36.68
C ASN B 112 -38.88 -27.25 -36.11
N ALA B 113 -38.34 -28.12 -36.97
CA ALA B 113 -37.79 -29.40 -36.46
C ALA B 113 -36.50 -29.21 -35.68
N LEU B 114 -35.64 -28.33 -36.15
CA LEU B 114 -34.45 -27.93 -35.40
C LEU B 114 -34.75 -27.44 -33.98
N LEU B 115 -35.73 -26.55 -33.84
CA LEU B 115 -36.14 -26.10 -32.52
C LEU B 115 -36.57 -27.28 -31.66
N SER B 116 -37.34 -28.21 -32.22
CA SER B 116 -37.79 -29.37 -31.47
C SER B 116 -36.63 -30.25 -31.07
N GLN B 117 -35.74 -30.51 -32.01
CA GLN B 117 -34.65 -31.45 -31.74
C GLN B 117 -33.65 -30.88 -30.74
N MET B 118 -33.33 -29.59 -30.88
CA MET B 118 -32.46 -28.89 -29.91
C MET B 118 -33.08 -28.90 -28.52
N SER B 119 -34.39 -28.65 -28.42
CA SER B 119 -35.09 -28.72 -27.13
C SER B 119 -34.99 -30.12 -26.49
N ARG B 120 -35.26 -31.14 -27.28
CA ARG B 120 -35.18 -32.51 -26.78
C ARG B 120 -33.78 -32.84 -26.32
N ILE B 121 -32.78 -32.46 -27.09
CA ILE B 121 -31.42 -32.86 -26.74
C ILE B 121 -31.04 -32.23 -25.42
N TYR B 122 -31.34 -30.95 -25.27
CA TYR B 122 -30.99 -30.26 -24.05
C TYR B 122 -31.71 -30.84 -22.82
N SER B 123 -33.02 -31.03 -22.93
CA SER B 123 -33.82 -31.37 -21.76
C SER B 123 -33.84 -32.89 -21.45
N THR B 124 -33.30 -33.72 -22.34
CA THR B 124 -33.20 -35.14 -22.05
C THR B 124 -31.77 -35.66 -21.86
N ALA B 125 -30.78 -34.79 -21.96
CA ALA B 125 -29.39 -35.23 -21.87
C ALA B 125 -29.13 -35.71 -20.45
N LYS B 126 -28.32 -36.77 -20.32
CA LYS B 126 -28.00 -37.34 -19.00
C LYS B 126 -26.54 -37.64 -18.93
N VAL B 127 -26.05 -37.72 -17.71
CA VAL B 127 -24.68 -38.10 -17.44
C VAL B 127 -24.70 -39.46 -16.73
N CYS B 128 -24.07 -40.47 -17.33
CA CYS B 128 -24.07 -41.83 -16.80
C CYS B 128 -22.73 -42.17 -16.18
N LEU B 129 -22.77 -42.88 -15.04
CA LEU B 129 -21.59 -43.11 -14.18
C LEU B 129 -20.56 -44.06 -14.79
N THR B 133 -21.73 -48.46 -13.78
CA THR B 133 -22.46 -48.13 -15.00
C THR B 133 -23.93 -48.54 -14.92
N ALA B 134 -24.65 -48.05 -13.90
CA ALA B 134 -26.09 -48.33 -13.71
C ALA B 134 -27.02 -47.18 -14.17
N THR B 135 -27.41 -46.29 -13.26
CA THR B 135 -28.44 -45.26 -13.56
C THR B 135 -27.79 -43.90 -13.85
N CYS B 136 -28.53 -43.02 -14.54
CA CYS B 136 -27.95 -41.80 -15.08
C CYS B 136 -28.52 -40.54 -14.40
N TRP B 137 -27.68 -39.53 -14.31
CA TRP B 137 -28.04 -38.29 -13.68
C TRP B 137 -28.61 -37.24 -14.64
N SER B 138 -29.74 -36.65 -14.26
CA SER B 138 -30.30 -35.56 -15.02
C SER B 138 -29.71 -34.23 -14.53
N LEU B 139 -29.89 -33.21 -15.34
CA LEU B 139 -29.42 -31.88 -14.98
C LEU B 139 -30.12 -31.41 -13.72
N ASP B 140 -31.43 -31.57 -13.71
CA ASP B 140 -32.28 -31.09 -12.65
C ASP B 140 -33.14 -32.26 -12.20
N PRO B 141 -32.96 -32.76 -10.97
CA PRO B 141 -32.19 -32.13 -9.87
C PRO B 141 -30.74 -32.59 -9.66
N ASP B 142 -30.35 -33.67 -10.30
CA ASP B 142 -29.16 -34.42 -9.86
C ASP B 142 -27.87 -33.62 -10.02
N LEU B 143 -27.61 -33.14 -11.22
CA LEU B 143 -26.35 -32.43 -11.47
C LEU B 143 -26.37 -31.04 -10.82
N THR B 144 -27.54 -30.38 -10.81
CA THR B 144 -27.73 -29.11 -10.08
C THR B 144 -27.31 -29.22 -8.62
N ASN B 145 -27.75 -30.28 -7.96
CA ASN B 145 -27.46 -30.52 -6.55
C ASN B 145 -25.99 -30.83 -6.31
N ILE B 146 -25.39 -31.67 -7.16
CA ILE B 146 -23.97 -31.93 -7.10
C ILE B 146 -23.20 -30.60 -7.21
N LEU B 147 -23.53 -29.79 -8.22
CA LEU B 147 -22.83 -28.52 -8.39
C LEU B 147 -23.05 -27.57 -7.21
N ALA B 148 -24.25 -27.64 -6.61
CA ALA B 148 -24.58 -26.78 -5.47
C ALA B 148 -23.91 -27.24 -4.16
N SER B 149 -23.74 -28.55 -3.99
CA SER B 149 -23.42 -29.12 -2.68
C SER B 149 -22.09 -29.83 -2.54
N SER B 150 -21.63 -30.48 -3.59
CA SER B 150 -20.40 -31.27 -3.50
C SER B 150 -19.21 -30.33 -3.41
N ARG B 151 -18.27 -30.68 -2.52
CA ARG B 151 -17.00 -29.97 -2.41
C ARG B 151 -15.88 -30.93 -2.76
N SER B 152 -16.21 -31.97 -3.50
CA SER B 152 -15.22 -32.87 -4.06
C SER B 152 -14.82 -32.37 -5.45
N TYR B 153 -13.57 -31.98 -5.62
CA TYR B 153 -13.12 -31.46 -6.91
C TYR B 153 -13.44 -32.43 -8.04
N ALA B 154 -13.08 -33.69 -7.84
CA ALA B 154 -13.31 -34.72 -8.85
C ALA B 154 -14.78 -34.95 -9.17
N MET B 155 -15.64 -34.91 -8.17
CA MET B 155 -17.06 -35.16 -8.41
C MET B 155 -17.68 -34.01 -9.19
N LEU B 156 -17.37 -32.79 -8.77
CA LEU B 156 -17.76 -31.59 -9.49
C LEU B 156 -17.32 -31.66 -10.94
N LEU B 157 -16.08 -32.09 -11.16
CA LEU B 157 -15.51 -32.10 -12.49
C LEU B 157 -16.23 -33.11 -13.37
N PHE B 158 -16.43 -34.29 -12.84
CA PHE B 158 -17.22 -35.31 -13.51
C PHE B 158 -18.61 -34.81 -13.92
N ALA B 159 -19.28 -34.09 -13.03
CA ALA B 159 -20.59 -33.51 -13.38
C ALA B 159 -20.48 -32.40 -14.43
N TRP B 160 -19.47 -31.53 -14.30
CA TRP B 160 -19.32 -30.40 -15.23
C TRP B 160 -19.03 -30.89 -16.64
N GLU B 161 -18.05 -31.78 -16.72
CA GLU B 161 -17.58 -32.31 -17.98
C GLU B 161 -18.64 -33.18 -18.63
N GLY B 162 -19.19 -34.08 -17.84
CA GLY B 162 -20.27 -34.91 -18.31
C GLY B 162 -21.38 -34.10 -18.94
N TRP B 163 -21.85 -33.08 -18.23
CA TRP B 163 -22.98 -32.28 -18.70
C TRP B 163 -22.63 -31.55 -20.02
N HIS B 164 -21.50 -30.86 -20.02
CA HIS B 164 -21.11 -30.08 -21.19
C HIS B 164 -20.91 -30.97 -22.39
N ASN B 165 -20.35 -32.15 -22.21
CA ASN B 165 -20.18 -33.08 -23.32
C ASN B 165 -21.49 -33.66 -23.81
N ALA B 166 -22.36 -34.07 -22.88
CA ALA B 166 -23.63 -34.70 -23.24
C ALA B 166 -24.59 -33.74 -23.95
N ALA B 167 -24.66 -32.48 -23.50
CA ALA B 167 -25.57 -31.53 -24.10
C ALA B 167 -24.99 -30.84 -25.32
N GLY B 168 -23.75 -30.37 -25.19
CA GLY B 168 -23.17 -29.48 -26.17
C GLY B 168 -22.79 -30.17 -27.46
N ILE B 169 -22.10 -31.30 -27.35
CA ILE B 169 -21.52 -31.95 -28.54
C ILE B 169 -22.58 -32.23 -29.60
N PRO B 170 -23.68 -32.90 -29.24
CA PRO B 170 -24.66 -33.21 -30.26
C PRO B 170 -25.46 -31.99 -30.76
N LEU B 171 -25.52 -30.89 -30.00
CA LEU B 171 -26.25 -29.69 -30.43
C LEU B 171 -25.56 -28.91 -31.57
N LYS B 172 -24.24 -28.99 -31.69
CA LYS B 172 -23.52 -28.10 -32.60
C LYS B 172 -24.01 -28.12 -34.04
N PRO B 173 -24.10 -29.31 -34.65
CA PRO B 173 -24.56 -29.25 -36.05
C PRO B 173 -25.96 -28.68 -36.22
N LEU B 174 -26.87 -28.96 -35.30
CA LEU B 174 -28.21 -28.38 -35.36
C LEU B 174 -28.16 -26.86 -35.22
N TYR B 175 -27.33 -26.39 -34.31
CA TYR B 175 -27.29 -24.97 -33.99
C TYR B 175 -26.74 -24.17 -35.19
N GLU B 176 -25.77 -24.71 -35.92
CA GLU B 176 -25.32 -24.06 -37.16
C GLU B 176 -26.45 -23.90 -38.15
N ASP B 177 -27.26 -24.95 -38.31
CA ASP B 177 -28.35 -24.90 -39.30
C ASP B 177 -29.42 -23.92 -38.83
N PHE B 178 -29.70 -23.89 -37.54
CA PHE B 178 -30.67 -22.94 -37.01
C PHE B 178 -30.23 -21.50 -37.27
N THR B 179 -29.00 -21.19 -36.91
CA THR B 179 -28.47 -19.85 -37.15
C THR B 179 -28.62 -19.41 -38.62
N ALA B 180 -28.30 -20.27 -39.57
CA ALA B 180 -28.40 -19.87 -40.98
C ALA B 180 -29.84 -19.55 -41.35
N LEU B 181 -30.77 -20.44 -40.98
CA LEU B 181 -32.18 -20.25 -41.29
C LEU B 181 -32.80 -19.04 -40.60
N SER B 182 -32.52 -18.85 -39.32
CA SER B 182 -33.02 -17.68 -38.59
C SER B 182 -32.59 -16.38 -39.30
N ASN B 183 -31.31 -16.28 -39.67
CA ASN B 183 -30.80 -15.06 -40.34
C ASN B 183 -31.51 -14.82 -41.68
N GLU B 184 -31.61 -15.87 -42.50
CA GLU B 184 -32.33 -15.78 -43.77
C GLU B 184 -33.79 -15.27 -43.57
N ALA B 185 -34.45 -15.73 -42.51
CA ALA B 185 -35.82 -15.31 -42.21
C ALA B 185 -35.89 -13.82 -41.87
N TYR B 186 -35.02 -13.38 -40.95
CA TYR B 186 -35.09 -11.98 -40.50
C TYR B 186 -34.49 -10.95 -41.45
N LYS B 187 -33.62 -11.41 -42.35
CA LYS B 187 -33.09 -10.55 -43.40
C LYS B 187 -34.24 -10.02 -44.28
N GLN B 188 -35.24 -10.86 -44.50
CA GLN B 188 -36.38 -10.40 -45.31
C GLN B 188 -37.30 -9.40 -44.59
N ASP B 189 -37.24 -9.36 -43.26
CA ASP B 189 -37.84 -8.24 -42.55
C ASP B 189 -36.91 -7.01 -42.56
N GLY B 190 -35.81 -7.07 -43.31
CA GLY B 190 -34.87 -5.94 -43.42
C GLY B 190 -33.82 -5.79 -42.31
N PHE B 191 -33.60 -6.84 -41.52
CA PHE B 191 -32.55 -6.81 -40.47
C PHE B 191 -31.26 -7.45 -41.01
N THR B 192 -30.11 -6.94 -40.59
CA THR B 192 -28.84 -7.46 -41.11
C THR B 192 -28.69 -8.91 -40.66
N ASP B 193 -29.14 -9.21 -39.44
CA ASP B 193 -29.14 -10.57 -38.93
C ASP B 193 -30.12 -10.66 -37.73
N THR B 194 -30.34 -11.89 -37.25
CA THR B 194 -31.26 -12.09 -36.14
C THR B 194 -30.91 -11.27 -34.90
N GLY B 195 -29.63 -11.13 -34.62
CA GLY B 195 -29.20 -10.34 -33.47
C GLY B 195 -29.66 -8.89 -33.54
N ALA B 196 -29.66 -8.31 -34.73
CA ALA B 196 -30.13 -6.96 -34.92
C ALA B 196 -31.62 -6.90 -34.65
N TYR B 197 -32.35 -7.95 -35.03
CA TYR B 197 -33.76 -7.99 -34.76
C TYR B 197 -33.99 -8.02 -33.24
N TRP B 198 -33.25 -8.89 -32.55
CA TRP B 198 -33.40 -9.00 -31.10
C TRP B 198 -33.08 -7.68 -30.40
N ARG B 199 -32.01 -7.03 -30.81
CA ARG B 199 -31.65 -5.72 -30.23
C ARG B 199 -32.70 -4.62 -30.51
N SER B 200 -33.41 -4.69 -31.64
CA SER B 200 -34.42 -3.67 -32.01
C SER B 200 -35.55 -3.53 -30.97
N TRP B 201 -35.80 -4.59 -30.23
CA TRP B 201 -36.76 -4.56 -29.15
C TRP B 201 -36.48 -3.51 -28.08
N TYR B 202 -35.26 -2.98 -28.03
CA TYR B 202 -34.92 -1.98 -27.02
C TYR B 202 -35.07 -0.53 -27.56
N ASN B 203 -35.39 -0.41 -28.85
CA ASN B 203 -35.84 0.87 -29.41
C ASN B 203 -34.82 1.97 -29.06
N SER B 204 -33.54 1.67 -29.29
CA SER B 204 -32.44 2.54 -28.89
C SER B 204 -31.24 2.42 -29.83
N PRO B 205 -30.92 3.51 -30.57
CA PRO B 205 -29.81 3.41 -31.53
C PRO B 205 -28.44 3.23 -30.88
N THR B 206 -28.32 3.48 -29.59
CA THR B 206 -27.07 3.41 -28.89
C THR B 206 -27.04 2.23 -27.87
N PHE B 207 -27.86 1.22 -28.10
CA PHE B 207 -28.02 0.12 -27.15
C PHE B 207 -26.72 -0.53 -26.70
N GLU B 208 -25.95 -1.02 -27.66
CA GLU B 208 -24.70 -1.67 -27.34
C GLU B 208 -23.70 -0.80 -26.60
N ASP B 209 -23.58 0.46 -27.00
CA ASP B 209 -22.69 1.39 -26.29
C ASP B 209 -23.18 1.63 -24.88
N ASP B 210 -24.48 1.80 -24.74
CA ASP B 210 -25.06 2.01 -23.41
C ASP B 210 -24.77 0.86 -22.45
N LEU B 211 -24.96 -0.37 -22.94
CA LEU B 211 -24.60 -1.58 -22.18
C LEU B 211 -23.13 -1.61 -21.76
N GLU B 212 -22.22 -1.36 -22.70
CA GLU B 212 -20.79 -1.39 -22.38
C GLU B 212 -20.46 -0.37 -21.29
N HIS B 213 -21.06 0.80 -21.37
CA HIS B 213 -20.84 1.83 -20.35
C HIS B 213 -21.39 1.40 -18.97
N LEU B 214 -22.55 0.71 -18.94
CA LEU B 214 -23.02 0.16 -17.67
C LEU B 214 -22.01 -0.85 -17.16
N TYR B 215 -21.53 -1.76 -18.03
CA TYR B 215 -20.64 -2.80 -17.56
C TYR B 215 -19.33 -2.21 -16.98
N GLN B 216 -18.80 -1.16 -17.60
CA GLN B 216 -17.57 -0.51 -17.08
C GLN B 216 -17.76 -0.06 -15.64
N GLN B 217 -18.93 0.43 -15.26
CA GLN B 217 -19.18 0.84 -13.88
C GLN B 217 -19.30 -0.34 -12.93
N LEU B 218 -19.80 -1.45 -13.45
CA LEU B 218 -20.05 -2.63 -12.60
C LEU B 218 -18.83 -3.51 -12.45
N GLU B 219 -17.97 -3.52 -13.45
CA GLU B 219 -16.84 -4.44 -13.47
C GLU B 219 -15.98 -4.43 -12.20
N PRO B 220 -15.62 -3.23 -11.67
CA PRO B 220 -14.77 -3.32 -10.48
C PRO B 220 -15.42 -4.08 -9.32
N LEU B 221 -16.74 -4.01 -9.19
CA LEU B 221 -17.43 -4.73 -8.14
C LEU B 221 -17.27 -6.25 -8.36
N TYR B 222 -17.34 -6.66 -9.62
CA TYR B 222 -17.13 -8.07 -9.98
C TYR B 222 -15.69 -8.53 -9.69
N LEU B 223 -14.71 -7.74 -10.10
CA LEU B 223 -13.31 -8.13 -9.96
C LEU B 223 -12.96 -8.36 -8.51
N ASN B 224 -13.46 -7.49 -7.64
CA ASN B 224 -13.23 -7.66 -6.19
C ASN B 224 -13.96 -8.87 -5.60
N LEU B 225 -15.23 -9.08 -5.97
CA LEU B 225 -15.94 -10.29 -5.52
C LEU B 225 -15.18 -11.52 -5.98
N HIS B 226 -14.76 -11.52 -7.24
CA HIS B 226 -14.00 -12.62 -7.82
C HIS B 226 -12.72 -12.95 -7.02
N ALA B 227 -11.91 -11.93 -6.73
CA ALA B 227 -10.64 -12.16 -6.04
C ALA B 227 -10.89 -12.75 -4.65
N PHE B 228 -11.88 -12.20 -3.95
CA PHE B 228 -12.24 -12.62 -2.60
C PHE B 228 -12.67 -14.06 -2.62
N VAL B 229 -13.48 -14.42 -3.62
CA VAL B 229 -14.00 -15.78 -3.70
C VAL B 229 -12.90 -16.76 -4.11
N ARG B 230 -12.05 -16.34 -5.04
CA ARG B 230 -10.91 -17.16 -5.44
C ARG B 230 -10.02 -17.52 -4.24
N ARG B 231 -9.76 -16.54 -3.40
CA ARG B 231 -8.96 -16.77 -2.18
C ARG B 231 -9.62 -17.84 -1.30
N ALA B 232 -10.94 -17.78 -1.15
CA ALA B 232 -11.67 -18.78 -0.33
C ALA B 232 -11.55 -20.17 -0.95
N LEU B 233 -11.72 -20.23 -2.26
CA LEU B 233 -11.55 -21.49 -2.98
C LEU B 233 -10.13 -22.06 -2.83
N HIS B 234 -9.15 -21.17 -2.85
CA HIS B 234 -7.76 -21.58 -2.68
C HIS B 234 -7.48 -22.22 -1.32
N ARG B 235 -8.11 -21.70 -0.27
CA ARG B 235 -7.96 -22.31 1.06
C ARG B 235 -8.62 -23.68 1.07
N ARG B 236 -9.73 -23.82 0.35
CA ARG B 236 -10.42 -25.11 0.27
C ARG B 236 -9.66 -26.14 -0.57
N TYR B 237 -9.30 -25.76 -1.80
CA TYR B 237 -8.83 -26.72 -2.81
C TYR B 237 -7.32 -26.68 -2.99
N GLY B 238 -6.67 -25.64 -2.48
CA GLY B 238 -5.22 -25.59 -2.47
C GLY B 238 -4.61 -25.19 -3.79
N ASP B 239 -3.32 -24.90 -3.74
CA ASP B 239 -2.51 -24.40 -4.85
C ASP B 239 -2.57 -25.19 -6.15
N ARG B 240 -2.74 -26.50 -6.05
CA ARG B 240 -2.75 -27.35 -7.25
C ARG B 240 -3.92 -27.00 -8.19
N TYR B 241 -5.06 -26.66 -7.59
CA TYR B 241 -6.31 -26.45 -8.33
C TYR B 241 -6.79 -25.02 -8.42
N ILE B 242 -6.22 -24.13 -7.61
CA ILE B 242 -6.55 -22.72 -7.67
C ILE B 242 -5.28 -21.93 -7.85
N ASN B 243 -5.28 -21.12 -8.91
CA ASN B 243 -4.23 -20.18 -9.23
C ASN B 243 -4.68 -18.79 -8.75
N LEU B 244 -4.04 -18.27 -7.73
CA LEU B 244 -4.40 -16.97 -7.19
C LEU B 244 -4.24 -15.81 -8.19
N ARG B 245 -3.60 -16.03 -9.34
CA ARG B 245 -3.45 -14.99 -10.36
C ARG B 245 -4.03 -15.43 -11.71
N GLY B 246 -4.83 -16.49 -11.68
CA GLY B 246 -5.45 -17.03 -12.87
C GLY B 246 -6.96 -17.15 -12.77
N PRO B 247 -7.57 -17.62 -13.87
CA PRO B 247 -9.01 -17.80 -13.85
C PRO B 247 -9.42 -18.93 -12.91
N ILE B 248 -10.62 -18.81 -12.38
CA ILE B 248 -11.17 -19.81 -11.47
C ILE B 248 -11.66 -20.98 -12.33
N PRO B 249 -11.34 -22.23 -11.94
CA PRO B 249 -12.00 -23.31 -12.68
C PRO B 249 -13.52 -23.21 -12.63
N ALA B 250 -14.17 -23.45 -13.78
CA ALA B 250 -15.55 -23.06 -14.00
C ALA B 250 -16.58 -23.93 -13.28
N HIS B 251 -16.14 -25.04 -12.71
CA HIS B 251 -17.00 -25.98 -11.98
C HIS B 251 -17.06 -25.78 -10.47
N LEU B 252 -16.37 -24.78 -9.93
CA LEU B 252 -16.25 -24.71 -8.46
C LEU B 252 -17.11 -23.65 -7.76
N LEU B 253 -18.03 -23.01 -8.49
CA LEU B 253 -18.71 -21.82 -7.99
C LEU B 253 -20.20 -22.03 -7.63
N GLY B 254 -20.62 -23.28 -7.56
CA GLY B 254 -21.94 -23.62 -7.02
C GLY B 254 -23.01 -23.87 -8.03
N ASP B 255 -22.68 -23.76 -9.30
CA ASP B 255 -23.67 -23.63 -10.36
C ASP B 255 -23.02 -24.12 -11.66
N MET B 256 -23.80 -24.81 -12.51
CA MET B 256 -23.25 -25.45 -13.71
C MET B 256 -22.57 -24.47 -14.66
N TRP B 257 -23.05 -23.24 -14.69
CA TRP B 257 -22.57 -22.18 -15.59
C TRP B 257 -21.75 -21.12 -14.84
N ALA B 258 -21.47 -21.36 -13.56
CA ALA B 258 -20.76 -20.38 -12.71
C ALA B 258 -21.43 -19.02 -12.81
N GLN B 259 -22.75 -19.03 -12.99
CA GLN B 259 -23.48 -17.82 -13.30
C GLN B 259 -23.95 -17.05 -12.07
N SER B 260 -24.20 -17.77 -10.99
CA SER B 260 -24.40 -17.15 -9.70
C SER B 260 -23.84 -18.09 -8.67
N TRP B 261 -23.32 -17.48 -7.60
CA TRP B 261 -22.45 -18.20 -6.71
C TRP B 261 -23.01 -18.41 -5.31
N GLU B 262 -24.30 -18.18 -5.13
CA GLU B 262 -24.86 -18.24 -3.77
C GLU B 262 -24.69 -19.59 -3.09
N ASN B 263 -24.57 -20.67 -3.87
CA ASN B 263 -24.36 -22.01 -3.32
C ASN B 263 -23.04 -22.25 -2.62
N ILE B 264 -22.02 -21.42 -2.85
CA ILE B 264 -20.77 -21.50 -2.07
C ILE B 264 -20.71 -20.43 -0.96
N TYR B 265 -21.83 -19.78 -0.65
CA TYR B 265 -21.91 -18.84 0.48
C TYR B 265 -21.26 -19.41 1.76
N ASP B 266 -21.51 -20.68 2.05
CA ASP B 266 -21.02 -21.28 3.31
C ASP B 266 -19.50 -21.32 3.40
N MET B 267 -18.83 -21.38 2.25
CA MET B 267 -17.38 -21.37 2.17
C MET B 267 -16.75 -19.99 2.27
N VAL B 268 -17.51 -18.93 1.97
CA VAL B 268 -16.93 -17.59 1.87
C VAL B 268 -17.55 -16.58 2.83
N VAL B 269 -18.54 -17.00 3.61
CA VAL B 269 -19.25 -16.10 4.51
C VAL B 269 -18.25 -15.29 5.35
N PRO B 270 -18.29 -13.96 5.22
CA PRO B 270 -17.34 -13.11 5.94
C PRO B 270 -17.25 -13.37 7.44
N PHE B 271 -18.40 -13.46 8.11
CA PHE B 271 -18.48 -13.60 9.55
C PHE B 271 -19.28 -14.85 9.89
N PRO B 272 -18.60 -16.02 9.83
CA PRO B 272 -19.29 -17.31 9.96
C PRO B 272 -20.00 -17.48 11.29
N ASP B 273 -19.57 -16.73 12.31
CA ASP B 273 -20.15 -16.85 13.64
C ASP B 273 -21.58 -16.35 13.72
N LYS B 274 -21.94 -15.45 12.80
CA LYS B 274 -23.29 -14.86 12.79
C LYS B 274 -24.28 -15.94 12.34
N PRO B 275 -25.59 -15.68 12.49
CA PRO B 275 -26.56 -16.73 12.13
C PRO B 275 -26.69 -16.92 10.62
N ASN B 276 -27.10 -18.12 10.23
CA ASN B 276 -27.10 -18.54 8.86
C ASN B 276 -28.19 -17.85 8.02
N LEU B 277 -27.76 -17.05 7.06
CA LEU B 277 -28.66 -16.29 6.18
C LEU B 277 -29.18 -17.08 4.99
N ASP B 278 -28.73 -18.33 4.84
CA ASP B 278 -29.33 -19.23 3.87
C ASP B 278 -30.34 -20.09 4.60
N VAL B 279 -31.62 -19.83 4.33
CA VAL B 279 -32.73 -20.44 5.05
C VAL B 279 -33.17 -21.80 4.49
N THR B 280 -32.42 -22.34 3.52
CA THR B 280 -32.74 -23.64 2.92
C THR B 280 -32.94 -24.74 3.98
N SER B 281 -32.01 -24.87 4.93
CA SER B 281 -32.08 -25.94 5.94
C SER B 281 -33.32 -25.77 6.83
N THR B 282 -33.69 -24.52 7.09
CA THR B 282 -34.92 -24.23 7.81
C THR B 282 -36.18 -24.56 7.00
N MET B 283 -36.18 -24.25 5.71
CA MET B 283 -37.31 -24.63 4.83
C MET B 283 -37.52 -26.14 4.85
N LEU B 284 -36.43 -26.89 4.74
CA LEU B 284 -36.46 -28.35 4.79
C LEU B 284 -36.94 -28.84 6.15
N GLN B 285 -36.36 -28.28 7.20
CA GLN B 285 -36.73 -28.70 8.55
C GLN B 285 -38.20 -28.42 8.82
N GLN B 286 -38.73 -27.29 8.31
CA GLN B 286 -40.15 -26.97 8.47
C GLN B 286 -41.06 -27.72 7.52
N GLY B 287 -40.49 -28.48 6.58
CA GLY B 287 -41.27 -29.25 5.62
C GLY B 287 -41.95 -28.43 4.52
N TRP B 288 -41.35 -27.33 4.09
CA TRP B 288 -41.89 -26.60 2.93
C TRP B 288 -41.90 -27.51 1.71
N GLN B 289 -42.86 -27.27 0.82
CA GLN B 289 -43.00 -27.97 -0.47
C GLN B 289 -43.32 -26.92 -1.50
N ALA B 290 -43.33 -27.32 -2.78
CA ALA B 290 -43.59 -26.36 -3.86
C ALA B 290 -44.83 -25.50 -3.63
N THR B 291 -45.92 -26.14 -3.28
CA THR B 291 -47.18 -25.42 -3.13
C THR B 291 -47.06 -24.26 -2.10
N HIS B 292 -46.40 -24.50 -0.97
CA HIS B 292 -46.20 -23.45 0.02
C HIS B 292 -45.40 -22.31 -0.57
N MET B 293 -44.36 -22.65 -1.35
CA MET B 293 -43.50 -21.63 -1.92
C MET B 293 -44.32 -20.72 -2.84
N PHE B 294 -45.16 -21.33 -3.67
CA PHE B 294 -45.99 -20.56 -4.57
C PHE B 294 -47.04 -19.71 -3.85
N ARG B 295 -47.63 -20.24 -2.77
CA ARG B 295 -48.67 -19.48 -2.05
C ARG B 295 -48.07 -18.33 -1.27
N VAL B 296 -46.86 -18.55 -0.77
CA VAL B 296 -46.16 -17.50 -0.04
C VAL B 296 -45.80 -16.38 -1.01
N ALA B 297 -45.29 -16.76 -2.17
CA ALA B 297 -45.02 -15.79 -3.22
C ALA B 297 -46.30 -15.03 -3.58
N GLU B 298 -47.36 -15.78 -3.84
CA GLU B 298 -48.64 -15.17 -4.17
C GLU B 298 -49.05 -14.13 -3.13
N GLU B 299 -48.91 -14.46 -1.85
CA GLU B 299 -49.39 -13.55 -0.80
C GLU B 299 -48.61 -12.23 -0.78
N PHE B 300 -47.32 -12.25 -1.14
CA PHE B 300 -46.57 -11.01 -1.28
C PHE B 300 -47.25 -10.12 -2.33
N PHE B 301 -47.61 -10.71 -3.47
CA PHE B 301 -48.26 -9.95 -4.54
C PHE B 301 -49.59 -9.36 -4.09
N THR B 302 -50.40 -10.15 -3.40
CA THR B 302 -51.69 -9.66 -2.92
C THR B 302 -51.50 -8.65 -1.78
N SER B 303 -50.38 -8.74 -1.05
CA SER B 303 -50.08 -7.75 0.00
C SER B 303 -49.97 -6.35 -0.61
N LEU B 304 -49.58 -6.30 -1.89
CA LEU B 304 -49.48 -5.05 -2.62
C LEU B 304 -50.74 -4.67 -3.39
N GLU B 305 -51.82 -5.39 -3.15
CA GLU B 305 -53.05 -5.27 -3.92
C GLU B 305 -52.84 -5.46 -5.42
N LEU B 306 -51.95 -6.38 -5.76
CA LEU B 306 -51.89 -6.92 -7.09
C LEU B 306 -52.72 -8.21 -7.09
N SER B 307 -52.80 -8.86 -8.25
CA SER B 307 -53.75 -9.95 -8.41
C SER B 307 -53.23 -11.25 -7.88
N PRO B 308 -54.13 -12.03 -7.26
CA PRO B 308 -53.77 -13.39 -6.93
C PRO B 308 -53.71 -14.22 -8.23
N MET B 309 -53.15 -15.40 -8.13
CA MET B 309 -53.12 -16.36 -9.22
C MET B 309 -54.53 -16.92 -9.39
N PRO B 310 -55.04 -16.94 -10.64
CA PRO B 310 -56.37 -17.45 -10.87
C PRO B 310 -56.46 -18.98 -10.75
N PRO B 311 -57.68 -19.50 -10.58
CA PRO B 311 -57.89 -20.95 -10.54
C PRO B 311 -57.18 -21.71 -11.67
N GLU B 312 -57.26 -21.18 -12.89
CA GLU B 312 -56.64 -21.77 -14.06
C GLU B 312 -55.15 -21.98 -13.89
N PHE B 313 -54.51 -21.06 -13.17
CA PHE B 313 -53.08 -21.20 -12.84
C PHE B 313 -52.81 -22.40 -11.95
N TRP B 314 -53.56 -22.52 -10.86
CA TRP B 314 -53.37 -23.64 -9.93
C TRP B 314 -53.76 -24.95 -10.57
N GLU B 315 -54.78 -24.95 -11.40
CA GLU B 315 -55.22 -26.20 -12.01
C GLU B 315 -54.31 -26.67 -13.14
N GLY B 316 -53.68 -25.73 -13.83
CA GLY B 316 -52.88 -26.05 -15.02
C GLY B 316 -51.38 -26.14 -14.85
N SER B 317 -50.81 -25.45 -13.86
CA SER B 317 -49.36 -25.33 -13.77
C SER B 317 -48.67 -26.65 -13.42
N MET B 318 -47.39 -26.77 -13.72
CA MET B 318 -46.61 -27.93 -13.36
C MET B 318 -45.57 -27.39 -12.40
N LEU B 319 -45.77 -27.64 -11.11
CA LEU B 319 -44.98 -27.02 -10.05
C LEU B 319 -43.93 -27.96 -9.45
N GLU B 320 -43.95 -29.22 -9.85
CA GLU B 320 -42.95 -30.21 -9.46
C GLU B 320 -42.59 -31.06 -10.67
N LYS B 321 -41.38 -31.62 -10.65
CA LYS B 321 -40.98 -32.58 -11.68
C LYS B 321 -41.86 -33.84 -11.57
N PRO B 322 -42.50 -34.24 -12.68
CA PRO B 322 -43.37 -35.41 -12.63
C PRO B 322 -42.65 -36.64 -12.14
N ALA B 323 -43.31 -37.40 -11.27
CA ALA B 323 -42.74 -38.60 -10.65
C ALA B 323 -42.95 -39.87 -11.48
N ASP B 324 -43.75 -39.79 -12.53
CA ASP B 324 -43.90 -40.92 -13.46
C ASP B 324 -42.66 -41.01 -14.36
N GLY B 325 -42.70 -41.89 -15.35
CA GLY B 325 -41.65 -41.96 -16.36
C GLY B 325 -42.02 -41.02 -17.48
N ARG B 326 -41.39 -39.83 -17.50
CA ARG B 326 -41.78 -38.79 -18.44
C ARG B 326 -40.72 -37.69 -18.47
N GLU B 327 -40.22 -37.38 -19.67
CA GLU B 327 -39.25 -36.31 -19.86
C GLU B 327 -39.99 -34.97 -19.92
N VAL B 328 -39.46 -33.95 -19.23
CA VAL B 328 -39.99 -32.60 -19.29
C VAL B 328 -38.83 -31.62 -19.53
N VAL B 329 -39.19 -30.41 -19.95
CA VAL B 329 -38.26 -29.29 -19.91
C VAL B 329 -38.34 -28.77 -18.49
N CYS B 330 -37.28 -28.99 -17.71
CA CYS B 330 -37.32 -28.59 -16.32
C CYS B 330 -37.08 -27.12 -16.13
N HIS B 331 -36.43 -26.45 -17.08
CA HIS B 331 -36.02 -25.05 -16.88
C HIS B 331 -37.22 -24.18 -16.65
N ALA B 332 -37.20 -23.44 -15.56
CA ALA B 332 -38.39 -22.69 -15.09
C ALA B 332 -38.89 -21.68 -16.08
N SER B 333 -40.20 -21.69 -16.34
CA SER B 333 -40.80 -20.69 -17.21
C SER B 333 -42.26 -20.34 -16.88
N ALA B 334 -42.68 -19.19 -17.38
CA ALA B 334 -44.03 -18.66 -17.18
C ALA B 334 -44.69 -18.45 -18.54
N TRP B 335 -45.97 -18.82 -18.60
CA TRP B 335 -46.70 -18.99 -19.84
C TRP B 335 -48.00 -18.19 -19.87
N ASP B 336 -48.17 -17.44 -20.95
CA ASP B 336 -49.42 -16.75 -21.31
C ASP B 336 -49.98 -17.44 -22.57
N PHE B 337 -51.20 -17.95 -22.45
CA PHE B 337 -51.84 -18.70 -23.50
C PHE B 337 -52.61 -17.78 -24.47
N TYR B 338 -52.57 -16.46 -24.21
CA TYR B 338 -53.20 -15.46 -25.06
C TYR B 338 -54.72 -15.59 -25.22
N ASN B 339 -55.37 -16.24 -24.25
CA ASN B 339 -56.83 -16.32 -24.22
C ASN B 339 -57.40 -15.56 -23.02
N ARG B 340 -56.57 -14.79 -22.34
CA ARG B 340 -57.02 -13.96 -21.21
C ARG B 340 -57.48 -14.79 -19.99
N LYS B 341 -57.26 -16.11 -20.03
CA LYS B 341 -57.74 -17.01 -18.99
C LYS B 341 -56.69 -17.99 -18.43
N ASP B 342 -55.88 -18.60 -19.31
CA ASP B 342 -54.88 -19.56 -18.89
C ASP B 342 -53.49 -18.95 -18.81
N PHE B 343 -52.86 -19.14 -17.65
CA PHE B 343 -51.56 -18.60 -17.34
C PHE B 343 -50.96 -19.66 -16.38
N ARG B 344 -49.71 -20.03 -16.62
CA ARG B 344 -49.11 -21.18 -15.99
C ARG B 344 -47.62 -21.02 -15.80
N ILE B 345 -47.14 -21.64 -14.73
CA ILE B 345 -45.71 -21.82 -14.53
C ILE B 345 -45.40 -23.31 -14.69
N LYS B 346 -44.23 -23.56 -15.28
CA LYS B 346 -43.70 -24.88 -15.42
C LYS B 346 -42.33 -24.87 -14.79
N GLN B 347 -42.23 -25.43 -13.60
CA GLN B 347 -40.97 -25.40 -12.83
C GLN B 347 -40.79 -26.71 -12.08
N CYS B 348 -39.61 -27.32 -12.20
CA CYS B 348 -39.29 -28.48 -11.41
C CYS B 348 -38.77 -28.04 -10.04
N THR B 349 -39.69 -27.51 -9.25
CA THR B 349 -39.37 -26.81 -8.03
C THR B 349 -38.67 -27.71 -7.02
N ARG B 350 -37.58 -27.20 -6.47
CA ARG B 350 -36.89 -27.85 -5.38
C ARG B 350 -36.97 -26.92 -4.17
N VAL B 351 -36.86 -27.49 -2.98
CA VAL B 351 -37.06 -26.73 -1.76
C VAL B 351 -35.74 -26.17 -1.29
N THR B 352 -35.43 -24.98 -1.82
CA THR B 352 -34.26 -24.20 -1.43
C THR B 352 -34.64 -22.71 -1.45
N MET B 353 -33.83 -21.89 -0.79
CA MET B 353 -34.01 -20.46 -0.84
C MET B 353 -33.87 -19.85 -2.25
N ASP B 354 -32.91 -20.33 -3.04
CA ASP B 354 -32.76 -19.76 -4.40
C ASP B 354 -33.95 -20.14 -5.30
N GLN B 355 -34.53 -21.31 -5.10
CA GLN B 355 -35.77 -21.68 -5.76
C GLN B 355 -36.95 -20.83 -5.32
N LEU B 356 -36.94 -20.35 -4.08
CA LEU B 356 -38.03 -19.48 -3.64
C LEU B 356 -37.96 -18.17 -4.40
N SER B 357 -36.75 -17.66 -4.61
CA SER B 357 -36.54 -16.48 -5.45
C SER B 357 -37.01 -16.72 -6.88
N THR B 358 -36.70 -17.90 -7.40
CA THR B 358 -37.13 -18.26 -8.73
C THR B 358 -38.64 -18.33 -8.84
N VAL B 359 -39.29 -18.90 -7.82
CA VAL B 359 -40.74 -18.84 -7.76
C VAL B 359 -41.24 -17.39 -7.90
N HIS B 360 -40.62 -16.47 -7.17
CA HIS B 360 -41.04 -15.08 -7.27
C HIS B 360 -40.80 -14.54 -8.69
N HIS B 361 -39.66 -14.89 -9.27
CA HIS B 361 -39.28 -14.45 -10.62
C HIS B 361 -40.34 -14.85 -11.63
N GLU B 362 -40.71 -16.13 -11.63
CA GLU B 362 -41.69 -16.62 -12.59
C GLU B 362 -43.05 -16.00 -12.32
N MET B 363 -43.44 -15.90 -11.04
CA MET B 363 -44.74 -15.28 -10.71
C MET B 363 -44.78 -13.81 -11.07
N GLY B 364 -43.63 -13.14 -11.10
CA GLY B 364 -43.57 -11.80 -11.68
C GLY B 364 -44.04 -11.77 -13.13
N HIS B 365 -43.60 -12.74 -13.93
CA HIS B 365 -44.07 -12.85 -15.33
C HIS B 365 -45.58 -12.99 -15.41
N ILE B 366 -46.11 -13.88 -14.57
CA ILE B 366 -47.52 -14.17 -14.57
C ILE B 366 -48.29 -12.90 -14.18
N GLN B 367 -47.80 -12.15 -13.21
CA GLN B 367 -48.47 -10.94 -12.78
C GLN B 367 -48.60 -9.96 -13.92
N TYR B 368 -47.51 -9.81 -14.66
CA TYR B 368 -47.50 -8.99 -15.85
C TYR B 368 -48.63 -9.40 -16.80
N TYR B 369 -48.71 -10.71 -17.09
CA TYR B 369 -49.72 -11.28 -17.98
C TYR B 369 -51.13 -10.92 -17.54
N LEU B 370 -51.36 -11.05 -16.24
CA LEU B 370 -52.66 -10.77 -15.62
C LEU B 370 -53.01 -9.29 -15.74
N GLN B 371 -52.03 -8.43 -15.53
CA GLN B 371 -52.31 -7.00 -15.60
C GLN B 371 -52.55 -6.49 -17.01
N TYR B 372 -51.88 -7.06 -18.02
CA TYR B 372 -52.04 -6.55 -19.37
C TYR B 372 -52.97 -7.35 -20.28
N LYS B 373 -53.72 -8.30 -19.72
CA LYS B 373 -54.45 -9.27 -20.54
C LYS B 373 -55.52 -8.65 -21.43
N ASP B 374 -56.04 -7.48 -21.06
CA ASP B 374 -57.08 -6.85 -21.86
C ASP B 374 -56.52 -5.88 -22.89
N LEU B 375 -55.21 -5.86 -23.05
CA LEU B 375 -54.64 -5.10 -24.13
C LEU B 375 -54.79 -5.87 -25.42
N PRO B 376 -54.73 -5.16 -26.57
CA PRO B 376 -54.60 -5.85 -27.84
C PRO B 376 -53.46 -6.85 -27.77
N VAL B 377 -53.69 -8.02 -28.36
CA VAL B 377 -52.78 -9.15 -28.22
C VAL B 377 -51.32 -8.81 -28.57
N SER B 378 -51.10 -7.94 -29.56
CA SER B 378 -49.74 -7.54 -29.97
C SER B 378 -49.00 -6.74 -28.90
N LEU B 379 -49.75 -6.18 -27.96
CA LEU B 379 -49.19 -5.31 -26.92
C LEU B 379 -49.04 -6.01 -25.57
N ARG B 380 -49.33 -7.32 -25.55
CA ARG B 380 -49.16 -8.14 -24.36
C ARG B 380 -47.71 -8.63 -24.28
N ARG B 381 -46.83 -7.68 -23.96
CA ARG B 381 -45.39 -7.88 -23.82
C ARG B 381 -44.93 -6.88 -22.80
N GLY B 382 -43.71 -7.05 -22.30
CA GLY B 382 -43.15 -6.08 -21.38
C GLY B 382 -42.82 -4.78 -22.10
N ALA B 383 -42.63 -3.69 -21.36
CA ALA B 383 -42.22 -2.43 -21.99
C ALA B 383 -40.94 -2.65 -22.83
N ASN B 384 -40.02 -3.42 -22.26
CA ASN B 384 -39.07 -4.18 -23.07
C ASN B 384 -38.84 -5.51 -22.32
N PRO B 385 -38.06 -6.44 -22.91
CA PRO B 385 -37.95 -7.76 -22.27
C PRO B 385 -37.30 -7.77 -20.89
N GLY B 386 -36.34 -6.86 -20.66
CA GLY B 386 -35.75 -6.65 -19.33
C GLY B 386 -36.75 -6.29 -18.23
N PHE B 387 -37.77 -5.50 -18.58
CA PHE B 387 -38.87 -5.19 -17.62
C PHE B 387 -39.52 -6.47 -17.14
N HIS B 388 -39.82 -7.35 -18.08
CA HIS B 388 -40.51 -8.60 -17.74
C HIS B 388 -39.69 -9.45 -16.78
N GLU B 389 -38.39 -9.51 -17.01
CA GLU B 389 -37.50 -10.27 -16.14
C GLU B 389 -37.24 -9.62 -14.78
N ALA B 390 -37.48 -8.30 -14.65
CA ALA B 390 -37.20 -7.59 -13.41
C ALA B 390 -38.33 -7.69 -12.36
N ILE B 391 -39.57 -7.88 -12.80
CA ILE B 391 -40.74 -7.73 -11.93
C ILE B 391 -40.68 -8.59 -10.68
N GLY B 392 -40.56 -9.89 -10.85
CA GLY B 392 -40.48 -10.80 -9.73
C GLY B 392 -39.21 -10.66 -8.88
N ASP B 393 -38.07 -10.37 -9.52
CA ASP B 393 -36.79 -10.21 -8.82
C ASP B 393 -36.89 -9.04 -7.83
N VAL B 394 -37.61 -8.00 -8.22
CA VAL B 394 -37.81 -6.84 -7.35
C VAL B 394 -38.47 -7.28 -6.05
N LEU B 395 -39.57 -8.01 -6.15
CA LEU B 395 -40.22 -8.54 -4.95
C LEU B 395 -39.30 -9.43 -4.13
N ALA B 396 -38.54 -10.28 -4.81
CA ALA B 396 -37.61 -11.18 -4.12
C ALA B 396 -36.50 -10.45 -3.39
N LEU B 397 -36.13 -9.26 -3.84
CA LEU B 397 -35.20 -8.42 -3.08
C LEU B 397 -35.76 -8.07 -1.67
N SER B 398 -37.03 -7.72 -1.60
CA SER B 398 -37.72 -7.53 -0.30
C SER B 398 -37.82 -8.83 0.51
N VAL B 399 -38.17 -9.93 -0.14
CA VAL B 399 -38.31 -11.21 0.55
C VAL B 399 -37.01 -11.70 1.22
N SER B 400 -35.87 -11.44 0.58
CA SER B 400 -34.57 -11.91 1.04
C SER B 400 -34.03 -11.23 2.29
N THR B 401 -34.59 -10.07 2.64
CA THR B 401 -34.09 -9.31 3.76
C THR B 401 -34.30 -10.15 5.03
N PRO B 402 -33.31 -10.17 5.92
CA PRO B 402 -33.45 -10.92 7.16
C PRO B 402 -34.71 -10.57 7.93
N GLU B 403 -35.09 -9.30 7.92
CA GLU B 403 -36.35 -8.88 8.56
C GLU B 403 -37.56 -9.53 7.90
N HIS B 404 -37.60 -9.57 6.58
CA HIS B 404 -38.75 -10.23 5.96
C HIS B 404 -38.74 -11.72 6.22
N LEU B 405 -37.57 -12.33 6.10
CA LEU B 405 -37.41 -13.75 6.42
C LEU B 405 -37.89 -14.04 7.85
N HIS B 406 -37.57 -13.14 8.78
CA HIS B 406 -38.07 -13.30 10.15
C HIS B 406 -39.59 -13.30 10.18
N LYS B 407 -40.22 -12.37 9.45
CA LYS B 407 -41.69 -12.28 9.43
C LYS B 407 -42.35 -13.57 8.96
N ILE B 408 -41.73 -14.28 8.02
CA ILE B 408 -42.34 -15.50 7.48
C ILE B 408 -41.80 -16.78 8.12
N GLY B 409 -41.20 -16.66 9.30
CA GLY B 409 -40.80 -17.80 10.13
C GLY B 409 -39.56 -18.54 9.70
N LEU B 410 -38.76 -17.97 8.79
CA LEU B 410 -37.59 -18.66 8.25
C LEU B 410 -36.25 -18.22 8.84
N LEU B 411 -36.26 -17.28 9.78
CA LEU B 411 -35.03 -16.78 10.37
C LEU B 411 -35.27 -16.18 11.76
N ASP B 412 -34.40 -16.54 12.71
CA ASP B 412 -34.57 -16.15 14.11
C ASP B 412 -34.76 -14.67 14.43
N ARG B 413 -34.10 -13.80 13.66
CA ARG B 413 -34.14 -12.35 13.87
C ARG B 413 -32.73 -11.93 14.20
N VAL B 414 -32.14 -11.15 13.31
CA VAL B 414 -30.72 -10.90 13.32
C VAL B 414 -30.50 -9.57 14.01
N THR B 415 -29.39 -9.45 14.69
CA THR B 415 -29.04 -8.19 15.29
C THR B 415 -28.54 -7.30 14.17
N ASN B 416 -29.07 -6.09 14.12
CA ASN B 416 -28.79 -5.16 13.06
C ASN B 416 -27.44 -4.48 13.28
N ASP B 417 -26.36 -5.22 13.03
CA ASP B 417 -25.01 -4.69 13.21
C ASP B 417 -24.28 -4.75 11.88
N THR B 418 -23.06 -4.21 11.84
CA THR B 418 -22.37 -4.02 10.58
C THR B 418 -21.96 -5.37 10.01
N GLU B 419 -21.53 -6.29 10.87
CA GLU B 419 -21.16 -7.66 10.41
C GLU B 419 -22.32 -8.42 9.75
N SER B 420 -23.51 -8.41 10.36
CA SER B 420 -24.70 -9.03 9.75
C SER B 420 -25.02 -8.41 8.40
N ASP B 421 -24.79 -7.10 8.29
CA ASP B 421 -25.05 -6.33 7.08
C ASP B 421 -24.10 -6.71 5.92
N ILE B 422 -22.82 -6.91 6.26
CA ILE B 422 -21.83 -7.44 5.31
C ILE B 422 -22.14 -8.86 4.84
N ASN B 423 -22.51 -9.73 5.78
CA ASN B 423 -22.84 -11.11 5.42
C ASN B 423 -23.98 -11.14 4.37
N TYR B 424 -25.04 -10.38 4.67
CA TYR B 424 -26.20 -10.30 3.81
C TYR B 424 -25.84 -9.73 2.45
N LEU B 425 -25.18 -8.58 2.45
CA LEU B 425 -24.76 -7.97 1.18
C LEU B 425 -23.78 -8.86 0.41
N LEU B 426 -22.91 -9.56 1.12
CA LEU B 426 -22.01 -10.49 0.42
C LEU B 426 -22.85 -11.59 -0.25
N LYS B 427 -23.78 -12.18 0.51
CA LYS B 427 -24.65 -13.21 -0.03
C LYS B 427 -25.42 -12.71 -1.25
N MET B 428 -25.91 -11.47 -1.18
CA MET B 428 -26.66 -10.93 -2.28
C MET B 428 -25.74 -10.67 -3.47
N ALA B 429 -24.48 -10.36 -3.21
CA ALA B 429 -23.52 -10.13 -4.27
C ALA B 429 -23.22 -11.43 -5.02
N LEU B 430 -23.07 -12.52 -4.28
CA LEU B 430 -22.91 -13.83 -4.92
C LEU B 430 -24.03 -14.13 -5.94
N GLU B 431 -25.25 -13.67 -5.65
CA GLU B 431 -26.39 -13.88 -6.56
C GLU B 431 -26.47 -12.84 -7.67
N LYS B 432 -26.24 -11.57 -7.35
CA LYS B 432 -26.49 -10.51 -8.29
C LYS B 432 -25.24 -10.04 -9.03
N ILE B 433 -24.14 -9.85 -8.31
CA ILE B 433 -22.94 -9.26 -8.89
C ILE B 433 -22.22 -10.30 -9.73
N ALA B 434 -22.13 -11.53 -9.21
CA ALA B 434 -21.48 -12.63 -9.91
C ALA B 434 -22.12 -12.88 -11.26
N PHE B 435 -23.43 -12.65 -11.33
CA PHE B 435 -24.19 -12.81 -12.56
C PHE B 435 -23.85 -11.86 -13.69
N LEU B 436 -23.54 -10.62 -13.35
CA LEU B 436 -23.44 -9.54 -14.32
C LEU B 436 -22.58 -9.86 -15.56
N PRO B 437 -21.34 -10.36 -15.37
CA PRO B 437 -20.54 -10.71 -16.54
C PRO B 437 -21.17 -11.78 -17.41
N PHE B 438 -21.84 -12.76 -16.81
CA PHE B 438 -22.47 -13.82 -17.57
C PHE B 438 -23.67 -13.25 -18.33
N GLY B 439 -24.50 -12.48 -17.64
CA GLY B 439 -25.66 -11.85 -18.26
C GLY B 439 -25.27 -10.99 -19.44
N TYR B 440 -24.11 -10.38 -19.35
CA TYR B 440 -23.61 -9.50 -20.42
C TYR B 440 -23.04 -10.31 -21.58
N LEU B 441 -22.22 -11.32 -21.28
CA LEU B 441 -21.44 -12.02 -22.32
C LEU B 441 -22.26 -12.97 -23.24
N VAL B 442 -23.34 -13.57 -22.75
CA VAL B 442 -24.01 -14.63 -23.52
C VAL B 442 -24.46 -14.12 -24.87
N ASP B 443 -25.12 -12.97 -24.91
CA ASP B 443 -25.58 -12.46 -26.19
C ASP B 443 -24.50 -11.72 -26.96
N GLN B 444 -23.42 -11.30 -26.28
CA GLN B 444 -22.23 -10.91 -27.02
C GLN B 444 -21.78 -12.07 -27.88
N TRP B 445 -21.75 -13.27 -27.30
CA TRP B 445 -21.40 -14.44 -28.07
C TRP B 445 -22.38 -14.67 -29.21
N ARG B 446 -23.67 -14.63 -28.90
CA ARG B 446 -24.70 -14.97 -29.86
C ARG B 446 -24.86 -13.92 -30.95
N TRP B 447 -24.70 -12.65 -30.61
CA TRP B 447 -24.72 -11.60 -31.62
C TRP B 447 -23.57 -11.78 -32.60
N GLY B 448 -22.41 -12.20 -32.12
CA GLY B 448 -21.28 -12.53 -33.01
C GLY B 448 -21.53 -13.72 -33.94
N VAL B 449 -22.18 -14.76 -33.43
CA VAL B 449 -22.53 -15.91 -34.24
C VAL B 449 -23.53 -15.48 -35.32
N PHE B 450 -24.56 -14.75 -34.93
CA PHE B 450 -25.57 -14.29 -35.89
C PHE B 450 -24.99 -13.38 -36.98
N SER B 451 -24.05 -12.52 -36.61
CA SER B 451 -23.42 -11.60 -37.56
C SER B 451 -22.42 -12.29 -38.46
N GLY B 452 -22.03 -13.52 -38.15
CA GLY B 452 -21.00 -14.24 -38.90
C GLY B 452 -19.59 -13.94 -38.43
N ARG B 453 -19.41 -13.04 -37.46
CA ARG B 453 -18.09 -12.79 -36.89
C ARG B 453 -17.53 -14.03 -36.18
N THR B 454 -18.42 -14.86 -35.62
CA THR B 454 -18.09 -16.15 -35.03
C THR B 454 -18.69 -17.30 -35.85
N PRO B 455 -17.90 -17.89 -36.74
CA PRO B 455 -18.41 -19.01 -37.51
C PRO B 455 -18.31 -20.28 -36.70
N PRO B 456 -18.97 -21.35 -37.14
CA PRO B 456 -18.86 -22.65 -36.44
C PRO B 456 -17.43 -23.01 -36.04
N SER B 457 -16.48 -22.73 -36.91
CA SER B 457 -15.09 -23.05 -36.61
C SER B 457 -14.52 -22.34 -35.36
N ARG B 458 -15.24 -21.34 -34.84
CA ARG B 458 -14.82 -20.62 -33.64
C ARG B 458 -15.91 -20.51 -32.55
N TYR B 459 -16.96 -21.33 -32.60
CA TYR B 459 -18.01 -21.30 -31.54
C TYR B 459 -17.43 -21.38 -30.12
N ASN B 460 -16.58 -22.37 -29.90
CA ASN B 460 -16.08 -22.61 -28.56
C ASN B 460 -14.92 -21.72 -28.18
N PHE B 461 -14.02 -21.49 -29.14
CA PHE B 461 -12.90 -20.57 -28.98
C PHE B 461 -13.45 -19.22 -28.53
N ASP B 462 -14.51 -18.73 -29.17
CA ASP B 462 -15.03 -17.39 -28.87
C ASP B 462 -15.88 -17.40 -27.60
N TRP B 463 -16.56 -18.50 -27.35
CA TRP B 463 -17.29 -18.67 -26.08
C TRP B 463 -16.32 -18.54 -24.91
N TRP B 464 -15.24 -19.30 -24.94
CA TRP B 464 -14.24 -19.29 -23.85
C TRP B 464 -13.44 -18.00 -23.78
N TYR B 465 -13.25 -17.33 -24.90
CA TYR B 465 -12.65 -16.00 -24.86
C TYR B 465 -13.51 -15.09 -24.00
N LEU B 466 -14.79 -15.05 -24.29
CA LEU B 466 -15.72 -14.21 -23.57
C LEU B 466 -15.84 -14.64 -22.12
N ARG B 467 -15.96 -15.95 -21.88
CA ARG B 467 -16.07 -16.45 -20.53
C ARG B 467 -14.87 -16.04 -19.69
N THR B 468 -13.67 -16.15 -20.25
CA THR B 468 -12.46 -15.79 -19.50
C THR B 468 -12.39 -14.25 -19.39
N LYS B 469 -12.60 -13.55 -20.50
CA LYS B 469 -12.57 -12.08 -20.52
C LYS B 469 -13.45 -11.47 -19.44
N TYR B 470 -14.70 -11.93 -19.35
CA TYR B 470 -15.69 -11.33 -18.44
C TYR B 470 -15.79 -12.02 -17.07
N GLN B 471 -15.95 -13.35 -17.05
CA GLN B 471 -16.15 -14.03 -15.79
C GLN B 471 -14.86 -14.40 -15.08
N GLY B 472 -13.77 -14.43 -15.79
CA GLY B 472 -12.50 -14.85 -15.17
C GLY B 472 -12.52 -16.30 -14.75
N ILE B 473 -13.07 -17.15 -15.61
CA ILE B 473 -13.10 -18.59 -15.35
C ILE B 473 -12.45 -19.30 -16.50
N CYS B 474 -12.04 -20.53 -16.25
CA CYS B 474 -11.48 -21.40 -17.26
C CYS B 474 -12.10 -22.79 -17.18
N PRO B 475 -12.16 -23.48 -18.31
CA PRO B 475 -12.69 -24.85 -18.28
C PRO B 475 -11.70 -25.80 -17.55
N PRO B 476 -12.23 -26.69 -16.67
CA PRO B 476 -11.39 -27.58 -15.86
C PRO B 476 -10.75 -28.77 -16.58
N VAL B 477 -11.22 -29.03 -17.81
CA VAL B 477 -10.63 -29.99 -18.73
C VAL B 477 -10.51 -29.29 -20.05
N THR B 478 -9.55 -29.74 -20.85
CA THR B 478 -9.30 -29.20 -22.19
C THR B 478 -10.54 -29.29 -23.07
N ARG B 479 -10.76 -28.28 -23.90
CA ARG B 479 -11.91 -28.24 -24.82
C ARG B 479 -11.33 -27.95 -26.19
N ASN B 480 -12.03 -28.41 -27.24
CA ASN B 480 -11.74 -28.08 -28.62
C ASN B 480 -13.04 -27.78 -29.34
N GLU B 481 -12.99 -27.60 -30.66
CA GLU B 481 -14.21 -27.22 -31.38
C GLU B 481 -15.22 -28.33 -31.64
N THR B 482 -14.94 -29.55 -31.17
CA THR B 482 -15.96 -30.58 -31.14
C THR B 482 -16.94 -30.33 -30.02
N HIS B 483 -16.45 -29.69 -28.97
CA HIS B 483 -17.30 -29.25 -27.86
C HIS B 483 -18.04 -27.97 -28.22
N PHE B 484 -19.23 -27.81 -27.68
CA PHE B 484 -20.06 -26.65 -27.96
C PHE B 484 -20.66 -26.18 -26.63
N ASP B 485 -19.80 -25.60 -25.81
CA ASP B 485 -20.12 -25.36 -24.41
C ASP B 485 -21.24 -24.32 -24.22
N ALA B 486 -21.37 -23.41 -25.19
CA ALA B 486 -22.52 -22.54 -25.27
C ALA B 486 -23.83 -23.33 -25.34
N GLY B 487 -23.80 -24.45 -26.06
CA GLY B 487 -24.96 -25.32 -26.22
C GLY B 487 -25.48 -25.88 -24.94
N ALA B 488 -24.63 -25.95 -23.92
CA ALA B 488 -24.95 -26.60 -22.67
C ALA B 488 -25.69 -25.68 -21.69
N LYS B 489 -26.05 -24.48 -22.15
CA LYS B 489 -26.85 -23.51 -21.41
C LYS B 489 -28.23 -23.40 -22.05
N PHE B 490 -29.28 -23.54 -21.24
CA PHE B 490 -30.66 -23.63 -21.73
C PHE B 490 -31.00 -22.69 -22.88
N HIS B 491 -30.74 -21.42 -22.66
CA HIS B 491 -31.20 -20.37 -23.52
C HIS B 491 -30.68 -20.47 -24.94
N VAL B 492 -29.55 -21.14 -25.14
CA VAL B 492 -28.97 -21.21 -26.48
C VAL B 492 -29.79 -22.18 -27.37
N PRO B 493 -29.84 -23.49 -27.03
CA PRO B 493 -30.66 -24.41 -27.84
C PRO B 493 -32.16 -24.08 -27.78
N ASN B 494 -32.61 -23.49 -26.69
CA ASN B 494 -33.99 -23.04 -26.59
C ASN B 494 -34.25 -21.62 -27.11
N VAL B 495 -33.27 -21.05 -27.78
CA VAL B 495 -33.41 -19.81 -28.53
C VAL B 495 -34.13 -18.71 -27.74
N THR B 496 -33.69 -18.48 -26.52
CA THR B 496 -34.27 -17.44 -25.69
C THR B 496 -33.18 -16.41 -25.51
N PRO B 497 -33.48 -15.16 -25.89
CA PRO B 497 -32.47 -14.11 -25.76
C PRO B 497 -32.09 -13.92 -24.31
N TYR B 498 -30.86 -13.42 -24.10
CA TYR B 498 -30.28 -13.36 -22.77
C TYR B 498 -30.03 -11.95 -22.19
N ILE B 499 -29.84 -10.95 -23.05
CA ILE B 499 -29.40 -9.61 -22.59
C ILE B 499 -30.47 -8.98 -21.72
N ARG B 500 -31.72 -9.43 -21.89
CA ARG B 500 -32.81 -9.13 -20.96
C ARG B 500 -32.43 -9.32 -19.50
N TYR B 501 -31.63 -10.34 -19.19
CA TYR B 501 -31.25 -10.62 -17.82
C TYR B 501 -30.20 -9.64 -17.32
N PHE B 502 -29.27 -9.22 -18.18
CA PHE B 502 -28.35 -8.13 -17.76
C PHE B 502 -29.14 -6.83 -17.52
N VAL B 503 -30.01 -6.50 -18.48
CA VAL B 503 -30.85 -5.30 -18.33
C VAL B 503 -31.66 -5.39 -17.06
N SER B 504 -32.24 -6.58 -16.82
CA SER B 504 -32.99 -6.84 -15.58
C SER B 504 -32.21 -6.65 -14.30
N PHE B 505 -30.96 -7.07 -14.26
CA PHE B 505 -30.23 -7.08 -13.00
C PHE B 505 -29.85 -5.66 -12.60
N VAL B 506 -29.79 -4.76 -13.58
CA VAL B 506 -29.64 -3.33 -13.31
C VAL B 506 -31.00 -2.69 -13.01
N LEU B 507 -31.95 -2.92 -13.89
CA LEU B 507 -33.28 -2.33 -13.77
C LEU B 507 -33.97 -2.60 -12.41
N GLN B 508 -33.78 -3.81 -11.88
CA GLN B 508 -34.54 -4.20 -10.67
C GLN B 508 -34.14 -3.35 -9.47
N PHE B 509 -32.91 -2.83 -9.47
CA PHE B 509 -32.47 -1.96 -8.38
C PHE B 509 -33.04 -0.56 -8.57
N GLN B 510 -33.18 -0.12 -9.81
CA GLN B 510 -33.93 1.12 -10.10
C GLN B 510 -35.36 1.01 -9.61
N PHE B 511 -36.02 -0.09 -9.96
CA PHE B 511 -37.37 -0.33 -9.53
C PHE B 511 -37.46 -0.42 -8.01
N HIS B 512 -36.49 -1.09 -7.41
CA HIS B 512 -36.51 -1.32 -5.98
C HIS B 512 -36.41 0.02 -5.22
N GLU B 513 -35.45 0.84 -5.63
CA GLU B 513 -35.33 2.20 -5.10
C GLU B 513 -36.61 3.05 -5.21
N ALA B 514 -37.24 3.04 -6.37
CA ALA B 514 -38.45 3.80 -6.62
C ALA B 514 -39.62 3.32 -5.73
N LEU B 515 -39.75 2.00 -5.63
CA LEU B 515 -40.87 1.44 -4.89
C LEU B 515 -40.67 1.60 -3.39
N CYS B 516 -39.43 1.46 -2.95
CA CYS B 516 -39.08 1.73 -1.56
C CYS B 516 -39.34 3.20 -1.14
N LYS B 517 -39.08 4.13 -2.05
CA LYS B 517 -39.40 5.55 -1.85
C LYS B 517 -40.92 5.75 -1.78
N GLU B 518 -41.65 5.19 -2.74
CA GLU B 518 -43.09 5.34 -2.78
C GLU B 518 -43.75 4.69 -1.56
N ALA B 519 -43.11 3.66 -1.02
CA ALA B 519 -43.56 3.01 0.19
C ALA B 519 -43.36 3.88 1.43
N GLY B 520 -42.62 4.99 1.31
CA GLY B 520 -42.28 5.81 2.46
C GLY B 520 -41.15 5.25 3.30
N TYR B 521 -40.46 4.20 2.82
CA TYR B 521 -39.34 3.64 3.56
C TYR B 521 -38.17 4.61 3.53
N GLU B 522 -37.45 4.74 4.65
CA GLU B 522 -36.39 5.77 4.82
C GLU B 522 -35.02 5.28 5.35
N GLY B 523 -34.85 3.97 5.50
CA GLY B 523 -33.57 3.42 5.93
C GLY B 523 -32.71 3.07 4.73
N PRO B 524 -31.64 2.29 4.95
CA PRO B 524 -30.75 1.77 3.91
C PRO B 524 -31.54 1.01 2.84
N LEU B 525 -31.26 1.31 1.58
CA LEU B 525 -31.90 0.63 0.46
C LEU B 525 -31.91 -0.90 0.57
N HIS B 526 -30.84 -1.50 1.10
CA HIS B 526 -30.74 -2.97 1.18
C HIS B 526 -31.51 -3.62 2.33
N GLN B 527 -32.13 -2.81 3.18
CA GLN B 527 -32.98 -3.29 4.27
C GLN B 527 -34.46 -2.95 3.98
N CYS B 528 -34.74 -2.34 2.85
CA CYS B 528 -36.12 -2.07 2.44
C CYS B 528 -36.91 -3.35 2.20
N ASP B 529 -38.13 -3.38 2.74
CA ASP B 529 -39.14 -4.40 2.44
C ASP B 529 -40.44 -3.68 2.04
N ILE B 530 -40.89 -3.85 0.81
CA ILE B 530 -42.14 -3.19 0.38
C ILE B 530 -43.40 -4.01 0.71
N TYR B 531 -43.24 -5.16 1.37
CA TYR B 531 -44.37 -5.97 1.75
C TYR B 531 -45.51 -5.12 2.34
N ARG B 532 -46.72 -5.31 1.85
CA ARG B 532 -47.91 -4.64 2.40
C ARG B 532 -48.04 -3.16 2.05
N SER B 533 -47.21 -2.64 1.16
CA SER B 533 -47.33 -1.26 0.75
C SER B 533 -48.21 -1.18 -0.48
N THR B 534 -49.45 -0.75 -0.29
CA THR B 534 -50.37 -0.65 -1.41
C THR B 534 -49.98 0.50 -2.36
N LYS B 535 -49.26 1.50 -1.85
CA LYS B 535 -48.75 2.59 -2.70
C LYS B 535 -47.67 2.09 -3.66
N ALA B 536 -46.70 1.35 -3.13
CA ALA B 536 -45.74 0.65 -3.97
C ALA B 536 -46.47 -0.22 -5.02
N GLY B 537 -47.47 -0.98 -4.60
CA GLY B 537 -48.24 -1.82 -5.51
C GLY B 537 -48.87 -1.07 -6.67
N ALA B 538 -49.47 0.08 -6.38
CA ALA B 538 -50.13 0.89 -7.40
C ALA B 538 -49.13 1.41 -8.45
N LYS B 539 -47.94 1.77 -7.98
CA LYS B 539 -46.87 2.26 -8.84
C LYS B 539 -46.40 1.16 -9.78
N LEU B 540 -46.21 -0.05 -9.25
CA LEU B 540 -45.85 -1.19 -10.08
C LEU B 540 -46.98 -1.55 -11.05
N ARG B 541 -48.22 -1.54 -10.56
CA ARG B 541 -49.38 -1.86 -11.40
CA ARG B 541 -49.37 -1.87 -11.41
C ARG B 541 -49.43 -1.00 -12.66
N LYS B 542 -49.15 0.28 -12.52
CA LYS B 542 -49.18 1.20 -13.65
C LYS B 542 -48.17 0.81 -14.77
N VAL B 543 -46.99 0.36 -14.38
CA VAL B 543 -46.06 -0.26 -15.31
C VAL B 543 -46.65 -1.53 -15.96
N LEU B 544 -47.18 -2.43 -15.15
CA LEU B 544 -47.59 -3.74 -15.66
C LEU B 544 -48.75 -3.64 -16.64
N ARG B 545 -49.68 -2.72 -16.37
CA ARG B 545 -50.87 -2.54 -17.21
C ARG B 545 -50.56 -1.90 -18.56
N ALA B 546 -49.41 -1.24 -18.66
CA ALA B 546 -48.99 -0.62 -19.93
C ALA B 546 -48.65 -1.65 -21.03
N GLY B 547 -48.22 -2.84 -20.66
CA GLY B 547 -47.67 -3.77 -21.64
C GLY B 547 -46.57 -3.06 -22.44
N SER B 548 -46.60 -3.24 -23.75
CA SER B 548 -45.72 -2.51 -24.65
C SER B 548 -46.45 -1.37 -25.37
N SER B 549 -47.48 -0.79 -24.75
CA SER B 549 -48.26 0.24 -25.43
C SER B 549 -47.51 1.58 -25.52
N ARG B 550 -46.57 1.81 -24.62
CA ARG B 550 -45.76 3.03 -24.60
C ARG B 550 -44.26 2.72 -24.63
N PRO B 551 -43.46 3.66 -25.14
CA PRO B 551 -41.99 3.49 -25.16
C PRO B 551 -41.47 3.19 -23.78
N TRP B 552 -40.56 2.24 -23.64
CA TRP B 552 -40.09 1.87 -22.31
C TRP B 552 -39.45 3.07 -21.61
N GLN B 553 -38.78 3.94 -22.35
CA GLN B 553 -38.11 5.09 -21.77
C GLN B 553 -39.10 5.98 -21.01
N GLU B 554 -40.29 6.15 -21.57
CA GLU B 554 -41.32 6.95 -20.93
C GLU B 554 -41.96 6.22 -19.77
N VAL B 555 -42.12 4.91 -19.87
CA VAL B 555 -42.70 4.15 -18.76
C VAL B 555 -41.71 4.20 -17.60
N LEU B 556 -40.42 4.09 -17.91
CA LEU B 556 -39.41 4.12 -16.87
C LEU B 556 -39.36 5.49 -16.20
N LYS B 557 -39.49 6.55 -17.00
CA LYS B 557 -39.45 7.92 -16.49
C LYS B 557 -40.59 8.11 -15.49
N ASP B 558 -41.80 7.75 -15.89
CA ASP B 558 -42.95 7.82 -14.99
C ASP B 558 -42.68 7.11 -13.66
N MET B 559 -42.13 5.90 -13.73
CA MET B 559 -41.95 5.08 -12.56
C MET B 559 -40.83 5.51 -11.63
N VAL B 560 -39.64 5.75 -12.17
CA VAL B 560 -38.46 6.02 -11.34
C VAL B 560 -37.90 7.42 -11.52
N GLY B 561 -38.45 8.20 -12.43
CA GLY B 561 -38.01 9.58 -12.57
C GLY B 561 -36.87 9.77 -13.53
N LEU B 562 -36.41 8.70 -14.18
CA LEU B 562 -35.32 8.79 -15.14
C LEU B 562 -35.70 7.96 -16.38
N ASP B 563 -35.24 8.36 -17.57
CA ASP B 563 -35.66 7.69 -18.80
C ASP B 563 -34.62 6.72 -19.38
N ALA B 564 -33.68 6.28 -18.56
CA ALA B 564 -32.61 5.40 -19.01
C ALA B 564 -32.22 4.40 -17.92
N LEU B 565 -31.66 3.27 -18.36
CA LEU B 565 -30.92 2.38 -17.45
C LEU B 565 -29.83 3.12 -16.72
N ASP B 566 -29.69 2.84 -15.43
CA ASP B 566 -28.75 3.57 -14.60
C ASP B 566 -28.26 2.61 -13.53
N ALA B 567 -26.93 2.51 -13.37
CA ALA B 567 -26.34 1.60 -12.40
C ALA B 567 -26.29 2.13 -10.97
N GLN B 568 -26.64 3.40 -10.77
CA GLN B 568 -26.42 4.03 -9.46
C GLN B 568 -27.22 3.35 -8.35
N PRO B 569 -28.47 2.95 -8.65
CA PRO B 569 -29.20 2.29 -7.54
C PRO B 569 -28.56 0.96 -7.09
N LEU B 570 -28.12 0.13 -8.03
CA LEU B 570 -27.42 -1.12 -7.68
C LEU B 570 -26.16 -0.80 -6.88
N LEU B 571 -25.38 0.18 -7.35
CA LEU B 571 -24.18 0.59 -6.63
C LEU B 571 -24.52 1.06 -5.23
N LYS B 572 -25.58 1.86 -5.11
CA LYS B 572 -26.03 2.33 -3.80
C LYS B 572 -26.41 1.18 -2.86
N TYR B 573 -27.11 0.18 -3.41
CA TYR B 573 -27.50 -1.01 -2.66
C TYR B 573 -26.31 -1.76 -2.09
N PHE B 574 -25.29 -1.99 -2.89
CA PHE B 574 -24.14 -2.77 -2.44
C PHE B 574 -23.01 -1.95 -1.81
N GLN B 575 -23.13 -0.64 -1.84
CA GLN B 575 -22.02 0.26 -1.46
C GLN B 575 -21.14 -0.26 -0.30
N LEU B 576 -21.78 -0.72 0.77
CA LEU B 576 -21.05 -1.17 1.97
C LEU B 576 -20.17 -2.38 1.74
N VAL B 577 -20.66 -3.34 0.95
CA VAL B 577 -19.90 -4.57 0.69
C VAL B 577 -18.91 -4.32 -0.44
N THR B 578 -19.22 -3.38 -1.32
CA THR B 578 -18.27 -2.95 -2.34
C THR B 578 -17.02 -2.37 -1.66
N GLN B 579 -17.24 -1.52 -0.67
CA GLN B 579 -16.13 -0.92 0.09
C GLN B 579 -15.40 -1.99 0.91
N TRP B 580 -16.15 -2.85 1.58
CA TRP B 580 -15.55 -3.88 2.45
C TRP B 580 -14.66 -4.83 1.65
N LEU B 581 -15.21 -5.39 0.56
CA LEU B 581 -14.45 -6.31 -0.28
C LEU B 581 -13.17 -5.67 -0.86
N GLN B 582 -13.26 -4.40 -1.22
CA GLN B 582 -12.12 -3.66 -1.79
C GLN B 582 -11.02 -3.57 -0.74
N GLU B 583 -11.41 -3.34 0.51
CA GLU B 583 -10.44 -3.25 1.61
C GLU B 583 -9.84 -4.61 1.93
N GLN B 584 -10.70 -5.62 2.04
CA GLN B 584 -10.24 -6.97 2.32
C GLN B 584 -9.20 -7.44 1.31
N ASN B 585 -9.47 -7.20 0.02
CA ASN B 585 -8.57 -7.64 -1.02
C ASN B 585 -7.21 -6.91 -0.93
N GLN B 586 -7.25 -5.60 -0.71
CA GLN B 586 -6.04 -4.82 -0.51
C GLN B 586 -5.21 -5.36 0.67
N GLN B 587 -5.87 -5.58 1.80
CA GLN B 587 -5.18 -6.12 2.98
C GLN B 587 -4.56 -7.49 2.75
N ASN B 588 -5.19 -8.32 1.91
CA ASN B 588 -4.65 -9.65 1.61
C ASN B 588 -3.66 -9.68 0.45
N GLY B 589 -3.44 -8.54 -0.19
CA GLY B 589 -2.49 -8.44 -1.28
C GLY B 589 -2.94 -9.19 -2.50
N GLU B 590 -4.24 -9.16 -2.80
CA GLU B 590 -4.77 -9.90 -3.95
C GLU B 590 -4.41 -9.18 -5.23
N VAL B 591 -4.18 -9.92 -6.31
CA VAL B 591 -4.21 -9.32 -7.63
C VAL B 591 -5.68 -9.36 -8.07
N LEU B 592 -6.20 -8.23 -8.54
CA LEU B 592 -7.53 -8.20 -9.13
C LEU B 592 -7.43 -8.62 -10.58
N GLY B 593 -8.26 -9.57 -10.97
CA GLY B 593 -8.19 -10.09 -12.31
C GLY B 593 -7.38 -11.37 -12.35
N TRP B 594 -6.99 -11.74 -13.56
CA TRP B 594 -6.41 -13.03 -13.83
C TRP B 594 -5.34 -12.83 -14.93
N PRO B 595 -4.20 -12.25 -14.58
CA PRO B 595 -3.13 -12.02 -15.58
C PRO B 595 -2.57 -13.30 -16.19
N GLU B 596 -2.67 -14.42 -15.48
CA GLU B 596 -2.28 -15.69 -16.05
C GLU B 596 -3.47 -16.30 -16.79
N TYR B 597 -3.82 -15.65 -17.90
CA TYR B 597 -5.03 -15.94 -18.67
C TYR B 597 -5.03 -17.32 -19.32
N GLN B 598 -3.83 -17.91 -19.49
CA GLN B 598 -3.66 -19.22 -20.13
C GLN B 598 -3.83 -20.40 -19.19
N TRP B 599 -3.86 -20.14 -17.89
CA TRP B 599 -3.81 -21.19 -16.92
C TRP B 599 -5.08 -22.02 -16.88
N HIS B 600 -4.89 -23.34 -16.84
CA HIS B 600 -5.95 -24.30 -16.57
C HIS B 600 -5.47 -25.21 -15.45
N PRO B 601 -6.41 -25.75 -14.66
CA PRO B 601 -6.01 -26.62 -13.58
C PRO B 601 -5.61 -27.99 -14.14
N PRO B 602 -4.80 -28.75 -13.39
CA PRO B 602 -4.48 -30.11 -13.81
C PRO B 602 -5.63 -31.07 -13.53
N LEU B 603 -5.60 -32.28 -14.08
CA LEU B 603 -6.61 -33.30 -13.81
C LEU B 603 -6.41 -33.92 -12.43
N PRO B 604 -7.47 -34.35 -11.79
CA PRO B 604 -7.21 -35.06 -10.55
C PRO B 604 -6.49 -36.40 -10.80
N ASP B 605 -5.78 -36.87 -9.78
CA ASP B 605 -5.06 -38.13 -9.90
C ASP B 605 -6.09 -39.23 -10.13
N ASN B 606 -5.81 -40.10 -11.10
CA ASN B 606 -6.74 -41.16 -11.46
C ASN B 606 -8.09 -40.62 -11.92
N TYR B 607 -8.08 -39.61 -12.78
CA TYR B 607 -9.32 -39.13 -13.36
C TYR B 607 -9.58 -39.85 -14.69
N PRO B 608 -10.77 -40.41 -14.91
CA PRO B 608 -11.88 -40.49 -13.93
C PRO B 608 -11.95 -41.81 -13.13
N GLU B 609 -10.95 -42.69 -13.27
CA GLU B 609 -10.94 -44.00 -12.60
C GLU B 609 -10.69 -43.87 -11.09
N LEU C 1 -1.05 38.33 62.19
CA LEU C 1 -0.92 38.14 60.73
C LEU C 1 -0.19 39.32 60.13
N ASP C 2 0.85 39.04 59.33
CA ASP C 2 1.59 40.05 58.59
C ASP C 2 0.64 41.01 57.81
N PRO C 3 0.91 42.33 57.85
CA PRO C 3 0.01 43.26 57.17
C PRO C 3 -0.23 42.95 55.70
N GLY C 4 0.84 42.60 54.98
CA GLY C 4 0.72 42.26 53.56
C GLY C 4 -0.17 41.04 53.29
N LEU C 5 -0.46 40.26 54.31
CA LEU C 5 -1.33 39.11 54.16
C LEU C 5 -2.76 39.35 54.59
N GLN C 6 -3.04 40.54 55.10
CA GLN C 6 -4.37 40.83 55.61
C GLN C 6 -5.34 41.22 54.50
N PRO C 7 -6.62 40.93 54.65
CA PRO C 7 -7.56 41.44 53.66
C PRO C 7 -7.80 42.94 53.80
N GLY C 8 -7.94 43.63 52.68
CA GLY C 8 -8.30 45.04 52.70
C GLY C 8 -9.76 45.27 52.37
N GLN C 9 -10.00 46.38 51.71
CA GLN C 9 -11.33 46.80 51.31
C GLN C 9 -11.69 46.29 49.92
N PHE C 10 -12.93 45.83 49.79
CA PHE C 10 -13.52 45.45 48.50
C PHE C 10 -15.00 45.80 48.52
N SER C 11 -15.58 46.07 47.36
CA SER C 11 -17.01 46.36 47.30
C SER C 11 -17.86 45.12 47.53
N ALA C 12 -19.03 45.31 48.13
CA ALA C 12 -19.96 44.23 48.47
C ALA C 12 -20.85 43.83 47.28
N ASP C 13 -20.22 43.40 46.21
CA ASP C 13 -20.94 42.95 45.03
C ASP C 13 -20.06 41.98 44.28
N GLU C 14 -20.56 41.41 43.19
CA GLU C 14 -19.81 40.42 42.46
C GLU C 14 -18.49 40.92 41.88
N ALA C 15 -18.46 42.14 41.39
CA ALA C 15 -17.23 42.72 40.82
C ALA C 15 -16.16 42.80 41.89
N GLY C 16 -16.56 43.28 43.06
CA GLY C 16 -15.66 43.36 44.19
C GLY C 16 -15.18 42.00 44.64
N ALA C 17 -16.09 41.03 44.62
CA ALA C 17 -15.77 39.65 44.97
C ALA C 17 -14.69 39.04 44.08
N GLN C 18 -14.72 39.35 42.79
CA GLN C 18 -13.66 38.95 41.87
C GLN C 18 -12.31 39.50 42.31
N LEU C 19 -12.28 40.78 42.69
CA LEU C 19 -11.05 41.42 43.15
C LEU C 19 -10.58 40.80 44.47
N PHE C 20 -11.53 40.50 45.37
CA PHE C 20 -11.24 39.85 46.65
C PHE C 20 -10.55 38.48 46.45
N ALA C 21 -11.09 37.70 45.50
CA ALA C 21 -10.52 36.40 45.18
C ALA C 21 -9.11 36.52 44.61
N GLN C 22 -8.89 37.49 43.73
CA GLN C 22 -7.54 37.71 43.21
C GLN C 22 -6.57 38.06 44.33
N SER C 23 -7.00 38.94 45.23
CA SER C 23 -6.16 39.35 46.37
C SER C 23 -5.90 38.19 47.33
N TYR C 24 -6.94 37.41 47.60
CA TYR C 24 -6.79 36.22 48.40
C TYR C 24 -5.70 35.25 47.89
N GLN C 25 -5.76 34.91 46.61
CA GLN C 25 -4.84 33.95 46.02
C GLN C 25 -3.41 34.39 46.12
N SER C 26 -3.18 35.67 45.91
CA SER C 26 -1.85 36.18 46.00
C SER C 26 -1.21 35.83 47.37
N SER C 27 -1.95 36.07 48.46
CA SER C 27 -1.41 35.83 49.80
C SER C 27 -1.54 34.36 50.24
N ALA C 28 -2.57 33.67 49.77
CA ALA C 28 -2.78 32.26 50.13
C ALA C 28 -1.62 31.35 49.73
N GLU C 29 -1.06 31.58 48.55
CA GLU C 29 0.08 30.80 48.07
C GLU C 29 1.29 30.90 48.98
N GLN C 30 1.51 32.08 49.58
CA GLN C 30 2.62 32.26 50.49
C GLN C 30 2.31 31.51 51.78
N VAL C 31 1.10 31.67 52.30
CA VAL C 31 0.69 30.98 53.54
C VAL C 31 0.65 29.44 53.39
N LEU C 32 0.04 28.97 52.33
CA LEU C 32 0.04 27.52 52.04
C LEU C 32 1.45 26.96 51.89
N PHE C 33 2.27 27.64 51.12
CA PHE C 33 3.64 27.19 50.94
C PHE C 33 4.41 27.03 52.27
N GLN C 34 4.35 28.03 53.15
CA GLN C 34 5.09 27.94 54.41
C GLN C 34 4.58 26.75 55.23
N SER C 35 3.29 26.51 55.15
CA SER C 35 2.70 25.40 55.85
C SER C 35 3.11 24.03 55.25
N VAL C 36 3.05 23.91 53.93
CA VAL C 36 3.48 22.67 53.29
C VAL C 36 4.98 22.42 53.51
N ALA C 37 5.81 23.46 53.39
CA ALA C 37 7.24 23.35 53.65
C ALA C 37 7.57 22.87 55.07
N ALA C 38 6.87 23.40 56.06
CA ALA C 38 7.09 22.99 57.46
C ALA C 38 6.59 21.55 57.66
N SER C 39 5.47 21.18 57.03
CA SER C 39 5.01 19.78 57.08
C SER C 39 6.05 18.85 56.43
N TRP C 40 6.64 19.26 55.31
CA TRP C 40 7.67 18.45 54.65
C TRP C 40 8.87 18.22 55.56
N ALA C 41 9.29 19.29 56.23
CA ALA C 41 10.47 19.25 57.10
C ALA C 41 10.24 18.35 58.27
N HIS C 42 9.01 18.28 58.73
CA HIS C 42 8.67 17.36 59.79
C HIS C 42 8.56 15.90 59.31
N ASP C 43 7.83 15.67 58.22
CA ASP C 43 7.58 14.31 57.76
C ASP C 43 8.81 13.62 57.17
N THR C 44 9.83 14.37 56.78
CA THR C 44 11.08 13.78 56.31
C THR C 44 12.16 13.81 57.39
N ASN C 45 11.77 14.18 58.61
CA ASN C 45 12.72 14.31 59.69
C ASN C 45 11.95 14.57 60.99
N ILE C 46 11.39 13.52 61.56
CA ILE C 46 10.45 13.69 62.65
C ILE C 46 11.21 14.01 63.91
N THR C 47 11.04 15.22 64.42
CA THR C 47 11.62 15.64 65.68
C THR C 47 10.66 16.55 66.42
N ALA C 48 10.88 16.70 67.72
CA ALA C 48 10.03 17.61 68.48
C ALA C 48 10.17 19.05 67.97
N GLU C 49 11.37 19.43 67.54
CA GLU C 49 11.57 20.80 67.04
C GLU C 49 10.83 20.99 65.70
N ASN C 50 10.84 19.99 64.85
CA ASN C 50 10.16 20.14 63.56
C ASN C 50 8.65 20.13 63.73
N ALA C 51 8.14 19.39 64.71
CA ALA C 51 6.72 19.43 65.04
C ALA C 51 6.32 20.84 65.53
N ARG C 52 7.13 21.39 66.42
CA ARG C 52 6.93 22.74 66.91
C ARG C 52 6.83 23.73 65.74
N ARG C 53 7.75 23.64 64.79
CA ARG C 53 7.75 24.53 63.63
C ARG C 53 6.53 24.35 62.74
N GLN C 54 6.14 23.10 62.56
CA GLN C 54 4.96 22.79 61.76
C GLN C 54 3.73 23.38 62.43
N GLU C 55 3.64 23.24 63.75
CA GLU C 55 2.53 23.76 64.54
C GLU C 55 2.40 25.28 64.47
N GLU C 56 3.53 25.97 64.49
CA GLU C 56 3.54 27.42 64.29
C GLU C 56 3.04 27.78 62.92
N ALA C 57 3.47 27.01 61.92
CA ALA C 57 3.01 27.23 60.55
C ALA C 57 1.50 27.02 60.41
N ALA C 58 0.98 26.00 61.10
CA ALA C 58 -0.44 25.69 61.05
C ALA C 58 -1.22 26.81 61.72
N LEU C 59 -0.66 27.36 62.80
CA LEU C 59 -1.30 28.47 63.50
C LEU C 59 -1.43 29.69 62.61
N LEU C 60 -0.39 29.97 61.83
CA LEU C 60 -0.41 31.10 60.90
C LEU C 60 -1.45 30.84 59.82
N SER C 61 -1.53 29.60 59.33
CA SER C 61 -2.54 29.25 58.36
C SER C 61 -3.95 29.48 58.90
N GLN C 62 -4.16 29.15 60.17
CA GLN C 62 -5.45 29.33 60.80
C GLN C 62 -5.82 30.82 60.97
N GLU C 63 -4.83 31.64 61.33
CA GLU C 63 -5.00 33.10 61.39
C GLU C 63 -5.44 33.67 60.07
N PHE C 64 -4.75 33.23 59.03
CA PHE C 64 -5.03 33.67 57.67
C PHE C 64 -6.43 33.26 57.23
N ALA C 65 -6.76 31.98 57.39
CA ALA C 65 -8.10 31.45 57.08
C ALA C 65 -9.18 32.25 57.79
N GLU C 66 -8.98 32.52 59.07
CA GLU C 66 -9.97 33.26 59.83
C GLU C 66 -10.16 34.69 59.31
N ALA C 67 -9.06 35.40 59.03
CA ALA C 67 -9.18 36.79 58.57
C ALA C 67 -9.92 36.85 57.25
N TRP C 68 -9.50 36.04 56.29
CA TRP C 68 -10.12 36.05 54.97
C TRP C 68 -11.53 35.44 54.97
N GLY C 69 -11.75 34.43 55.79
CA GLY C 69 -13.07 33.85 55.97
C GLY C 69 -14.08 34.85 56.51
N GLN C 70 -13.72 35.53 57.58
CA GLN C 70 -14.59 36.58 58.15
C GLN C 70 -14.85 37.72 57.18
N LYS C 71 -13.85 38.10 56.38
CA LYS C 71 -14.05 39.19 55.42
C LYS C 71 -14.99 38.77 54.29
N ALA C 72 -14.88 37.51 53.87
CA ALA C 72 -15.79 36.95 52.88
C ALA C 72 -17.22 37.05 53.37
N LYS C 73 -17.43 36.68 54.62
CA LYS C 73 -18.77 36.75 55.20
C LYS C 73 -19.27 38.18 55.40
N GLU C 74 -18.39 39.04 55.94
CA GLU C 74 -18.72 40.46 56.10
C GLU C 74 -19.24 41.04 54.79
N LEU C 75 -18.55 40.81 53.69
CA LEU C 75 -18.91 41.47 52.44
C LEU C 75 -19.92 40.71 51.56
N TYR C 76 -19.88 39.38 51.61
CA TYR C 76 -20.58 38.58 50.60
C TYR C 76 -21.59 37.55 51.11
N GLU C 77 -21.81 37.46 52.42
CA GLU C 77 -22.64 36.39 52.97
C GLU C 77 -24.02 36.30 52.33
N PRO C 78 -24.75 37.42 52.27
CA PRO C 78 -26.10 37.28 51.70
C PRO C 78 -26.17 37.20 50.17
N ILE C 79 -25.05 37.36 49.46
CA ILE C 79 -25.11 37.52 48.00
C ILE C 79 -24.27 36.54 47.17
N TRP C 80 -23.36 35.78 47.79
CA TRP C 80 -22.38 35.01 47.00
C TRP C 80 -23.01 33.86 46.22
N GLN C 81 -24.06 33.30 46.80
CA GLN C 81 -24.77 32.19 46.19
C GLN C 81 -25.46 32.59 44.89
N GLN C 82 -25.83 33.87 44.77
CA GLN C 82 -26.44 34.38 43.53
C GLN C 82 -25.42 35.00 42.56
N PHE C 83 -24.12 34.88 42.82
CA PHE C 83 -23.13 35.37 41.87
C PHE C 83 -23.23 34.61 40.55
N THR C 84 -22.98 35.34 39.47
CA THR C 84 -23.05 34.85 38.11
C THR C 84 -21.97 33.83 37.77
N ASP C 85 -20.77 34.04 38.30
CA ASP C 85 -19.61 33.24 37.92
C ASP C 85 -19.57 32.02 38.83
N PRO C 86 -19.73 30.81 38.24
CA PRO C 86 -19.76 29.62 39.07
C PRO C 86 -18.41 29.32 39.73
N GLN C 87 -17.31 29.65 39.06
CA GLN C 87 -16.00 29.45 39.68
C GLN C 87 -15.83 30.39 40.88
N LEU C 88 -16.33 31.61 40.76
CA LEU C 88 -16.29 32.58 41.86
C LEU C 88 -17.11 32.08 43.04
N ARG C 89 -18.31 31.56 42.81
CA ARG C 89 -19.11 31.01 43.92
C ARG C 89 -18.32 29.91 44.62
N ARG C 90 -17.60 29.11 43.84
CA ARG C 90 -16.85 28.00 44.44
C ARG C 90 -15.67 28.51 45.26
N ILE C 91 -14.99 29.53 44.76
CA ILE C 91 -13.91 30.13 45.50
C ILE C 91 -14.41 30.73 46.80
N ILE C 92 -15.50 31.50 46.75
CA ILE C 92 -16.02 32.15 47.96
C ILE C 92 -16.50 31.08 48.94
N GLY C 93 -17.16 30.05 48.42
CA GLY C 93 -17.59 28.92 49.25
C GLY C 93 -16.45 28.30 50.05
N ALA C 94 -15.30 28.10 49.40
CA ALA C 94 -14.14 27.55 50.09
C ALA C 94 -13.59 28.52 51.15
N VAL C 95 -13.36 29.77 50.74
CA VAL C 95 -12.79 30.79 51.64
C VAL C 95 -13.63 30.94 52.92
N ARG C 96 -14.95 30.83 52.81
CA ARG C 96 -15.81 31.04 53.97
C ARG C 96 -15.91 29.83 54.90
N THR C 97 -15.30 28.71 54.51
CA THR C 97 -15.21 27.52 55.34
C THR C 97 -13.95 27.59 56.22
N LEU C 98 -14.11 27.85 57.51
CA LEU C 98 -12.94 28.08 58.37
C LEU C 98 -12.27 26.82 58.96
N GLY C 99 -13.03 25.76 59.15
CA GLY C 99 -12.50 24.53 59.77
C GLY C 99 -11.93 24.78 61.17
N SER C 100 -10.71 24.29 61.41
CA SER C 100 -10.08 24.41 62.71
C SER C 100 -9.81 25.88 63.07
N ALA C 101 -9.87 26.77 62.08
CA ALA C 101 -9.74 28.19 62.34
C ALA C 101 -10.94 28.75 63.09
N ASN C 102 -12.05 28.01 63.18
CA ASN C 102 -13.16 28.38 64.03
C ASN C 102 -12.84 28.18 65.52
N LEU C 103 -11.82 27.38 65.83
CA LEU C 103 -11.47 27.13 67.20
C LEU C 103 -10.77 28.35 67.78
N PRO C 104 -11.03 28.68 69.04
CA PRO C 104 -10.20 29.70 69.67
C PRO C 104 -8.73 29.26 69.74
N LEU C 105 -7.84 30.24 69.91
CA LEU C 105 -6.42 30.00 69.87
C LEU C 105 -5.98 28.82 70.74
N ALA C 106 -6.45 28.74 72.00
CA ALA C 106 -5.96 27.67 72.89
C ALA C 106 -6.33 26.28 72.35
N LYS C 107 -7.50 26.16 71.76
CA LYS C 107 -7.96 24.91 71.20
C LYS C 107 -7.30 24.61 69.85
N ARG C 108 -6.96 25.65 69.08
CA ARG C 108 -6.18 25.50 67.84
C ARG C 108 -4.85 24.91 68.18
N GLN C 109 -4.25 25.40 69.26
CA GLN C 109 -2.99 24.87 69.69
C GLN C 109 -3.09 23.39 70.12
N GLN C 110 -4.17 23.02 70.82
CA GLN C 110 -4.35 21.60 71.22
C GLN C 110 -4.54 20.71 70.01
N TYR C 111 -5.37 21.18 69.09
CA TYR C 111 -5.66 20.48 67.85
C TYR C 111 -4.38 20.22 67.05
N ASN C 112 -3.56 21.25 66.89
CA ASN C 112 -2.34 21.13 66.10
C ASN C 112 -1.35 20.18 66.76
N ALA C 113 -1.24 20.25 68.09
CA ALA C 113 -0.36 19.33 68.79
C ALA C 113 -0.82 17.90 68.73
N LEU C 114 -2.12 17.68 68.83
CA LEU C 114 -2.67 16.33 68.69
C LEU C 114 -2.29 15.72 67.35
N LEU C 115 -2.46 16.47 66.27
CA LEU C 115 -2.06 15.99 64.94
C LEU C 115 -0.57 15.60 64.92
N SER C 116 0.28 16.43 65.50
CA SER C 116 1.72 16.12 65.55
C SER C 116 2.01 14.84 66.30
N GLN C 117 1.42 14.73 67.48
CA GLN C 117 1.69 13.60 68.37
C GLN C 117 1.15 12.29 67.78
N MET C 118 -0.05 12.31 67.20
CA MET C 118 -0.59 11.12 66.52
C MET C 118 0.29 10.72 65.32
N SER C 119 0.74 11.69 64.55
CA SER C 119 1.68 11.39 63.47
C SER C 119 3.00 10.76 63.98
N ARG C 120 3.58 11.33 65.03
CA ARG C 120 4.81 10.78 65.61
C ARG C 120 4.62 9.35 66.06
N ILE C 121 3.53 9.11 66.80
CA ILE C 121 3.30 7.81 67.39
C ILE C 121 3.20 6.72 66.31
N TYR C 122 2.39 6.98 65.28
CA TYR C 122 2.24 6.02 64.22
C TYR C 122 3.53 5.78 63.45
N SER C 123 4.21 6.85 63.06
CA SER C 123 5.35 6.69 62.15
C SER C 123 6.66 6.29 62.83
N THR C 124 6.70 6.31 64.17
CA THR C 124 7.88 5.86 64.91
C THR C 124 7.63 4.63 65.74
N ALA C 125 6.44 4.06 65.68
CA ALA C 125 6.17 2.81 66.39
C ALA C 125 7.05 1.66 65.88
N LYS C 126 7.47 0.79 66.79
CA LYS C 126 8.36 -0.32 66.45
C LYS C 126 7.93 -1.59 67.15
N VAL C 127 8.35 -2.72 66.58
CA VAL C 127 8.14 -4.02 67.19
C VAL C 127 9.49 -4.61 67.55
N CYS C 128 9.69 -4.87 68.83
CA CYS C 128 10.96 -5.43 69.29
C CYS C 128 10.85 -6.92 69.56
N LEU C 129 11.99 -7.60 69.52
CA LEU C 129 12.06 -9.06 69.71
C LEU C 129 12.26 -9.46 71.17
N THR C 135 16.88 -4.09 69.62
CA THR C 135 16.83 -4.48 68.21
C THR C 135 15.36 -4.70 67.72
N CYS C 136 14.83 -3.74 66.97
CA CYS C 136 13.39 -3.68 66.70
C CYS C 136 13.02 -3.41 65.24
N TRP C 137 11.86 -3.92 64.83
CA TRP C 137 11.38 -3.80 63.47
C TRP C 137 10.49 -2.61 63.29
N SER C 138 10.73 -1.87 62.21
CA SER C 138 9.83 -0.81 61.78
C SER C 138 8.77 -1.37 60.85
N LEU C 139 7.71 -0.60 60.65
CA LEU C 139 6.64 -0.99 59.76
C LEU C 139 7.14 -1.13 58.33
N ASP C 140 7.82 -0.09 57.86
CA ASP C 140 8.38 -0.06 56.51
C ASP C 140 9.90 0.15 56.64
N PRO C 141 10.73 -0.81 56.24
CA PRO C 141 10.37 -1.96 55.42
C PRO C 141 10.09 -3.26 56.16
N ASP C 142 10.45 -3.36 57.44
CA ASP C 142 10.58 -4.68 58.08
C ASP C 142 9.26 -5.45 58.20
N LEU C 143 8.27 -4.86 58.83
CA LEU C 143 7.02 -5.58 59.05
C LEU C 143 6.28 -5.77 57.72
N THR C 144 6.39 -4.77 56.85
CA THR C 144 5.79 -4.86 55.54
C THR C 144 6.34 -6.06 54.76
N ASN C 145 7.66 -6.28 54.78
CA ASN C 145 8.27 -7.41 54.08
C ASN C 145 7.88 -8.75 54.70
N ILE C 146 7.81 -8.81 56.03
CA ILE C 146 7.34 -10.01 56.71
C ILE C 146 5.88 -10.34 56.29
N LEU C 147 4.96 -9.38 56.41
CA LEU C 147 3.57 -9.62 56.01
C LEU C 147 3.44 -10.04 54.54
N ALA C 148 4.30 -9.48 53.67
CA ALA C 148 4.29 -9.81 52.25
C ALA C 148 4.83 -11.19 51.90
N SER C 149 5.90 -11.62 52.57
CA SER C 149 6.69 -12.74 52.09
C SER C 149 6.85 -13.94 53.04
N SER C 150 6.57 -13.77 54.33
CA SER C 150 6.60 -14.90 55.24
C SER C 150 5.39 -15.79 55.03
N ARG C 151 5.64 -17.09 55.06
CA ARG C 151 4.61 -18.11 55.04
C ARG C 151 4.76 -18.94 56.32
N SER C 152 5.19 -18.28 57.39
CA SER C 152 5.25 -18.90 58.71
C SER C 152 4.14 -18.30 59.59
N TYR C 153 3.20 -19.12 59.99
CA TYR C 153 2.05 -18.61 60.73
C TYR C 153 2.51 -17.82 61.96
N ALA C 154 3.53 -18.30 62.65
CA ALA C 154 3.95 -17.72 63.93
C ALA C 154 4.66 -16.38 63.72
N MET C 155 5.48 -16.30 62.68
CA MET C 155 6.18 -15.05 62.37
C MET C 155 5.19 -13.96 61.96
N LEU C 156 4.27 -14.29 61.07
CA LEU C 156 3.23 -13.35 60.68
C LEU C 156 2.44 -12.89 61.90
N LEU C 157 2.16 -13.81 62.80
CA LEU C 157 1.36 -13.45 63.96
C LEU C 157 2.09 -12.47 64.86
N PHE C 158 3.36 -12.73 65.08
CA PHE C 158 4.20 -11.87 65.87
C PHE C 158 4.19 -10.47 65.30
N ALA C 159 4.33 -10.34 63.99
CA ALA C 159 4.37 -9.03 63.34
C ALA C 159 3.02 -8.34 63.42
N TRP C 160 1.94 -9.09 63.17
CA TRP C 160 0.58 -8.53 63.23
C TRP C 160 0.21 -8.05 64.62
N GLU C 161 0.43 -8.90 65.60
CA GLU C 161 0.14 -8.52 66.99
C GLU C 161 1.00 -7.35 67.48
N GLY C 162 2.31 -7.48 67.28
CA GLY C 162 3.27 -6.47 67.67
C GLY C 162 2.96 -5.08 67.11
N TRP C 163 2.62 -5.01 65.82
CA TRP C 163 2.30 -3.74 65.18
C TRP C 163 1.00 -3.16 65.73
N HIS C 164 -0.05 -3.97 65.79
CA HIS C 164 -1.33 -3.43 66.26
C HIS C 164 -1.23 -2.94 67.72
N ASN C 165 -0.53 -3.69 68.57
CA ASN C 165 -0.30 -3.26 69.95
C ASN C 165 0.56 -1.98 70.05
N ALA C 166 1.61 -1.88 69.23
CA ALA C 166 2.58 -0.79 69.37
C ALA C 166 2.02 0.52 68.87
N ALA C 167 1.34 0.50 67.72
CA ALA C 167 0.77 1.70 67.14
C ALA C 167 -0.58 2.06 67.76
N GLY C 168 -1.52 1.12 67.84
CA GLY C 168 -2.89 1.45 68.23
C GLY C 168 -3.07 1.89 69.67
N ILE C 169 -2.46 1.17 70.60
CA ILE C 169 -2.77 1.42 72.03
C ILE C 169 -2.46 2.86 72.45
N PRO C 170 -1.23 3.34 72.22
CA PRO C 170 -0.97 4.73 72.63
C PRO C 170 -1.77 5.80 71.89
N LEU C 171 -2.36 5.48 70.74
CA LEU C 171 -3.11 6.50 70.01
C LEU C 171 -4.49 6.79 70.55
N LYS C 172 -5.08 5.83 71.25
CA LYS C 172 -6.48 5.94 71.59
C LYS C 172 -6.86 7.22 72.34
N PRO C 173 -6.14 7.59 73.42
CA PRO C 173 -6.59 8.80 74.11
C PRO C 173 -6.48 10.07 73.26
N LEU C 174 -5.47 10.16 72.41
CA LEU C 174 -5.32 11.34 71.58
C LEU C 174 -6.45 11.40 70.53
N TYR C 175 -6.79 10.25 69.99
CA TYR C 175 -7.79 10.18 68.93
C TYR C 175 -9.15 10.65 69.44
N GLU C 176 -9.47 10.34 70.69
CA GLU C 176 -10.72 10.81 71.28
C GLU C 176 -10.74 12.31 71.39
N ASP C 177 -9.62 12.87 71.85
CA ASP C 177 -9.49 14.32 71.99
C ASP C 177 -9.55 15.01 70.63
N PHE C 178 -8.86 14.44 69.65
CA PHE C 178 -8.90 14.94 68.28
C PHE C 178 -10.34 15.02 67.74
N THR C 179 -11.08 13.93 67.90
CA THR C 179 -12.42 13.83 67.38
C THR C 179 -13.33 14.94 67.89
N ALA C 180 -13.24 15.21 69.19
CA ALA C 180 -14.11 16.19 69.82
C ALA C 180 -13.80 17.59 69.31
N LEU C 181 -12.50 17.88 69.15
CA LEU C 181 -12.08 19.21 68.67
C LEU C 181 -12.42 19.41 67.21
N SER C 182 -12.20 18.36 66.42
CA SER C 182 -12.52 18.41 65.02
C SER C 182 -14.02 18.69 64.85
N ASN C 183 -14.88 17.97 65.58
CA ASN C 183 -16.32 18.26 65.55
C ASN C 183 -16.67 19.67 65.99
N GLU C 184 -16.04 20.15 67.04
CA GLU C 184 -16.28 21.52 67.52
C GLU C 184 -15.99 22.54 66.41
N ALA C 185 -14.91 22.31 65.68
CA ALA C 185 -14.51 23.20 64.62
C ALA C 185 -15.51 23.23 63.47
N TYR C 186 -15.92 22.07 62.96
CA TYR C 186 -16.77 22.06 61.77
C TYR C 186 -18.24 22.36 62.09
N LYS C 187 -18.62 22.14 63.34
CA LYS C 187 -19.93 22.53 63.80
C LYS C 187 -20.15 24.04 63.53
N GLN C 188 -19.12 24.85 63.71
CA GLN C 188 -19.23 26.29 63.47
C GLN C 188 -19.24 26.67 61.99
N ASP C 189 -18.92 25.74 61.09
CA ASP C 189 -19.16 25.91 59.67
C ASP C 189 -20.58 25.42 59.28
N GLY C 190 -21.34 24.89 60.24
CA GLY C 190 -22.72 24.48 60.01
C GLY C 190 -22.93 22.99 59.70
N PHE C 191 -21.89 22.18 59.90
CA PHE C 191 -21.98 20.74 59.71
C PHE C 191 -22.21 20.04 61.06
N THR C 192 -23.09 19.04 61.11
CA THR C 192 -23.38 18.38 62.39
C THR C 192 -22.17 17.63 62.97
N ASP C 193 -21.25 17.18 62.10
CA ASP C 193 -20.00 16.61 62.56
C ASP C 193 -18.97 16.62 61.44
N THR C 194 -17.76 16.22 61.76
CA THR C 194 -16.66 16.27 60.79
C THR C 194 -16.93 15.39 59.57
N GLY C 195 -17.51 14.21 59.83
CA GLY C 195 -17.86 13.30 58.76
C GLY C 195 -18.83 13.89 57.75
N ALA C 196 -19.82 14.66 58.21
CA ALA C 196 -20.72 15.36 57.29
C ALA C 196 -19.98 16.34 56.42
N TYR C 197 -18.99 16.98 57.00
CA TYR C 197 -18.13 17.86 56.23
C TYR C 197 -17.33 17.04 55.21
N TRP C 198 -16.68 15.96 55.62
CA TRP C 198 -15.92 15.12 54.66
C TRP C 198 -16.82 14.68 53.50
N ARG C 199 -18.02 14.23 53.82
CA ARG C 199 -18.94 13.76 52.80
C ARG C 199 -19.42 14.87 51.89
N SER C 200 -19.48 16.11 52.40
CA SER C 200 -20.01 17.24 51.61
C SER C 200 -19.20 17.48 50.33
N TRP C 201 -17.94 17.04 50.32
CA TRP C 201 -17.08 17.19 49.14
C TRP C 201 -17.58 16.45 47.89
N TYR C 202 -18.52 15.53 48.06
CA TYR C 202 -19.03 14.74 46.92
C TYR C 202 -20.28 15.38 46.34
N ASN C 203 -20.81 16.38 47.04
CA ASN C 203 -21.83 17.24 46.49
C ASN C 203 -23.02 16.44 46.00
N SER C 204 -23.45 15.49 46.84
CA SER C 204 -24.46 14.55 46.46
C SER C 204 -25.33 14.22 47.67
N PRO C 205 -26.63 14.53 47.57
CA PRO C 205 -27.51 14.26 48.69
C PRO C 205 -27.68 12.78 48.98
N THR C 206 -27.36 11.94 48.00
CA THR C 206 -27.61 10.52 48.12
C THR C 206 -26.29 9.69 48.23
N PHE C 207 -25.20 10.35 48.61
CA PHE C 207 -23.87 9.73 48.63
C PHE C 207 -23.87 8.37 49.30
N GLU C 208 -24.33 8.29 50.54
CA GLU C 208 -24.22 7.06 51.29
C GLU C 208 -25.04 5.93 50.70
N ASP C 209 -26.24 6.24 50.19
CA ASP C 209 -27.06 5.24 49.48
C ASP C 209 -26.43 4.80 48.17
N ASP C 210 -25.90 5.74 47.42
CA ASP C 210 -25.18 5.43 46.20
C ASP C 210 -23.97 4.50 46.43
N LEU C 211 -23.27 4.68 47.54
CA LEU C 211 -22.14 3.83 47.87
C LEU C 211 -22.61 2.46 48.20
N GLU C 212 -23.68 2.38 48.97
CA GLU C 212 -24.20 1.12 49.40
C GLU C 212 -24.67 0.29 48.21
N HIS C 213 -25.33 0.94 47.26
CA HIS C 213 -25.81 0.24 46.08
C HIS C 213 -24.66 -0.24 45.17
N LEU C 214 -23.55 0.51 45.12
CA LEU C 214 -22.32 0.03 44.44
C LEU C 214 -21.81 -1.20 45.16
N TYR C 215 -21.66 -1.12 46.48
CA TYR C 215 -21.08 -2.26 47.18
C TYR C 215 -21.95 -3.53 47.03
N GLN C 216 -23.29 -3.36 47.05
CA GLN C 216 -24.19 -4.50 46.82
C GLN C 216 -23.88 -5.22 45.50
N GLN C 217 -23.53 -4.49 44.44
CA GLN C 217 -23.17 -5.12 43.17
C GLN C 217 -21.81 -5.77 43.22
N LEU C 218 -20.91 -5.22 44.03
CA LEU C 218 -19.52 -5.69 44.05
C LEU C 218 -19.35 -6.87 45.02
N GLU C 219 -20.21 -6.94 46.04
CA GLU C 219 -20.03 -7.96 47.10
C GLU C 219 -19.85 -9.42 46.59
N PRO C 220 -20.69 -9.88 45.65
CA PRO C 220 -20.48 -11.26 45.19
C PRO C 220 -19.06 -11.56 44.65
N LEU C 221 -18.43 -10.59 44.01
CA LEU C 221 -17.09 -10.81 43.48
C LEU C 221 -16.17 -11.01 44.69
N TYR C 222 -16.35 -10.17 45.73
CA TYR C 222 -15.52 -10.33 46.93
C TYR C 222 -15.73 -11.68 47.62
N LEU C 223 -16.99 -12.06 47.84
CA LEU C 223 -17.28 -13.35 48.49
C LEU C 223 -16.61 -14.52 47.78
N ASN C 224 -16.67 -14.55 46.46
CA ASN C 224 -16.04 -15.65 45.72
C ASN C 224 -14.52 -15.64 45.79
N LEU C 225 -13.91 -14.45 45.71
CA LEU C 225 -12.47 -14.34 45.84
C LEU C 225 -12.07 -14.80 47.22
N HIS C 226 -12.82 -14.35 48.23
CA HIS C 226 -12.56 -14.69 49.63
C HIS C 226 -12.58 -16.20 49.88
N ALA C 227 -13.66 -16.84 49.48
CA ALA C 227 -13.79 -18.32 49.60
C ALA C 227 -12.69 -19.10 48.91
N PHE C 228 -12.27 -18.65 47.73
CA PHE C 228 -11.21 -19.33 47.00
C PHE C 228 -9.87 -19.18 47.73
N VAL C 229 -9.56 -17.96 48.15
CA VAL C 229 -8.35 -17.73 48.94
C VAL C 229 -8.34 -18.49 50.26
N ARG C 230 -9.48 -18.50 50.96
CA ARG C 230 -9.61 -19.21 52.23
C ARG C 230 -9.32 -20.71 52.06
N ARG C 231 -9.76 -21.29 50.95
CA ARG C 231 -9.50 -22.71 50.65
C ARG C 231 -7.99 -22.97 50.51
N ALA C 232 -7.29 -22.07 49.82
CA ALA C 232 -5.88 -22.22 49.64
C ALA C 232 -5.14 -22.13 50.97
N LEU C 233 -5.55 -21.19 51.82
CA LEU C 233 -4.97 -21.05 53.16
C LEU C 233 -5.22 -22.27 54.03
N HIS C 234 -6.39 -22.84 53.90
CA HIS C 234 -6.73 -24.06 54.63
C HIS C 234 -5.77 -25.20 54.25
N ARG C 235 -5.52 -25.35 52.95
CA ARG C 235 -4.58 -26.39 52.49
C ARG C 235 -3.17 -26.16 53.01
N ARG C 236 -2.80 -24.90 53.19
CA ARG C 236 -1.47 -24.56 53.67
C ARG C 236 -1.31 -24.63 55.18
N TYR C 237 -2.28 -24.09 55.92
CA TYR C 237 -2.10 -23.86 57.34
C TYR C 237 -2.88 -24.84 58.21
N GLY C 238 -3.88 -25.50 57.62
CA GLY C 238 -4.56 -26.58 58.33
C GLY C 238 -5.83 -26.16 59.01
N ASP C 239 -6.63 -27.15 59.38
CA ASP C 239 -7.94 -26.92 59.95
C ASP C 239 -7.94 -26.23 61.30
N ARG C 240 -6.85 -26.37 62.03
CA ARG C 240 -6.69 -25.72 63.31
C ARG C 240 -6.69 -24.17 63.18
N TYR C 241 -6.09 -23.65 62.12
CA TYR C 241 -5.95 -22.20 61.96
C TYR C 241 -6.84 -21.58 60.89
N ILE C 242 -7.48 -22.41 60.08
CA ILE C 242 -8.43 -21.92 59.08
C ILE C 242 -9.73 -22.66 59.23
N ASN C 243 -10.80 -21.88 59.34
CA ASN C 243 -12.16 -22.35 59.34
C ASN C 243 -12.81 -22.08 57.98
N LEU C 244 -13.14 -23.14 57.27
CA LEU C 244 -13.73 -23.01 55.96
C LEU C 244 -15.09 -22.35 55.90
N ARG C 245 -15.74 -22.17 57.06
CA ARG C 245 -16.99 -21.44 57.13
C ARG C 245 -16.89 -20.20 58.05
N GLY C 246 -15.67 -19.76 58.35
CA GLY C 246 -15.44 -18.67 59.28
C GLY C 246 -14.60 -17.57 58.64
N PRO C 247 -14.40 -16.46 59.35
CA PRO C 247 -13.55 -15.41 58.80
C PRO C 247 -12.12 -15.87 58.73
N ILE C 248 -11.37 -15.31 57.79
CA ILE C 248 -9.94 -15.62 57.67
C ILE C 248 -9.15 -14.83 58.72
N PRO C 249 -8.16 -15.48 59.37
CA PRO C 249 -7.31 -14.71 60.29
C PRO C 249 -6.56 -13.57 59.57
N ALA C 250 -6.58 -12.38 60.18
CA ALA C 250 -6.28 -11.13 59.47
C ALA C 250 -4.82 -10.90 59.09
N HIS C 251 -3.94 -11.80 59.53
CA HIS C 251 -2.50 -11.68 59.30
C HIS C 251 -2.00 -12.52 58.11
N LEU C 252 -2.89 -13.24 57.42
CA LEU C 252 -2.47 -14.25 56.46
C LEU C 252 -2.60 -13.84 55.00
N LEU C 253 -2.91 -12.58 54.74
CA LEU C 253 -3.34 -12.15 53.42
C LEU C 253 -2.34 -11.23 52.73
N GLY C 254 -1.12 -11.13 53.28
CA GLY C 254 0.00 -10.52 52.60
C GLY C 254 0.23 -9.04 52.87
N ASP C 255 -0.57 -8.49 53.78
CA ASP C 255 -0.68 -7.07 54.01
C ASP C 255 -1.08 -6.88 55.47
N MET C 256 -0.47 -5.90 56.14
CA MET C 256 -0.70 -5.68 57.59
C MET C 256 -2.19 -5.48 57.89
N TRP C 257 -2.94 -4.89 56.95
CA TRP C 257 -4.39 -4.62 57.13
C TRP C 257 -5.31 -5.55 56.35
N ALA C 258 -4.72 -6.58 55.75
CA ALA C 258 -5.44 -7.48 54.89
C ALA C 258 -6.20 -6.68 53.81
N GLN C 259 -5.67 -5.54 53.40
CA GLN C 259 -6.47 -4.65 52.54
C GLN C 259 -6.33 -4.95 51.06
N SER C 260 -5.22 -5.58 50.69
CA SER C 260 -5.06 -6.10 49.35
C SER C 260 -4.13 -7.31 49.44
N TRP C 261 -4.36 -8.27 48.55
CA TRP C 261 -3.87 -9.61 48.75
C TRP C 261 -2.86 -10.03 47.67
N GLU C 262 -2.39 -9.09 46.88
CA GLU C 262 -1.52 -9.47 45.77
C GLU C 262 -0.22 -10.17 46.24
N ASN C 263 0.20 -9.94 47.48
CA ASN C 263 1.43 -10.57 47.95
C ASN C 263 1.32 -12.04 48.25
N ILE C 264 0.12 -12.59 48.29
CA ILE C 264 -0.03 -14.04 48.40
C ILE C 264 -0.42 -14.67 47.07
N TYR C 265 -0.27 -13.91 45.98
CA TYR C 265 -0.52 -14.50 44.65
C TYR C 265 0.20 -15.86 44.51
N ASP C 266 1.46 -15.94 44.96
CA ASP C 266 2.20 -17.18 44.74
C ASP C 266 1.70 -18.40 45.52
N MET C 267 0.81 -18.17 46.46
CA MET C 267 0.15 -19.24 47.19
C MET C 267 -1.16 -19.66 46.57
N VAL C 268 -1.74 -18.83 45.70
CA VAL C 268 -3.07 -19.12 45.17
C VAL C 268 -3.15 -19.16 43.64
N VAL C 269 -2.02 -18.96 42.95
CA VAL C 269 -1.99 -18.90 41.49
C VAL C 269 -2.77 -20.10 40.90
N PRO C 270 -3.83 -19.83 40.11
CA PRO C 270 -4.65 -20.90 39.54
C PRO C 270 -3.87 -21.86 38.66
N PHE C 271 -2.97 -21.34 37.83
CA PHE C 271 -2.26 -22.18 36.87
C PHE C 271 -0.75 -21.96 36.97
N PRO C 272 -0.10 -22.64 37.92
CA PRO C 272 1.32 -22.46 38.21
C PRO C 272 2.28 -22.68 37.02
N ASP C 273 1.85 -23.35 35.95
CA ASP C 273 2.77 -23.64 34.83
C ASP C 273 2.84 -22.56 33.76
N LYS C 274 2.04 -21.49 33.89
CA LYS C 274 2.10 -20.37 32.95
C LYS C 274 3.13 -19.33 33.41
N PRO C 275 3.30 -18.22 32.66
CA PRO C 275 4.35 -17.27 33.04
C PRO C 275 4.15 -16.69 34.43
N ASN C 276 5.26 -16.42 35.12
CA ASN C 276 5.20 -15.86 36.44
C ASN C 276 4.89 -14.37 36.36
N LEU C 277 3.72 -13.97 36.83
CA LEU C 277 3.26 -12.58 36.67
C LEU C 277 3.78 -11.61 37.72
N ASP C 278 4.49 -12.12 38.72
CA ASP C 278 5.19 -11.25 39.65
C ASP C 278 6.60 -11.03 39.14
N VAL C 279 6.82 -9.82 38.68
CA VAL C 279 8.06 -9.43 38.05
C VAL C 279 9.07 -8.85 39.03
N THR C 280 8.73 -8.82 40.33
CA THR C 280 9.69 -8.38 41.37
C THR C 280 11.08 -9.01 41.23
N SER C 281 11.16 -10.33 41.03
CA SER C 281 12.49 -10.99 40.89
C SER C 281 13.30 -10.43 39.74
N THR C 282 12.61 -10.14 38.65
CA THR C 282 13.26 -9.66 37.45
C THR C 282 13.73 -8.23 37.69
N MET C 283 12.94 -7.46 38.43
CA MET C 283 13.34 -6.07 38.73
C MET C 283 14.66 -6.08 39.49
N LEU C 284 14.74 -6.97 40.47
CA LEU C 284 15.92 -7.10 41.30
C LEU C 284 17.12 -7.64 40.50
N GLN C 285 16.87 -8.65 39.67
CA GLN C 285 17.89 -9.20 38.82
C GLN C 285 18.45 -8.18 37.85
N GLN C 286 17.58 -7.32 37.32
CA GLN C 286 18.01 -6.27 36.41
C GLN C 286 18.61 -5.03 37.06
N GLY C 287 18.58 -4.98 38.39
CA GLY C 287 19.18 -3.86 39.13
C GLY C 287 18.34 -2.59 39.15
N TRP C 288 17.00 -2.73 39.10
CA TRP C 288 16.14 -1.55 39.22
C TRP C 288 16.33 -0.94 40.60
N GLN C 289 16.30 0.39 40.67
CA GLN C 289 16.31 1.17 41.90
C GLN C 289 15.10 2.11 41.91
N ALA C 290 14.85 2.75 43.04
CA ALA C 290 13.71 3.68 43.14
C ALA C 290 13.70 4.68 41.98
N THR C 291 14.83 5.34 41.74
CA THR C 291 14.90 6.32 40.70
C THR C 291 14.45 5.77 39.33
N HIS C 292 14.85 4.54 39.01
CA HIS C 292 14.44 3.95 37.75
C HIS C 292 12.94 3.77 37.70
N MET C 293 12.37 3.35 38.82
CA MET C 293 10.94 3.14 38.90
C MET C 293 10.18 4.42 38.66
N PHE C 294 10.68 5.54 39.19
CA PHE C 294 10.05 6.84 38.95
C PHE C 294 10.23 7.32 37.52
N ARG C 295 11.40 7.07 36.93
CA ARG C 295 11.65 7.45 35.54
C ARG C 295 10.77 6.66 34.56
N VAL C 296 10.64 5.36 34.78
CA VAL C 296 9.74 4.56 33.95
C VAL C 296 8.27 5.00 34.07
N ALA C 297 7.82 5.36 35.27
CA ALA C 297 6.46 5.94 35.42
C ALA C 297 6.32 7.29 34.71
N GLU C 298 7.32 8.14 34.84
CA GLU C 298 7.31 9.44 34.18
C GLU C 298 7.16 9.28 32.68
N GLU C 299 7.90 8.33 32.13
CA GLU C 299 7.89 8.12 30.69
C GLU C 299 6.52 7.67 30.20
N PHE C 300 5.77 6.95 31.03
CA PHE C 300 4.39 6.61 30.62
C PHE C 300 3.54 7.88 30.52
N PHE C 301 3.65 8.77 31.49
CA PHE C 301 3.00 10.09 31.42
C PHE C 301 3.35 10.88 30.17
N THR C 302 4.62 10.97 29.83
CA THR C 302 5.06 11.77 28.69
C THR C 302 4.68 11.07 27.39
N SER C 303 4.54 9.75 27.43
CA SER C 303 4.04 9.01 26.26
C SER C 303 2.64 9.44 25.89
N LEU C 304 1.90 9.93 26.88
CA LEU C 304 0.56 10.40 26.67
C LEU C 304 0.53 11.90 26.37
N GLU C 305 1.71 12.51 26.19
CA GLU C 305 1.86 13.97 26.07
C GLU C 305 1.40 14.72 27.28
N LEU C 306 1.52 14.08 28.44
CA LEU C 306 1.32 14.75 29.72
C LEU C 306 2.69 15.25 30.15
N SER C 307 2.75 15.96 31.26
CA SER C 307 3.98 16.62 31.65
C SER C 307 4.99 15.71 32.32
N PRO C 308 6.28 15.92 32.01
CA PRO C 308 7.32 15.28 32.76
C PRO C 308 7.36 15.85 34.20
N MET C 309 8.13 15.22 35.07
CA MET C 309 8.34 15.76 36.41
C MET C 309 9.39 16.85 36.32
N PRO C 310 9.13 18.02 36.94
CA PRO C 310 10.06 19.12 36.81
C PRO C 310 11.30 18.90 37.66
N PRO C 311 12.37 19.71 37.43
CA PRO C 311 13.62 19.57 38.17
C PRO C 311 13.44 19.69 39.66
N GLU C 312 12.55 20.57 40.07
CA GLU C 312 12.22 20.72 41.49
C GLU C 312 11.72 19.40 42.13
N PHE C 313 11.00 18.59 41.35
CA PHE C 313 10.53 17.27 41.82
C PHE C 313 11.71 16.35 42.11
N TRP C 314 12.65 16.22 41.16
CA TRP C 314 13.77 15.30 41.36
C TRP C 314 14.72 15.80 42.43
N GLU C 315 14.92 17.10 42.50
CA GLU C 315 15.86 17.64 43.49
C GLU C 315 15.28 17.63 44.89
N GLY C 316 13.96 17.82 45.00
CA GLY C 316 13.34 17.95 46.31
C GLY C 316 12.75 16.69 46.93
N SER C 317 12.42 15.69 46.10
CA SER C 317 11.68 14.52 46.58
C SER C 317 12.50 13.61 47.50
N MET C 318 11.78 12.80 48.30
CA MET C 318 12.39 11.77 49.10
C MET C 318 11.90 10.42 48.59
N LEU C 319 12.71 9.78 47.75
CA LEU C 319 12.32 8.58 47.00
C LEU C 319 12.77 7.25 47.59
N GLU C 320 13.61 7.31 48.62
CA GLU C 320 14.04 6.14 49.37
C GLU C 320 14.05 6.47 50.85
N LYS C 321 13.93 5.45 51.68
CA LYS C 321 14.02 5.64 53.12
C LYS C 321 15.44 6.16 53.47
N PRO C 322 15.53 7.22 54.30
CA PRO C 322 16.89 7.73 54.59
C PRO C 322 17.78 6.76 55.35
N ALA C 323 19.02 6.65 54.88
CA ALA C 323 19.99 5.69 55.41
C ALA C 323 20.73 6.23 56.61
N ASP C 324 20.62 7.53 56.89
CA ASP C 324 21.13 8.05 58.16
C ASP C 324 20.25 7.52 59.31
N GLY C 325 19.21 6.76 58.94
CA GLY C 325 18.35 6.08 59.89
C GLY C 325 17.45 7.01 60.69
N ARG C 326 17.40 8.31 60.32
CA ARG C 326 16.57 9.27 61.04
C ARG C 326 15.11 8.86 60.87
N GLU C 327 14.21 9.44 61.66
CA GLU C 327 12.80 9.02 61.68
C GLU C 327 12.03 9.81 60.60
N VAL C 328 11.26 9.11 59.77
CA VAL C 328 10.44 9.73 58.75
C VAL C 328 9.03 9.13 58.73
N VAL C 329 8.11 9.81 58.05
CA VAL C 329 6.81 9.23 57.69
C VAL C 329 7.04 8.46 56.40
N CYS C 330 7.07 7.14 56.48
CA CYS C 330 7.29 6.34 55.28
C CYS C 330 6.07 6.19 54.38
N HIS C 331 4.86 6.35 54.92
CA HIS C 331 3.67 6.17 54.07
C HIS C 331 3.74 7.05 52.82
N ALA C 332 3.60 6.47 51.64
CA ALA C 332 3.69 7.16 50.36
C ALA C 332 2.78 8.37 50.22
N SER C 333 3.30 9.52 49.80
CA SER C 333 2.41 10.69 49.58
C SER C 333 2.98 11.64 48.53
N ALA C 334 2.09 12.44 47.95
CA ALA C 334 2.40 13.40 46.90
C ALA C 334 2.01 14.80 47.37
N TRP C 335 2.89 15.76 47.11
CA TRP C 335 2.86 17.07 47.73
C TRP C 335 2.82 18.22 46.73
N ASP C 336 1.84 19.10 46.93
CA ASP C 336 1.71 20.35 46.18
C ASP C 336 2.08 21.48 47.17
N PHE C 337 3.09 22.27 46.83
CA PHE C 337 3.55 23.36 47.70
C PHE C 337 2.79 24.70 47.42
N TYR C 338 1.86 24.66 46.47
CA TYR C 338 1.02 25.80 46.12
C TYR C 338 1.78 27.04 45.60
N ASN C 339 3.02 26.87 45.18
CA ASN C 339 3.77 27.94 44.55
C ASN C 339 3.97 27.70 43.06
N ARG C 340 3.29 26.67 42.52
CA ARG C 340 3.34 26.34 41.09
C ARG C 340 4.70 25.91 40.61
N LYS C 341 5.60 25.61 41.54
CA LYS C 341 6.99 25.28 41.21
C LYS C 341 7.43 23.98 41.86
N ASP C 342 7.14 23.85 43.15
CA ASP C 342 7.56 22.73 43.94
C ASP C 342 6.46 21.70 44.09
N PHE C 343 6.80 20.47 43.74
CA PHE C 343 5.90 19.33 43.73
C PHE C 343 6.83 18.16 44.05
N ARG C 344 6.42 17.27 44.95
CA ARG C 344 7.34 16.27 45.46
C ARG C 344 6.61 15.01 45.86
N ILE C 345 7.31 13.88 45.74
CA ILE C 345 6.84 12.64 46.36
C ILE C 345 7.73 12.27 47.54
N LYS C 346 7.11 11.71 48.57
CA LYS C 346 7.78 11.20 49.76
C LYS C 346 7.40 9.74 49.95
N GLN C 347 8.27 8.85 49.52
CA GLN C 347 7.99 7.42 49.52
C GLN C 347 9.24 6.68 49.93
N CYS C 348 9.11 5.79 50.92
CA CYS C 348 10.18 4.84 51.26
C CYS C 348 10.25 3.67 50.26
N THR C 349 10.66 4.00 49.05
CA THR C 349 10.44 3.10 47.92
C THR C 349 11.20 1.77 48.06
N ARG C 350 10.50 0.67 47.83
CA ARG C 350 11.15 -0.65 47.76
C ARG C 350 11.02 -1.20 46.35
N VAL C 351 11.97 -2.06 45.96
CA VAL C 351 12.01 -2.58 44.60
C VAL C 351 11.12 -3.81 44.48
N THR C 352 9.84 -3.56 44.23
CA THR C 352 8.84 -4.60 44.05
C THR C 352 7.83 -4.17 43.01
N MET C 353 7.07 -5.13 42.52
CA MET C 353 5.99 -4.85 41.57
C MET C 353 4.88 -3.99 42.18
N ASP C 354 4.43 -4.33 43.37
CA ASP C 354 3.36 -3.51 43.97
C ASP C 354 3.85 -2.07 44.25
N GLN C 355 5.14 -1.91 44.55
CA GLN C 355 5.68 -0.56 44.70
C GLN C 355 5.78 0.22 43.40
N LEU C 356 5.99 -0.47 42.28
CA LEU C 356 5.98 0.20 40.99
C LEU C 356 4.58 0.77 40.76
N SER C 357 3.56 0.07 41.22
CA SER C 357 2.19 0.58 41.09
C SER C 357 1.96 1.78 41.98
N THR C 358 2.49 1.74 43.20
CA THR C 358 2.38 2.84 44.11
C THR C 358 3.09 4.09 43.54
N VAL C 359 4.26 3.88 42.96
CA VAL C 359 4.97 4.98 42.28
C VAL C 359 4.03 5.65 41.26
N HIS C 360 3.30 4.85 40.48
CA HIS C 360 2.37 5.40 39.50
C HIS C 360 1.21 6.15 40.19
N HIS C 361 0.70 5.58 41.29
CA HIS C 361 -0.36 6.19 42.06
C HIS C 361 0.03 7.58 42.54
N GLU C 362 1.18 7.65 43.19
CA GLU C 362 1.73 8.94 43.63
C GLU C 362 2.02 9.95 42.48
N MET C 363 2.60 9.48 41.39
CA MET C 363 2.89 10.36 40.26
C MET C 363 1.59 10.83 39.57
N GLY C 364 0.51 10.08 39.73
CA GLY C 364 -0.78 10.55 39.28
C GLY C 364 -1.24 11.81 40.00
N HIS C 365 -0.98 11.86 41.31
CA HIS C 365 -1.27 13.04 42.11
C HIS C 365 -0.47 14.26 41.59
N ILE C 366 0.81 14.03 41.31
CA ILE C 366 1.72 15.09 40.86
C ILE C 366 1.26 15.62 39.52
N GLN C 367 0.90 14.72 38.61
CA GLN C 367 0.40 15.14 37.32
C GLN C 367 -0.82 16.02 37.44
N TYR C 368 -1.76 15.66 38.33
CA TYR C 368 -2.92 16.51 38.60
C TYR C 368 -2.46 17.94 39.00
N TYR C 369 -1.48 18.01 39.90
CA TYR C 369 -1.01 19.28 40.41
C TYR C 369 -0.39 20.10 39.30
N LEU C 370 0.41 19.43 38.46
CA LEU C 370 1.07 20.09 37.32
C LEU C 370 0.06 20.67 36.35
N GLN C 371 -1.04 19.96 36.11
CA GLN C 371 -2.06 20.38 35.14
C GLN C 371 -2.98 21.48 35.64
N TYR C 372 -3.22 21.55 36.95
CA TYR C 372 -4.12 22.58 37.46
C TYR C 372 -3.42 23.74 38.21
N LYS C 373 -2.08 23.79 38.16
CA LYS C 373 -1.29 24.73 38.95
C LYS C 373 -1.65 26.21 38.68
N ASP C 374 -2.25 26.53 37.52
CA ASP C 374 -2.61 27.93 37.20
C ASP C 374 -4.06 28.31 37.46
N LEU C 375 -4.84 27.38 38.01
CA LEU C 375 -6.16 27.72 38.49
C LEU C 375 -6.02 28.50 39.78
N PRO C 376 -7.10 29.26 40.14
CA PRO C 376 -7.11 29.83 41.48
C PRO C 376 -6.83 28.77 42.56
N VAL C 377 -6.08 29.17 43.57
CA VAL C 377 -5.64 28.28 44.61
C VAL C 377 -6.77 27.39 45.18
N SER C 378 -7.97 27.96 45.37
CA SER C 378 -9.09 27.23 45.94
C SER C 378 -9.60 26.11 45.03
N LEU C 379 -9.31 26.21 43.75
CA LEU C 379 -9.75 25.21 42.79
C LEU C 379 -8.67 24.15 42.47
N ARG C 380 -7.55 24.17 43.17
CA ARG C 380 -6.46 23.23 42.93
C ARG C 380 -6.69 21.98 43.77
N ARG C 381 -7.66 21.20 43.32
CA ARG C 381 -8.09 19.96 43.96
C ARG C 381 -8.65 19.11 42.86
N GLY C 382 -8.94 17.85 43.18
CA GLY C 382 -9.53 16.94 42.21
C GLY C 382 -11.00 17.29 42.08
N ALA C 383 -11.63 16.88 40.99
CA ALA C 383 -13.08 17.13 40.82
C ALA C 383 -13.85 16.62 42.03
N ASN C 384 -13.46 15.45 42.51
CA ASN C 384 -13.67 15.09 43.91
C ASN C 384 -12.42 14.33 44.35
N PRO C 385 -12.28 14.05 45.65
CA PRO C 385 -11.04 13.40 46.06
C PRO C 385 -10.80 12.01 45.46
N GLY C 386 -11.86 11.32 45.07
CA GLY C 386 -11.71 9.97 44.43
C GLY C 386 -11.03 10.05 43.07
N PHE C 387 -11.26 11.17 42.37
CA PHE C 387 -10.61 11.44 41.08
C PHE C 387 -9.08 11.48 41.28
N HIS C 388 -8.65 12.17 42.31
CA HIS C 388 -7.21 12.36 42.56
C HIS C 388 -6.56 11.01 42.77
N GLU C 389 -7.21 10.16 43.55
CA GLU C 389 -6.71 8.82 43.85
C GLU C 389 -6.77 7.89 42.66
N ALA C 390 -7.63 8.16 41.69
CA ALA C 390 -7.79 7.30 40.52
C ALA C 390 -6.70 7.44 39.42
N ILE C 391 -6.13 8.64 39.30
CA ILE C 391 -5.37 9.02 38.08
C ILE C 391 -4.24 8.02 37.84
N GLY C 392 -3.35 7.88 38.82
CA GLY C 392 -2.19 7.06 38.64
C GLY C 392 -2.51 5.60 38.52
N ASP C 393 -3.56 5.18 39.21
CA ASP C 393 -4.01 3.80 39.17
C ASP C 393 -4.46 3.45 37.77
N VAL C 394 -5.10 4.38 37.07
CA VAL C 394 -5.54 4.09 35.70
C VAL C 394 -4.33 3.74 34.85
N LEU C 395 -3.28 4.55 34.88
CA LEU C 395 -2.08 4.22 34.12
C LEU C 395 -1.51 2.88 34.56
N ALA C 396 -1.58 2.58 35.86
CA ALA C 396 -0.99 1.35 36.38
C ALA C 396 -1.69 0.12 35.87
N LEU C 397 -3.00 0.22 35.62
CA LEU C 397 -3.75 -0.85 34.99
C LEU C 397 -3.16 -1.23 33.62
N SER C 398 -2.74 -0.22 32.83
CA SER C 398 -2.09 -0.49 31.57
C SER C 398 -0.71 -1.13 31.79
N VAL C 399 0.02 -0.60 32.77
CA VAL C 399 1.37 -1.03 33.00
C VAL C 399 1.43 -2.51 33.40
N SER C 400 0.49 -2.93 34.22
CA SER C 400 0.48 -4.27 34.79
C SER C 400 0.14 -5.35 33.77
N THR C 401 -0.40 -4.97 32.61
CA THR C 401 -0.69 -5.98 31.60
C THR C 401 0.59 -6.75 31.22
N PRO C 402 0.48 -8.07 31.06
CA PRO C 402 1.64 -8.81 30.60
C PRO C 402 2.24 -8.26 29.30
N GLU C 403 1.40 -7.78 28.40
CA GLU C 403 1.89 -7.15 27.17
C GLU C 403 2.71 -5.90 27.48
N HIS C 404 2.26 -5.08 28.41
CA HIS C 404 3.05 -3.89 28.76
C HIS C 404 4.34 -4.27 29.46
N LEU C 405 4.27 -5.24 30.38
CA LEU C 405 5.46 -5.67 31.11
C LEU C 405 6.49 -6.25 30.14
N HIS C 406 6.03 -6.93 29.11
CA HIS C 406 6.93 -7.40 28.06
C HIS C 406 7.61 -6.23 27.38
N LYS C 407 6.84 -5.20 26.98
CA LYS C 407 7.43 -4.01 26.31
C LYS C 407 8.53 -3.35 27.10
N ILE C 408 8.43 -3.36 28.43
CA ILE C 408 9.44 -2.71 29.29
C ILE C 408 10.43 -3.71 29.92
N GLY C 409 10.46 -4.93 29.41
CA GLY C 409 11.54 -5.88 29.69
C GLY C 409 11.41 -6.67 30.98
N LEU C 410 10.20 -6.68 31.54
CA LEU C 410 9.98 -7.32 32.83
C LEU C 410 9.31 -8.67 32.73
N LEU C 411 8.99 -9.10 31.51
CA LEU C 411 8.33 -10.40 31.31
C LEU C 411 8.57 -10.91 29.90
N ASP C 412 9.22 -12.06 29.74
CA ASP C 412 9.20 -12.79 28.45
C ASP C 412 7.79 -12.95 27.94
N ARG C 413 7.58 -12.74 26.64
CA ARG C 413 6.21 -12.68 26.10
C ARG C 413 5.41 -13.88 26.59
N VAL C 414 4.13 -13.66 26.80
CA VAL C 414 3.24 -14.65 27.38
C VAL C 414 2.37 -15.09 26.24
N THR C 415 1.79 -16.27 26.33
CA THR C 415 0.81 -16.67 25.32
C THR C 415 -0.49 -16.00 25.75
N ASN C 416 -1.40 -15.88 24.81
CA ASN C 416 -2.71 -15.33 25.03
C ASN C 416 -3.72 -16.47 25.11
N ASP C 417 -3.61 -17.27 26.16
CA ASP C 417 -4.46 -18.44 26.34
C ASP C 417 -5.30 -18.18 27.55
N THR C 418 -6.31 -19.03 27.75
CA THR C 418 -7.31 -18.76 28.78
C THR C 418 -6.75 -18.91 30.21
N GLU C 419 -5.76 -19.77 30.38
CA GLU C 419 -5.18 -19.99 31.70
C GLU C 419 -4.39 -18.76 32.10
N SER C 420 -3.61 -18.22 31.18
CA SER C 420 -2.81 -17.05 31.47
C SER C 420 -3.70 -15.90 31.84
N ASP C 421 -4.82 -15.79 31.13
CA ASP C 421 -5.78 -14.73 31.38
C ASP C 421 -6.36 -14.82 32.80
N ILE C 422 -6.71 -16.03 33.23
CA ILE C 422 -7.26 -16.26 34.56
C ILE C 422 -6.22 -15.90 35.61
N ASN C 423 -4.97 -16.28 35.38
CA ASN C 423 -3.88 -15.96 36.31
C ASN C 423 -3.79 -14.45 36.49
N TYR C 424 -3.78 -13.74 35.36
CA TYR C 424 -3.63 -12.28 35.41
C TYR C 424 -4.81 -11.61 36.13
N LEU C 425 -6.02 -11.96 35.69
CA LEU C 425 -7.22 -11.37 36.30
C LEU C 425 -7.33 -11.71 37.79
N LEU C 426 -6.89 -12.91 38.16
CA LEU C 426 -6.88 -13.27 39.57
C LEU C 426 -5.88 -12.43 40.37
N LYS C 427 -4.68 -12.25 39.82
CA LYS C 427 -3.69 -11.39 40.47
C LYS C 427 -4.23 -9.97 40.61
N MET C 428 -4.94 -9.48 39.59
CA MET C 428 -5.53 -8.15 39.64
C MET C 428 -6.69 -8.06 40.63
N ALA C 429 -7.42 -9.16 40.80
CA ALA C 429 -8.54 -9.21 41.76
C ALA C 429 -8.01 -9.19 43.20
N LEU C 430 -6.95 -9.91 43.44
CA LEU C 430 -6.29 -9.84 44.75
C LEU C 430 -5.95 -8.39 45.13
N GLU C 431 -5.53 -7.59 44.14
CA GLU C 431 -5.18 -6.19 44.38
C GLU C 431 -6.42 -5.24 44.47
N LYS C 432 -7.42 -5.46 43.62
CA LYS C 432 -8.50 -4.50 43.46
C LYS C 432 -9.79 -4.94 44.12
N ILE C 433 -10.17 -6.22 43.99
CA ILE C 433 -11.43 -6.67 44.54
C ILE C 433 -11.35 -6.85 46.06
N ALA C 434 -10.23 -7.38 46.54
CA ALA C 434 -10.04 -7.60 47.95
C ALA C 434 -10.03 -6.32 48.74
N PHE C 435 -9.58 -5.24 48.11
CA PHE C 435 -9.59 -3.92 48.71
C PHE C 435 -10.97 -3.34 48.92
N LEU C 436 -11.90 -3.61 47.99
CA LEU C 436 -13.20 -2.96 48.02
C LEU C 436 -13.86 -2.90 49.41
N PRO C 437 -13.97 -4.02 50.09
CA PRO C 437 -14.61 -3.93 51.43
C PRO C 437 -13.86 -3.03 52.40
N PHE C 438 -12.55 -3.07 52.36
CA PHE C 438 -11.75 -2.24 53.26
C PHE C 438 -11.90 -0.76 52.90
N GLY C 439 -11.79 -0.43 51.63
CA GLY C 439 -12.04 0.94 51.17
C GLY C 439 -13.39 1.50 51.62
N TYR C 440 -14.41 0.64 51.68
CA TYR C 440 -15.76 1.05 52.08
C TYR C 440 -15.93 1.18 53.60
N LEU C 441 -15.29 0.32 54.39
CA LEU C 441 -15.60 0.23 55.83
C LEU C 441 -14.87 1.29 56.68
N VAL C 442 -13.71 1.75 56.23
CA VAL C 442 -12.87 2.59 57.10
C VAL C 442 -13.63 3.85 57.51
N ASP C 443 -14.24 4.51 56.53
CA ASP C 443 -14.91 5.74 56.85
C ASP C 443 -16.30 5.47 57.39
N GLN C 444 -16.88 4.29 57.16
CA GLN C 444 -18.05 3.90 57.97
C GLN C 444 -17.72 3.90 59.48
N TRP C 445 -16.58 3.33 59.85
CA TRP C 445 -16.13 3.42 61.24
C TRP C 445 -15.95 4.88 61.68
N ARG C 446 -15.21 5.68 60.89
CA ARG C 446 -14.96 7.09 61.29
C ARG C 446 -16.20 7.97 61.33
N TRP C 447 -17.10 7.83 60.36
CA TRP C 447 -18.35 8.58 60.39
C TRP C 447 -19.13 8.28 61.67
N GLY C 448 -19.13 7.02 62.09
CA GLY C 448 -19.79 6.62 63.32
C GLY C 448 -19.09 7.15 64.56
N VAL C 449 -17.77 7.24 64.52
CA VAL C 449 -17.02 7.86 65.62
C VAL C 449 -17.32 9.36 65.67
N PHE C 450 -17.22 10.04 64.52
CA PHE C 450 -17.55 11.48 64.48
C PHE C 450 -18.98 11.78 64.88
N SER C 451 -19.93 10.94 64.50
CA SER C 451 -21.33 11.22 64.79
C SER C 451 -21.67 10.90 66.24
N GLY C 452 -20.80 10.18 66.95
CA GLY C 452 -21.08 9.80 68.33
C GLY C 452 -21.74 8.44 68.48
N ARG C 453 -22.08 7.77 67.36
CA ARG C 453 -22.67 6.43 67.44
C ARG C 453 -21.68 5.40 67.93
N THR C 454 -20.39 5.65 67.66
CA THR C 454 -19.31 4.84 68.21
C THR C 454 -18.50 5.69 69.20
N PRO C 455 -18.81 5.58 70.49
CA PRO C 455 -17.97 6.18 71.52
C PRO C 455 -16.67 5.40 71.76
N PRO C 456 -15.72 5.99 72.52
CA PRO C 456 -14.44 5.37 72.82
C PRO C 456 -14.58 3.98 73.39
N SER C 457 -15.62 3.81 74.20
CA SER C 457 -15.93 2.51 74.80
C SER C 457 -16.24 1.43 73.78
N ARG C 458 -16.53 1.81 72.54
CA ARG C 458 -16.73 0.81 71.48
C ARG C 458 -15.84 0.96 70.23
N TYR C 459 -14.73 1.70 70.33
CA TYR C 459 -13.84 1.88 69.18
C TYR C 459 -13.46 0.54 68.56
N ASN C 460 -12.98 -0.38 69.37
CA ASN C 460 -12.48 -1.64 68.83
C ASN C 460 -13.58 -2.65 68.51
N PHE C 461 -14.60 -2.69 69.37
CA PHE C 461 -15.83 -3.48 69.14
C PHE C 461 -16.44 -3.17 67.78
N ASP C 462 -16.69 -1.88 67.51
CA ASP C 462 -17.26 -1.49 66.23
C ASP C 462 -16.30 -1.63 65.03
N TRP C 463 -15.02 -1.41 65.26
CA TRP C 463 -14.01 -1.63 64.23
C TRP C 463 -14.03 -3.08 63.78
N TRP C 464 -14.01 -4.01 64.73
CA TRP C 464 -14.00 -5.44 64.36
C TRP C 464 -15.33 -5.94 63.84
N TYR C 465 -16.43 -5.32 64.28
CA TYR C 465 -17.74 -5.62 63.73
C TYR C 465 -17.66 -5.39 62.23
N LEU C 466 -17.16 -4.21 61.85
CA LEU C 466 -17.11 -3.79 60.46
C LEU C 466 -16.13 -4.62 59.67
N ARG C 467 -14.97 -4.91 60.26
CA ARG C 467 -13.95 -5.69 59.58
C ARG C 467 -14.47 -7.09 59.25
N THR C 468 -15.26 -7.63 60.16
CA THR C 468 -15.84 -8.93 59.95
C THR C 468 -16.99 -8.83 58.95
N LYS C 469 -17.87 -7.85 59.15
CA LYS C 469 -19.03 -7.64 58.31
C LYS C 469 -18.64 -7.55 56.84
N TYR C 470 -17.61 -6.76 56.53
CA TYR C 470 -17.23 -6.48 55.15
C TYR C 470 -16.12 -7.37 54.61
N GLN C 471 -15.03 -7.48 55.37
CA GLN C 471 -13.86 -8.22 54.91
C GLN C 471 -13.91 -9.71 55.21
N GLY C 472 -14.71 -10.13 56.18
CA GLY C 472 -14.74 -11.55 56.53
C GLY C 472 -13.42 -12.01 57.10
N ILE C 473 -12.85 -11.17 57.97
CA ILE C 473 -11.62 -11.47 58.67
C ILE C 473 -11.84 -11.35 60.18
N CYS C 474 -10.91 -11.92 60.94
CA CYS C 474 -10.98 -11.90 62.41
C CYS C 474 -9.58 -11.72 62.95
N PRO C 475 -9.44 -11.08 64.12
CA PRO C 475 -8.11 -10.87 64.69
C PRO C 475 -7.54 -12.21 65.10
N PRO C 476 -6.23 -12.46 64.84
CA PRO C 476 -5.64 -13.77 65.14
C PRO C 476 -5.15 -13.97 66.57
N VAL C 477 -5.20 -12.91 67.37
CA VAL C 477 -5.12 -13.02 68.82
C VAL C 477 -6.31 -12.23 69.35
N THR C 478 -6.67 -12.51 70.59
CA THR C 478 -7.80 -11.85 71.25
C THR C 478 -7.56 -10.34 71.39
N ARG C 479 -8.61 -9.55 71.20
CA ARG C 479 -8.55 -8.10 71.38
C ARG C 479 -9.62 -7.67 72.36
N ASN C 480 -9.42 -6.55 73.03
CA ASN C 480 -10.43 -5.97 73.90
C ASN C 480 -10.36 -4.46 73.73
N GLU C 481 -11.07 -3.68 74.54
CA GLU C 481 -11.13 -2.23 74.30
C GLU C 481 -9.91 -1.43 74.73
N THR C 482 -8.90 -2.07 75.29
CA THR C 482 -7.58 -1.45 75.46
C THR C 482 -6.91 -1.29 74.10
N HIS C 483 -7.19 -2.23 73.21
CA HIS C 483 -6.66 -2.15 71.84
C HIS C 483 -7.41 -1.10 71.02
N PHE C 484 -6.69 -0.45 70.12
CA PHE C 484 -7.28 0.55 69.26
C PHE C 484 -6.79 0.25 67.84
N ASP C 485 -7.29 -0.83 67.29
CA ASP C 485 -6.74 -1.40 66.06
C ASP C 485 -6.96 -0.51 64.82
N ALA C 486 -8.01 0.28 64.84
CA ALA C 486 -8.19 1.34 63.83
C ALA C 486 -7.02 2.34 63.80
N GLY C 487 -6.40 2.61 64.95
CA GLY C 487 -5.27 3.55 65.01
C GLY C 487 -4.00 2.99 64.39
N ALA C 488 -3.92 1.67 64.20
CA ALA C 488 -2.79 1.05 63.54
C ALA C 488 -2.81 1.11 62.01
N LYS C 489 -3.75 1.88 61.45
CA LYS C 489 -3.83 2.13 60.02
C LYS C 489 -3.53 3.61 59.77
N PHE C 490 -2.54 3.89 58.94
CA PHE C 490 -2.01 5.25 58.74
C PHE C 490 -3.03 6.37 58.72
N HIS C 491 -4.01 6.22 57.84
CA HIS C 491 -5.01 7.23 57.60
C HIS C 491 -5.79 7.71 58.81
N VAL C 492 -5.89 6.88 59.84
CA VAL C 492 -6.66 7.25 61.05
C VAL C 492 -5.88 8.30 61.88
N PRO C 493 -4.73 7.95 62.45
CA PRO C 493 -3.95 8.98 63.15
C PRO C 493 -3.50 10.16 62.26
N ASN C 494 -3.33 9.95 60.97
CA ASN C 494 -2.94 11.04 60.07
C ASN C 494 -4.12 11.76 59.41
N VAL C 495 -5.33 11.51 59.90
CA VAL C 495 -6.52 12.24 59.55
C VAL C 495 -6.66 12.45 58.03
N THR C 496 -6.54 11.35 57.29
CA THR C 496 -6.75 11.40 55.86
C THR C 496 -7.97 10.57 55.60
N PRO C 497 -9.02 11.18 55.01
CA PRO C 497 -10.24 10.47 54.69
C PRO C 497 -9.98 9.28 53.76
N TYR C 498 -10.89 8.31 53.79
CA TYR C 498 -10.68 7.02 53.14
C TYR C 498 -11.69 6.67 52.05
N ILE C 499 -12.91 7.20 52.10
CA ILE C 499 -13.93 6.83 51.14
C ILE C 499 -13.47 7.10 49.69
N ARG C 500 -12.65 8.15 49.52
CA ARG C 500 -11.91 8.41 48.27
C ARG C 500 -11.35 7.17 47.57
N TYR C 501 -10.79 6.24 48.34
CA TYR C 501 -10.16 5.05 47.78
C TYR C 501 -11.17 4.06 47.25
N PHE C 502 -12.26 3.85 47.96
CA PHE C 502 -13.39 3.10 47.41
C PHE C 502 -13.94 3.74 46.14
N VAL C 503 -14.17 5.05 46.17
CA VAL C 503 -14.64 5.74 44.99
C VAL C 503 -13.66 5.54 43.86
N SER C 504 -12.37 5.69 44.16
CA SER C 504 -11.31 5.51 43.19
C SER C 504 -11.26 4.13 42.53
N PHE C 505 -11.47 3.09 43.33
CA PHE C 505 -11.36 1.72 42.84
C PHE C 505 -12.48 1.40 41.85
N VAL C 506 -13.63 2.07 41.98
CA VAL C 506 -14.71 1.94 40.99
C VAL C 506 -14.42 2.86 39.80
N LEU C 507 -14.11 4.10 40.10
CA LEU C 507 -13.91 5.13 39.10
C LEU C 507 -12.78 4.81 38.12
N GLN C 508 -11.68 4.23 38.59
CA GLN C 508 -10.54 3.98 37.68
C GLN C 508 -10.85 3.04 36.53
N PHE C 509 -11.77 2.08 36.72
CA PHE C 509 -12.22 1.22 35.64
C PHE C 509 -13.13 1.98 34.68
N GLN C 510 -13.91 2.94 35.16
CA GLN C 510 -14.68 3.81 34.24
C GLN C 510 -13.73 4.62 33.38
N PHE C 511 -12.72 5.20 34.03
CA PHE C 511 -11.69 5.92 33.33
C PHE C 511 -10.99 5.05 32.32
N HIS C 512 -10.58 3.87 32.75
CA HIS C 512 -9.83 2.94 31.92
C HIS C 512 -10.60 2.62 30.64
N GLU C 513 -11.83 2.18 30.81
CA GLU C 513 -12.70 1.93 29.70
C GLU C 513 -12.77 3.12 28.74
N ALA C 514 -13.00 4.32 29.26
CA ALA C 514 -13.14 5.52 28.46
C ALA C 514 -11.88 5.85 27.66
N LEU C 515 -10.71 5.76 28.28
CA LEU C 515 -9.43 6.04 27.62
C LEU C 515 -9.03 4.98 26.58
N CYS C 516 -9.32 3.73 26.89
CA CYS C 516 -9.10 2.63 25.97
C CYS C 516 -9.93 2.81 24.70
N LYS C 517 -11.20 3.14 24.87
CA LYS C 517 -12.09 3.46 23.75
C LYS C 517 -11.54 4.65 22.96
N GLU C 518 -11.10 5.71 23.66
CA GLU C 518 -10.54 6.87 23.00
C GLU C 518 -9.21 6.55 22.29
N ALA C 519 -8.45 5.58 22.82
CA ALA C 519 -7.20 5.17 22.19
C ALA C 519 -7.44 4.29 20.95
N GLY C 520 -8.70 3.92 20.71
CA GLY C 520 -9.04 3.12 19.54
C GLY C 520 -8.83 1.63 19.77
N TYR C 521 -8.64 1.24 21.03
CA TYR C 521 -8.41 -0.14 21.40
C TYR C 521 -9.72 -0.90 21.30
N GLU C 522 -9.69 -2.13 20.78
CA GLU C 522 -10.95 -2.88 20.57
C GLU C 522 -11.02 -4.29 21.18
N GLY C 523 -9.93 -4.74 21.80
CA GLY C 523 -9.89 -6.03 22.45
C GLY C 523 -10.52 -6.03 23.81
N PRO C 524 -10.33 -7.12 24.57
CA PRO C 524 -10.87 -7.20 25.91
C PRO C 524 -10.30 -6.08 26.80
N LEU C 525 -11.16 -5.60 27.69
CA LEU C 525 -10.84 -4.40 28.45
C LEU C 525 -9.56 -4.60 29.29
N HIS C 526 -9.38 -5.79 29.84
CA HIS C 526 -8.25 -6.09 30.69
C HIS C 526 -6.92 -6.30 29.96
N GLN C 527 -6.93 -6.29 28.63
CA GLN C 527 -5.70 -6.32 27.85
C GLN C 527 -5.42 -5.00 27.16
N CYS C 528 -6.21 -3.98 27.47
CA CYS C 528 -5.92 -2.63 26.98
C CYS C 528 -4.63 -2.07 27.59
N ASP C 529 -3.82 -1.44 26.74
CA ASP C 529 -2.69 -0.64 27.16
C ASP C 529 -2.77 0.70 26.45
N ILE C 530 -2.88 1.80 27.21
CA ILE C 530 -3.03 3.12 26.59
C ILE C 530 -1.70 3.80 26.28
N TYR C 531 -0.60 3.11 26.54
CA TYR C 531 0.75 3.63 26.29
C TYR C 531 0.86 4.27 24.92
N ARG C 532 1.45 5.45 24.88
CA ARG C 532 1.66 6.20 23.65
C ARG C 532 0.40 6.69 22.92
N SER C 533 -0.77 6.61 23.55
CA SER C 533 -1.98 7.15 22.97
C SER C 533 -2.13 8.60 23.31
N THR C 534 -1.82 9.47 22.35
CA THR C 534 -1.95 10.88 22.59
C THR C 534 -3.42 11.31 22.71
N LYS C 535 -4.32 10.56 22.06
CA LYS C 535 -5.74 10.90 22.15
C LYS C 535 -6.27 10.64 23.55
N ALA C 536 -5.90 9.48 24.10
CA ALA C 536 -6.22 9.15 25.49
C ALA C 536 -5.61 10.18 26.40
N GLY C 537 -4.38 10.58 26.10
CA GLY C 537 -3.71 11.57 26.93
C GLY C 537 -4.48 12.87 26.93
N ALA C 538 -4.92 13.31 25.77
CA ALA C 538 -5.70 14.57 25.67
C ALA C 538 -6.99 14.49 26.47
N LYS C 539 -7.64 13.33 26.42
CA LYS C 539 -8.87 13.13 27.18
C LYS C 539 -8.62 13.17 28.70
N LEU C 540 -7.54 12.53 29.15
CA LEU C 540 -7.21 12.61 30.57
C LEU C 540 -6.85 14.04 30.99
N ARG C 541 -6.09 14.72 30.14
CA ARG C 541 -5.64 16.07 30.43
CA ARG C 541 -5.64 16.06 30.44
C ARG C 541 -6.82 16.99 30.67
N LYS C 542 -7.88 16.83 29.89
CA LYS C 542 -9.04 17.69 30.06
C LYS C 542 -9.59 17.57 31.51
N VAL C 543 -9.58 16.37 32.07
CA VAL C 543 -10.01 16.18 33.46
C VAL C 543 -9.06 16.88 34.40
N LEU C 544 -7.77 16.65 34.21
CA LEU C 544 -6.76 17.14 35.17
C LEU C 544 -6.76 18.66 35.24
N ARG C 545 -6.87 19.30 34.07
CA ARG C 545 -6.85 20.77 33.97
C ARG C 545 -8.05 21.45 34.61
N ALA C 546 -9.18 20.75 34.75
CA ALA C 546 -10.36 21.32 35.36
C ALA C 546 -10.27 21.51 36.90
N GLY C 547 -9.36 20.81 37.57
CA GLY C 547 -9.33 20.89 39.03
C GLY C 547 -10.74 20.72 39.62
N SER C 548 -11.11 21.60 40.55
CA SER C 548 -12.44 21.57 41.13
C SER C 548 -13.28 22.75 40.63
N SER C 549 -12.96 23.25 39.44
CA SER C 549 -13.66 24.39 38.86
C SER C 549 -15.08 24.05 38.44
N ARG C 550 -15.36 22.77 38.18
CA ARG C 550 -16.68 22.35 37.74
C ARG C 550 -17.19 21.14 38.52
N PRO C 551 -18.52 20.98 38.62
CA PRO C 551 -19.11 19.83 39.34
C PRO C 551 -18.54 18.52 38.77
N TRP C 552 -18.07 17.63 39.65
CA TRP C 552 -17.48 16.38 39.21
C TRP C 552 -18.39 15.54 38.29
N GLN C 553 -19.70 15.57 38.51
CA GLN C 553 -20.65 14.80 37.71
C GLN C 553 -20.57 15.23 36.23
N GLU C 554 -20.36 16.52 36.01
CA GLU C 554 -20.19 17.08 34.68
C GLU C 554 -18.85 16.73 34.07
N VAL C 555 -17.79 16.75 34.86
CA VAL C 555 -16.46 16.40 34.36
C VAL C 555 -16.45 14.92 33.97
N LEU C 556 -17.06 14.10 34.82
CA LEU C 556 -17.16 12.66 34.55
C LEU C 556 -17.93 12.41 33.25
N LYS C 557 -19.05 13.14 33.09
CA LYS C 557 -19.92 13.00 31.91
C LYS C 557 -19.13 13.29 30.64
N ASP C 558 -18.41 14.40 30.64
CA ASP C 558 -17.58 14.73 29.49
C ASP C 558 -16.56 13.64 29.22
N MET C 559 -15.99 13.06 30.27
CA MET C 559 -14.95 12.06 30.08
C MET C 559 -15.49 10.69 29.67
N VAL C 560 -16.49 10.18 30.36
CA VAL C 560 -16.91 8.80 30.16
C VAL C 560 -18.33 8.66 29.60
N GLY C 561 -19.05 9.76 29.41
CA GLY C 561 -20.39 9.69 28.84
C GLY C 561 -21.47 9.41 29.88
N LEU C 562 -21.10 9.39 31.15
CA LEU C 562 -22.03 9.17 32.24
C LEU C 562 -21.70 10.10 33.42
N ASP C 563 -22.74 10.53 34.13
CA ASP C 563 -22.58 11.53 35.20
C ASP C 563 -22.62 10.91 36.61
N ALA C 564 -22.33 9.63 36.70
CA ALA C 564 -22.39 8.93 37.96
C ALA C 564 -21.32 7.84 38.05
N LEU C 565 -21.00 7.45 39.29
CA LEU C 565 -20.17 6.29 39.56
C LEU C 565 -20.95 5.08 39.12
N ASP C 566 -20.23 4.10 38.56
CA ASP C 566 -20.85 2.95 37.91
C ASP C 566 -19.89 1.78 37.98
N ALA C 567 -20.40 0.65 38.47
CA ALA C 567 -19.61 -0.56 38.65
C ALA C 567 -19.45 -1.38 37.39
N GLN C 568 -20.19 -1.08 36.33
CA GLN C 568 -20.20 -1.98 35.16
C GLN C 568 -18.82 -2.13 34.49
N PRO C 569 -18.05 -1.03 34.36
CA PRO C 569 -16.70 -1.18 33.79
C PRO C 569 -15.81 -2.12 34.59
N LEU C 570 -15.83 -2.03 35.91
CA LEU C 570 -15.10 -2.95 36.76
C LEU C 570 -15.63 -4.39 36.58
N LEU C 571 -16.93 -4.54 36.44
CA LEU C 571 -17.49 -5.89 36.28
C LEU C 571 -17.05 -6.49 34.94
N LYS C 572 -17.04 -5.63 33.92
CA LYS C 572 -16.62 -6.03 32.57
C LYS C 572 -15.15 -6.48 32.55
N TYR C 573 -14.33 -5.71 33.24
CA TYR C 573 -12.92 -6.02 33.31
C TYR C 573 -12.67 -7.42 33.89
N PHE C 574 -13.36 -7.71 34.99
CA PHE C 574 -13.13 -8.94 35.75
C PHE C 574 -13.97 -10.15 35.32
N GLN C 575 -14.91 -9.93 34.40
CA GLN C 575 -15.91 -10.94 34.02
C GLN C 575 -15.39 -12.38 33.96
N LEU C 576 -14.29 -12.60 33.25
CA LEU C 576 -13.74 -13.96 33.07
C LEU C 576 -13.37 -14.62 34.37
N VAL C 577 -12.76 -13.88 35.31
CA VAL C 577 -12.31 -14.48 36.56
C VAL C 577 -13.46 -14.53 37.55
N THR C 578 -14.41 -13.61 37.43
CA THR C 578 -15.63 -13.66 38.22
C THR C 578 -16.35 -14.99 37.96
N GLN C 579 -16.58 -15.30 36.69
CA GLN C 579 -17.15 -16.57 36.29
C GLN C 579 -16.30 -17.76 36.76
N TRP C 580 -15.00 -17.71 36.51
CA TRP C 580 -14.09 -18.80 36.89
C TRP C 580 -14.14 -19.09 38.38
N LEU C 581 -14.10 -18.04 39.21
CA LEU C 581 -14.16 -18.21 40.67
C LEU C 581 -15.51 -18.80 41.15
N GLN C 582 -16.63 -18.33 40.61
CA GLN C 582 -17.93 -18.93 40.94
C GLN C 582 -17.91 -20.43 40.71
N GLU C 583 -17.44 -20.83 39.53
CA GLU C 583 -17.40 -22.24 39.13
C GLU C 583 -16.47 -23.04 40.00
N GLN C 584 -15.26 -22.54 40.22
CA GLN C 584 -14.34 -23.19 41.14
C GLN C 584 -14.94 -23.39 42.53
N ASN C 585 -15.51 -22.35 43.12
CA ASN C 585 -16.07 -22.47 44.46
C ASN C 585 -17.25 -23.45 44.54
N GLN C 586 -18.11 -23.44 43.53
CA GLN C 586 -19.19 -24.44 43.45
C GLN C 586 -18.64 -25.85 43.40
N GLN C 587 -17.68 -26.10 42.51
CA GLN C 587 -17.07 -27.43 42.41
C GLN C 587 -16.51 -27.92 43.72
N ASN C 588 -15.87 -27.02 44.48
CA ASN C 588 -15.31 -27.37 45.78
C ASN C 588 -16.35 -27.43 46.90
N GLY C 589 -17.59 -27.09 46.61
CA GLY C 589 -18.63 -27.05 47.63
C GLY C 589 -18.40 -25.99 48.69
N GLU C 590 -17.82 -24.87 48.31
CA GLU C 590 -17.52 -23.83 49.29
C GLU C 590 -18.80 -23.24 49.85
N VAL C 591 -18.74 -22.76 51.07
CA VAL C 591 -19.76 -21.83 51.54
C VAL C 591 -19.25 -20.41 51.24
N LEU C 592 -20.08 -19.60 50.59
CA LEU C 592 -19.74 -18.23 50.32
C LEU C 592 -20.11 -17.38 51.55
N GLY C 593 -19.12 -16.73 52.15
CA GLY C 593 -19.37 -15.95 53.33
C GLY C 593 -18.70 -16.64 54.50
N TRP C 594 -19.04 -16.17 55.70
CA TRP C 594 -18.43 -16.65 56.93
C TRP C 594 -19.50 -16.70 58.03
N PRO C 595 -20.45 -17.66 57.92
CA PRO C 595 -21.57 -17.77 58.87
C PRO C 595 -21.14 -18.11 60.31
N GLU C 596 -19.95 -18.70 60.48
CA GLU C 596 -19.37 -18.85 61.81
C GLU C 596 -18.65 -17.56 62.19
N TYR C 597 -19.45 -16.51 62.41
CA TYR C 597 -18.96 -15.15 62.53
C TYR C 597 -18.16 -14.93 63.82
N GLN C 598 -18.27 -15.86 64.75
CA GLN C 598 -17.71 -15.77 66.09
C GLN C 598 -16.36 -16.43 66.12
N TRP C 599 -16.02 -17.18 65.08
CA TRP C 599 -14.79 -17.95 65.11
C TRP C 599 -13.49 -17.12 65.05
N HIS C 600 -12.50 -17.50 65.89
CA HIS C 600 -11.14 -16.96 65.91
C HIS C 600 -10.15 -18.10 66.05
N PRO C 601 -8.96 -17.98 65.47
CA PRO C 601 -8.02 -19.11 65.55
C PRO C 601 -7.38 -19.18 66.92
N PRO C 602 -6.91 -20.37 67.33
CA PRO C 602 -6.14 -20.45 68.59
C PRO C 602 -4.72 -19.95 68.43
N LEU C 603 -4.03 -19.76 69.54
CA LEU C 603 -2.60 -19.45 69.48
C LEU C 603 -1.81 -20.69 69.08
N PRO C 604 -0.73 -20.51 68.31
CA PRO C 604 0.17 -21.63 68.02
C PRO C 604 0.88 -22.13 69.27
N ASP C 605 1.41 -23.35 69.17
CA ASP C 605 2.17 -23.96 70.25
C ASP C 605 3.41 -23.15 70.55
N ASN C 606 3.64 -22.89 71.83
CA ASN C 606 4.83 -22.15 72.26
C ASN C 606 4.97 -20.82 71.53
N TYR C 607 3.84 -20.12 71.38
CA TYR C 607 3.87 -18.76 70.94
C TYR C 607 3.82 -17.91 72.23
N PRO C 608 4.70 -16.94 72.40
CA PRO C 608 5.58 -16.42 71.36
C PRO C 608 7.05 -16.83 71.45
N GLU C 609 7.34 -18.08 71.81
CA GLU C 609 8.75 -18.54 71.81
C GLU C 609 9.26 -18.90 70.39
N GLY C 610 9.46 -17.87 69.55
CA GLY C 610 9.96 -18.01 68.17
C GLY C 610 11.37 -17.46 67.98
N ILE C 611 12.27 -17.92 68.84
CA ILE C 611 13.71 -17.69 68.71
C ILE C 611 14.27 -18.61 67.64
N LEU D 1 9.95 29.94 -31.16
CA LEU D 1 10.12 29.58 -32.59
C LEU D 1 10.83 30.70 -33.34
N ASP D 2 11.82 30.33 -34.13
CA ASP D 2 12.60 31.30 -34.90
C ASP D 2 11.66 32.28 -35.67
N PRO D 3 11.92 33.60 -35.58
CA PRO D 3 11.13 34.59 -36.32
C PRO D 3 10.87 34.22 -37.77
N GLY D 4 11.91 33.75 -38.45
CA GLY D 4 11.78 33.35 -39.84
C GLY D 4 10.78 32.23 -40.08
N LEU D 5 10.50 31.42 -39.05
CA LEU D 5 9.63 30.25 -39.20
C LEU D 5 8.22 30.50 -38.71
N GLN D 6 7.95 31.69 -38.17
CA GLN D 6 6.62 31.98 -37.62
C GLN D 6 5.70 32.47 -38.74
N PRO D 7 4.39 32.21 -38.61
CA PRO D 7 3.35 32.66 -39.55
C PRO D 7 2.99 34.16 -39.47
N GLY D 8 3.10 34.87 -40.59
CA GLY D 8 2.68 36.27 -40.66
C GLY D 8 1.19 36.44 -40.84
N GLN D 9 0.79 37.52 -41.54
CA GLN D 9 -0.62 37.80 -41.81
C GLN D 9 -0.93 37.42 -43.27
N PHE D 10 -2.15 36.95 -43.49
CA PHE D 10 -2.61 36.60 -44.83
C PHE D 10 -4.10 36.90 -44.85
N SER D 11 -4.62 37.25 -46.01
CA SER D 11 -6.03 37.59 -46.12
C SER D 11 -6.84 36.34 -45.88
N ALA D 12 -7.95 36.51 -45.18
CA ALA D 12 -8.84 35.42 -44.79
C ALA D 12 -9.71 34.90 -45.97
N ASP D 13 -9.05 34.53 -47.09
CA ASP D 13 -9.71 34.07 -48.32
C ASP D 13 -8.79 33.18 -49.16
N GLU D 14 -9.33 32.57 -50.21
CA GLU D 14 -8.54 31.61 -50.97
C GLU D 14 -7.21 32.11 -51.55
N ALA D 15 -7.16 33.37 -51.98
CA ALA D 15 -5.91 33.91 -52.54
C ALA D 15 -4.82 33.99 -51.44
N GLY D 16 -5.22 34.35 -50.23
CA GLY D 16 -4.28 34.40 -49.10
C GLY D 16 -3.80 33.02 -48.68
N ALA D 17 -4.74 32.07 -48.56
CA ALA D 17 -4.43 30.67 -48.25
C ALA D 17 -3.35 30.10 -49.18
N GLN D 18 -3.38 30.49 -50.44
CA GLN D 18 -2.35 30.10 -51.39
C GLN D 18 -0.97 30.66 -50.99
N LEU D 19 -0.95 31.96 -50.68
CA LEU D 19 0.27 32.61 -50.21
C LEU D 19 0.65 32.04 -48.85
N PHE D 20 -0.36 31.70 -48.05
CA PHE D 20 -0.13 31.04 -46.78
C PHE D 20 0.60 29.70 -46.97
N ALA D 21 0.09 28.91 -47.93
CA ALA D 21 0.67 27.62 -48.23
C ALA D 21 2.14 27.79 -48.66
N GLN D 22 2.41 28.75 -49.55
CA GLN D 22 3.77 28.94 -50.08
C GLN D 22 4.75 29.28 -48.95
N SER D 23 4.35 30.22 -48.10
CA SER D 23 5.17 30.58 -46.94
C SER D 23 5.37 29.39 -46.00
N TYR D 24 4.29 28.71 -45.68
CA TYR D 24 4.43 27.48 -44.89
C TYR D 24 5.49 26.53 -45.48
N GLN D 25 5.30 26.19 -46.74
CA GLN D 25 6.21 25.34 -47.49
C GLN D 25 7.64 25.77 -47.22
N SER D 26 7.89 27.07 -47.35
CA SER D 26 9.24 27.58 -47.27
C SER D 26 9.93 27.30 -45.92
N SER D 27 9.14 27.36 -44.84
CA SER D 27 9.68 27.08 -43.51
C SER D 27 9.53 25.60 -43.10
N ALA D 28 8.43 24.97 -43.49
CA ALA D 28 8.23 23.51 -43.26
C ALA D 28 9.42 22.63 -43.67
N GLU D 29 10.02 22.91 -44.82
CA GLU D 29 11.14 22.11 -45.30
C GLU D 29 12.35 22.20 -44.38
N GLN D 30 12.57 23.37 -43.78
CA GLN D 30 13.68 23.52 -42.85
C GLN D 30 13.45 22.76 -41.58
N VAL D 31 12.21 22.75 -41.13
CA VAL D 31 11.81 22.18 -39.84
C VAL D 31 11.73 20.64 -39.95
N LEU D 32 11.10 20.19 -41.02
CA LEU D 32 11.08 18.75 -41.39
C LEU D 32 12.48 18.19 -41.56
N PHE D 33 13.31 18.90 -42.32
CA PHE D 33 14.68 18.49 -42.51
C PHE D 33 15.42 18.34 -41.17
N GLN D 34 15.40 19.36 -40.31
CA GLN D 34 16.15 19.25 -39.07
C GLN D 34 15.67 18.05 -38.22
N SER D 35 14.37 17.80 -38.27
CA SER D 35 13.78 16.68 -37.55
C SER D 35 14.17 15.31 -38.14
N VAL D 36 14.11 15.20 -39.46
CA VAL D 36 14.56 13.99 -40.13
C VAL D 36 16.03 13.75 -39.86
N ALA D 37 16.84 14.81 -39.99
CA ALA D 37 18.29 14.70 -39.74
C ALA D 37 18.62 14.21 -38.33
N ALA D 38 17.94 14.73 -37.32
CA ALA D 38 18.17 14.32 -35.92
C ALA D 38 17.72 12.88 -35.69
N SER D 39 16.60 12.52 -36.28
CA SER D 39 16.14 11.13 -36.29
C SER D 39 17.13 10.21 -36.96
N TRP D 40 17.71 10.62 -38.07
CA TRP D 40 18.70 9.80 -38.77
C TRP D 40 19.92 9.59 -37.91
N ALA D 41 20.38 10.66 -37.28
CA ALA D 41 21.56 10.57 -36.43
C ALA D 41 21.35 9.72 -35.19
N HIS D 42 20.11 9.65 -34.72
CA HIS D 42 19.82 8.77 -33.61
C HIS D 42 19.69 7.35 -34.10
N ASP D 43 18.93 7.17 -35.16
CA ASP D 43 18.66 5.81 -35.68
C ASP D 43 19.89 5.05 -36.19
N THR D 44 20.93 5.79 -36.62
CA THR D 44 22.18 5.19 -37.04
C THR D 44 23.25 5.26 -35.94
N ASN D 45 22.86 5.56 -34.70
CA ASN D 45 23.82 5.76 -33.62
C ASN D 45 23.03 6.05 -32.31
N ILE D 46 22.47 5.00 -31.74
CA ILE D 46 21.55 5.17 -30.62
C ILE D 46 22.36 5.52 -29.37
N THR D 47 22.26 6.76 -28.91
CA THR D 47 22.94 7.20 -27.67
C THR D 47 21.98 8.07 -26.91
N ALA D 48 22.24 8.23 -25.62
CA ALA D 48 21.40 9.13 -24.82
C ALA D 48 21.41 10.54 -25.41
N GLU D 49 22.58 10.98 -25.87
CA GLU D 49 22.72 12.33 -26.39
C GLU D 49 21.98 12.55 -27.73
N ASN D 50 22.01 11.55 -28.59
CA ASN D 50 21.28 11.64 -29.86
C ASN D 50 19.79 11.57 -29.67
N ALA D 51 19.34 10.82 -28.67
CA ALA D 51 17.93 10.86 -28.29
C ALA D 51 17.59 12.26 -27.82
N ARG D 52 18.43 12.83 -26.97
CA ARG D 52 18.15 14.18 -26.48
C ARG D 52 18.02 15.15 -27.66
N ARG D 53 18.94 15.08 -28.61
CA ARG D 53 18.87 15.97 -29.78
C ARG D 53 17.64 15.75 -30.64
N GLN D 54 17.25 14.51 -30.78
CA GLN D 54 16.05 14.18 -31.54
C GLN D 54 14.80 14.70 -30.82
N GLU D 55 14.75 14.58 -29.50
CA GLU D 55 13.58 15.11 -28.75
C GLU D 55 13.46 16.64 -28.87
N GLU D 56 14.61 17.29 -28.88
CA GLU D 56 14.67 18.74 -29.06
C GLU D 56 14.11 19.11 -30.45
N ALA D 57 14.54 18.36 -31.47
CA ALA D 57 14.06 18.59 -32.83
C ALA D 57 12.56 18.36 -32.94
N ALA D 58 12.08 17.31 -32.27
CA ALA D 58 10.66 17.01 -32.26
C ALA D 58 9.88 18.13 -31.61
N LEU D 59 10.44 18.75 -30.56
CA LEU D 59 9.73 19.81 -29.84
C LEU D 59 9.56 21.01 -30.73
N LEU D 60 10.62 21.29 -31.49
CA LEU D 60 10.57 22.38 -32.46
C LEU D 60 9.49 22.09 -33.49
N SER D 61 9.46 20.87 -34.02
CA SER D 61 8.43 20.52 -35.02
C SER D 61 7.03 20.72 -34.44
N GLN D 62 6.85 20.37 -33.17
CA GLN D 62 5.55 20.58 -32.51
C GLN D 62 5.20 22.05 -32.33
N GLU D 63 6.21 22.83 -31.97
CA GLU D 63 6.05 24.25 -31.82
C GLU D 63 5.66 24.86 -33.17
N PHE D 64 6.38 24.47 -34.21
CA PHE D 64 6.08 24.87 -35.58
C PHE D 64 4.65 24.52 -35.96
N ALA D 65 4.26 23.27 -35.74
CA ALA D 65 2.93 22.79 -36.13
C ALA D 65 1.83 23.50 -35.36
N GLU D 66 2.06 23.76 -34.07
CA GLU D 66 1.10 24.53 -33.28
C GLU D 66 0.89 25.96 -33.80
N ALA D 67 1.99 26.64 -34.12
CA ALA D 67 1.88 28.03 -34.58
C ALA D 67 1.11 28.09 -35.89
N TRP D 68 1.58 27.31 -36.84
CA TRP D 68 1.04 27.35 -38.19
C TRP D 68 -0.36 26.77 -38.26
N GLY D 69 -0.61 25.76 -37.44
CA GLY D 69 -1.93 25.22 -37.25
C GLY D 69 -2.92 26.17 -36.63
N GLN D 70 -2.55 26.88 -35.58
CA GLN D 70 -3.49 27.81 -34.94
C GLN D 70 -3.82 29.02 -35.81
N LYS D 71 -2.89 29.37 -36.70
CA LYS D 71 -3.10 30.45 -37.65
C LYS D 71 -3.96 30.00 -38.83
N ALA D 72 -3.63 28.84 -39.42
CA ALA D 72 -4.49 28.23 -40.45
C ALA D 72 -5.95 28.26 -40.00
N LYS D 73 -6.19 27.89 -38.75
CA LYS D 73 -7.55 27.96 -38.18
C LYS D 73 -8.07 29.36 -38.09
N GLU D 74 -7.30 30.23 -37.41
CA GLU D 74 -7.68 31.63 -37.26
C GLU D 74 -8.16 32.25 -38.59
N LEU D 75 -7.42 32.03 -39.68
CA LEU D 75 -7.71 32.68 -40.96
C LEU D 75 -8.68 31.93 -41.89
N TYR D 76 -8.79 30.63 -41.72
CA TYR D 76 -9.45 29.84 -42.72
C TYR D 76 -10.40 28.76 -42.19
N GLU D 77 -10.63 28.68 -40.88
CA GLU D 77 -11.46 27.60 -40.32
C GLU D 77 -12.81 27.46 -41.03
N PRO D 78 -13.54 28.58 -41.19
CA PRO D 78 -14.87 28.44 -41.79
C PRO D 78 -14.90 28.42 -43.33
N ILE D 79 -13.76 28.65 -43.99
CA ILE D 79 -13.74 28.78 -45.47
C ILE D 79 -12.86 27.76 -46.21
N TRP D 80 -12.01 27.01 -45.50
CA TRP D 80 -11.02 26.19 -46.19
C TRP D 80 -11.66 25.01 -46.94
N GLN D 81 -12.73 24.44 -46.37
CA GLN D 81 -13.36 23.27 -46.99
C GLN D 81 -14.08 23.63 -48.29
N GLN D 82 -14.38 24.92 -48.45
CA GLN D 82 -15.11 25.44 -49.59
C GLN D 82 -14.18 26.00 -50.68
N PHE D 83 -12.85 26.00 -50.47
CA PHE D 83 -11.89 26.45 -51.52
C PHE D 83 -12.06 25.69 -52.85
N THR D 84 -11.89 26.40 -53.95
CA THR D 84 -12.00 25.82 -55.28
C THR D 84 -10.81 24.94 -55.63
N ASP D 85 -9.64 25.24 -55.04
CA ASP D 85 -8.44 24.51 -55.41
C ASP D 85 -8.38 23.27 -54.55
N PRO D 86 -8.55 22.10 -55.16
CA PRO D 86 -8.55 20.84 -54.38
C PRO D 86 -7.22 20.53 -53.66
N GLN D 87 -6.10 20.75 -54.34
CA GLN D 87 -4.79 20.54 -53.72
C GLN D 87 -4.61 21.48 -52.52
N LEU D 88 -5.08 22.71 -52.69
CA LEU D 88 -5.06 23.71 -51.63
C LEU D 88 -5.90 23.25 -50.41
N ARG D 89 -7.08 22.65 -50.63
CA ARG D 89 -7.86 22.13 -49.50
C ARG D 89 -7.08 21.07 -48.71
N ARG D 90 -6.37 20.21 -49.44
CA ARG D 90 -5.61 19.14 -48.77
C ARG D 90 -4.41 19.71 -48.00
N ILE D 91 -3.76 20.73 -48.57
CA ILE D 91 -2.66 21.36 -47.91
C ILE D 91 -3.13 21.96 -46.59
N ILE D 92 -4.22 22.71 -46.65
CA ILE D 92 -4.78 23.34 -45.44
C ILE D 92 -5.20 22.26 -44.47
N GLY D 93 -5.93 21.27 -44.96
CA GLY D 93 -6.39 20.16 -44.10
C GLY D 93 -5.24 19.53 -43.32
N ALA D 94 -4.09 19.37 -43.97
CA ALA D 94 -2.91 18.81 -43.29
C ALA D 94 -2.38 19.76 -42.22
N VAL D 95 -2.32 21.04 -42.55
CA VAL D 95 -1.68 22.02 -41.68
C VAL D 95 -2.50 22.20 -40.39
N ARG D 96 -3.82 22.20 -40.48
CA ARG D 96 -4.64 22.34 -39.27
C ARG D 96 -4.80 21.07 -38.40
N THR D 97 -4.05 19.99 -38.72
CA THR D 97 -4.01 18.82 -37.82
C THR D 97 -2.76 18.88 -36.96
N LEU D 98 -2.94 19.05 -35.65
CA LEU D 98 -1.81 19.37 -34.76
C LEU D 98 -1.15 18.13 -34.19
N GLY D 99 -1.96 17.10 -33.95
CA GLY D 99 -1.44 15.84 -33.42
C GLY D 99 -0.86 16.04 -32.04
N SER D 100 0.32 15.49 -31.82
CA SER D 100 1.02 15.66 -30.55
C SER D 100 1.26 17.13 -30.13
N ALA D 101 1.23 18.06 -31.08
CA ALA D 101 1.35 19.51 -30.78
C ALA D 101 0.17 20.08 -30.02
N ASN D 102 -0.97 19.36 -30.00
CA ASN D 102 -2.09 19.67 -29.11
C ASN D 102 -1.77 19.47 -27.64
N LEU D 103 -0.76 18.66 -27.35
CA LEU D 103 -0.46 18.40 -25.95
C LEU D 103 0.17 19.64 -25.32
N PRO D 104 -0.14 19.90 -24.05
CA PRO D 104 0.66 20.91 -23.32
C PRO D 104 2.13 20.51 -23.28
N LEU D 105 2.99 21.50 -23.09
CA LEU D 105 4.43 21.33 -23.21
C LEU D 105 4.96 20.15 -22.43
N ALA D 106 4.53 19.97 -21.17
CA ALA D 106 5.11 18.92 -20.32
C ALA D 106 4.77 17.53 -20.88
N LYS D 107 3.56 17.38 -21.39
CA LYS D 107 3.13 16.12 -21.98
C LYS D 107 3.73 15.90 -23.37
N ARG D 108 4.01 16.97 -24.12
CA ARG D 108 4.76 16.86 -25.37
C ARG D 108 6.11 16.27 -25.12
N GLN D 109 6.78 16.77 -24.09
CA GLN D 109 8.11 16.29 -23.74
C GLN D 109 8.05 14.84 -23.28
N GLN D 110 7.00 14.49 -22.56
CA GLN D 110 6.82 13.12 -22.09
C GLN D 110 6.59 12.18 -23.26
N TYR D 111 5.74 12.62 -24.19
CA TYR D 111 5.45 11.88 -25.41
C TYR D 111 6.74 11.60 -26.20
N ASN D 112 7.49 12.66 -26.45
CA ASN D 112 8.73 12.55 -27.19
C ASN D 112 9.73 11.60 -26.53
N ALA D 113 9.86 11.69 -25.22
CA ALA D 113 10.78 10.79 -24.51
C ALA D 113 10.31 9.35 -24.59
N LEU D 114 9.01 9.13 -24.49
CA LEU D 114 8.47 7.76 -24.57
C LEU D 114 8.86 7.13 -25.91
N LEU D 115 8.69 7.88 -26.99
CA LEU D 115 9.03 7.37 -28.32
C LEU D 115 10.50 6.99 -28.35
N SER D 116 11.31 7.87 -27.78
CA SER D 116 12.73 7.65 -27.77
C SER D 116 13.12 6.39 -27.00
N GLN D 117 12.55 6.21 -25.82
CA GLN D 117 12.87 5.04 -24.99
C GLN D 117 12.30 3.73 -25.54
N MET D 118 11.11 3.79 -26.15
CA MET D 118 10.54 2.58 -26.77
C MET D 118 11.44 2.13 -27.93
N SER D 119 11.88 3.09 -28.73
CA SER D 119 12.81 2.80 -29.83
C SER D 119 14.13 2.18 -29.33
N ARG D 120 14.71 2.73 -28.28
CA ARG D 120 15.99 2.21 -27.76
C ARG D 120 15.81 0.78 -27.25
N ILE D 121 14.74 0.56 -26.50
CA ILE D 121 14.47 -0.74 -25.93
C ILE D 121 14.39 -1.77 -27.07
N TYR D 122 13.65 -1.45 -28.13
CA TYR D 122 13.42 -2.46 -29.16
C TYR D 122 14.73 -2.74 -29.91
N SER D 123 15.44 -1.67 -30.28
CA SER D 123 16.58 -1.83 -31.19
C SER D 123 17.90 -2.19 -30.49
N THR D 124 17.92 -2.16 -29.15
CA THR D 124 19.12 -2.54 -28.37
C THR D 124 18.92 -3.84 -27.57
N ALA D 125 17.71 -4.38 -27.55
CA ALA D 125 17.46 -5.64 -26.84
C ALA D 125 18.36 -6.74 -27.37
N LYS D 126 18.83 -7.60 -26.45
CA LYS D 126 19.70 -8.73 -26.80
C LYS D 126 19.22 -9.98 -26.10
N VAL D 127 19.63 -11.12 -26.63
CA VAL D 127 19.41 -12.40 -25.98
C VAL D 127 20.78 -12.97 -25.63
N CYS D 128 21.01 -13.12 -24.33
CA CYS D 128 22.30 -13.58 -23.82
C CYS D 128 22.27 -15.07 -23.54
N LEU D 129 23.45 -15.69 -23.62
CA LEU D 129 23.58 -17.14 -23.54
C LEU D 129 23.83 -17.62 -22.13
N PRO D 130 23.44 -18.88 -21.83
CA PRO D 130 23.82 -19.49 -20.56
C PRO D 130 25.31 -19.81 -20.57
N ASN D 131 26.02 -19.36 -19.53
CA ASN D 131 27.48 -19.40 -19.48
C ASN D 131 28.07 -18.34 -20.42
N LYS D 132 28.20 -17.14 -19.89
CA LYS D 132 28.67 -15.98 -20.66
C LYS D 132 27.82 -15.79 -21.89
N ALA D 134 29.87 -15.83 -24.23
CA ALA D 134 29.93 -14.43 -23.80
C ALA D 134 28.92 -13.56 -24.56
N THR D 135 29.30 -13.09 -25.75
CA THR D 135 28.55 -12.01 -26.44
C THR D 135 27.08 -12.38 -26.64
N CYS D 136 26.20 -11.42 -26.39
CA CYS D 136 24.78 -11.63 -26.53
C CYS D 136 24.33 -11.52 -28.00
N TRP D 137 23.17 -12.10 -28.30
CA TRP D 137 22.65 -12.10 -29.66
C TRP D 137 21.71 -10.94 -29.95
N SER D 138 21.92 -10.28 -31.09
CA SER D 138 21.04 -9.23 -31.57
C SER D 138 19.95 -9.85 -32.43
N LEU D 139 18.87 -9.11 -32.61
CA LEU D 139 17.76 -9.56 -33.47
C LEU D 139 18.26 -9.73 -34.89
N ASP D 140 18.92 -8.70 -35.38
CA ASP D 140 19.45 -8.66 -36.73
C ASP D 140 20.97 -8.43 -36.63
N PRO D 141 21.82 -9.39 -37.00
CA PRO D 141 21.48 -10.58 -37.76
C PRO D 141 21.23 -11.89 -36.99
N ASP D 142 21.57 -11.95 -35.71
CA ASP D 142 21.78 -13.26 -35.07
C ASP D 142 20.49 -14.06 -34.93
N LEU D 143 19.50 -13.49 -34.27
CA LEU D 143 18.26 -14.21 -34.06
C LEU D 143 17.51 -14.43 -35.38
N THR D 144 17.58 -13.44 -36.26
CA THR D 144 16.98 -13.52 -37.59
C THR D 144 17.50 -14.75 -38.35
N ASN D 145 18.84 -14.92 -38.35
CA ASN D 145 19.46 -16.08 -39.00
C ASN D 145 19.06 -17.42 -38.36
N ILE D 146 19.05 -17.48 -37.04
CA ILE D 146 18.58 -18.68 -36.34
C ILE D 146 17.13 -18.99 -36.76
N LEU D 147 16.24 -18.00 -36.72
CA LEU D 147 14.84 -18.27 -37.07
C LEU D 147 14.69 -18.75 -38.52
N ALA D 148 15.56 -18.24 -39.40
CA ALA D 148 15.52 -18.58 -40.82
C ALA D 148 16.06 -20.00 -41.13
N SER D 149 17.12 -20.41 -40.44
CA SER D 149 17.87 -21.57 -40.90
C SER D 149 17.95 -22.76 -39.94
N SER D 150 17.85 -22.54 -38.63
CA SER D 150 17.95 -23.63 -37.67
C SER D 150 16.71 -24.53 -37.73
N ARG D 151 16.94 -25.83 -37.76
CA ARG D 151 15.87 -26.80 -37.66
C ARG D 151 15.97 -27.54 -36.33
N SER D 152 16.63 -26.92 -35.37
CA SER D 152 16.65 -27.39 -33.99
C SER D 152 15.51 -26.73 -33.20
N TYR D 153 14.54 -27.54 -32.80
CA TYR D 153 13.39 -27.03 -32.06
C TYR D 153 13.83 -26.20 -30.85
N ALA D 154 14.74 -26.72 -30.06
CA ALA D 154 15.21 -26.04 -28.86
C ALA D 154 15.95 -24.74 -29.16
N MET D 155 16.80 -24.71 -30.19
CA MET D 155 17.49 -23.48 -30.55
C MET D 155 16.50 -22.37 -30.99
N LEU D 156 15.52 -22.77 -31.80
CA LEU D 156 14.49 -21.86 -32.26
C LEU D 156 13.69 -21.30 -31.07
N LEU D 157 13.39 -22.18 -30.12
CA LEU D 157 12.62 -21.80 -28.96
C LEU D 157 13.40 -20.80 -28.12
N PHE D 158 14.68 -21.08 -27.94
CA PHE D 158 15.54 -20.21 -27.17
C PHE D 158 15.56 -18.83 -27.81
N ALA D 159 15.66 -18.78 -29.14
CA ALA D 159 15.68 -17.48 -29.82
C ALA D 159 14.34 -16.75 -29.73
N TRP D 160 13.24 -17.49 -29.92
CA TRP D 160 11.89 -16.90 -29.90
C TRP D 160 11.51 -16.39 -28.53
N GLU D 161 11.68 -17.24 -27.53
CA GLU D 161 11.36 -16.87 -26.15
C GLU D 161 12.26 -15.73 -25.69
N GLY D 162 13.55 -15.87 -25.97
CA GLY D 162 14.53 -14.86 -25.62
C GLY D 162 14.16 -13.49 -26.14
N TRP D 163 13.84 -13.41 -27.42
CA TRP D 163 13.54 -12.14 -28.05
C TRP D 163 12.24 -11.52 -27.49
N HIS D 164 11.20 -12.32 -27.43
CA HIS D 164 9.90 -11.84 -26.97
C HIS D 164 9.98 -11.35 -25.51
N ASN D 165 10.71 -12.08 -24.69
CA ASN D 165 10.93 -11.66 -23.31
C ASN D 165 11.76 -10.39 -23.17
N ALA D 166 12.87 -10.32 -23.90
CA ALA D 166 13.78 -9.21 -23.75
C ALA D 166 13.17 -7.89 -24.30
N ALA D 167 12.48 -7.96 -25.43
CA ALA D 167 11.90 -6.74 -25.99
C ALA D 167 10.56 -6.33 -25.40
N GLY D 168 9.65 -7.30 -25.23
CA GLY D 168 8.28 -7.01 -24.88
C GLY D 168 8.10 -6.59 -23.45
N ILE D 169 8.74 -7.31 -22.53
CA ILE D 169 8.44 -7.10 -21.11
C ILE D 169 8.68 -5.65 -20.67
N PRO D 170 9.87 -5.08 -20.96
CA PRO D 170 10.09 -3.69 -20.52
C PRO D 170 9.31 -2.63 -21.31
N LEU D 171 8.81 -2.96 -22.49
CA LEU D 171 8.04 -1.97 -23.24
C LEU D 171 6.65 -1.73 -22.68
N LYS D 172 6.05 -2.71 -22.01
CA LYS D 172 4.63 -2.61 -21.67
C LYS D 172 4.25 -1.30 -20.95
N PRO D 173 4.99 -0.93 -19.88
CA PRO D 173 4.57 0.30 -19.19
C PRO D 173 4.70 1.58 -20.02
N LEU D 174 5.72 1.66 -20.87
CA LEU D 174 5.86 2.80 -21.77
C LEU D 174 4.75 2.82 -22.79
N TYR D 175 4.37 1.64 -23.27
CA TYR D 175 3.34 1.56 -24.30
C TYR D 175 1.97 2.02 -23.80
N GLU D 176 1.66 1.69 -22.56
CA GLU D 176 0.43 2.16 -21.93
C GLU D 176 0.42 3.67 -21.87
N ASP D 177 1.53 4.26 -21.48
CA ASP D 177 1.58 5.72 -21.32
C ASP D 177 1.53 6.36 -22.67
N PHE D 178 2.21 5.75 -23.65
CA PHE D 178 2.20 6.30 -24.99
C PHE D 178 0.77 6.39 -25.51
N THR D 179 0.04 5.28 -25.38
CA THR D 179 -1.32 5.16 -25.91
C THR D 179 -2.25 6.25 -25.38
N ALA D 180 -2.19 6.48 -24.07
CA ALA D 180 -2.99 7.50 -23.41
C ALA D 180 -2.65 8.91 -23.92
N LEU D 181 -1.35 9.20 -24.09
CA LEU D 181 -0.93 10.53 -24.57
C LEU D 181 -1.33 10.72 -26.03
N SER D 182 -1.16 9.67 -26.83
CA SER D 182 -1.51 9.75 -28.23
C SER D 182 -3.01 10.00 -28.40
N ASN D 183 -3.85 9.28 -27.67
CA ASN D 183 -5.28 9.54 -27.70
C ASN D 183 -5.65 10.93 -27.24
N GLU D 184 -5.05 11.39 -26.15
CA GLU D 184 -5.30 12.76 -25.67
C GLU D 184 -4.99 13.80 -26.75
N ALA D 185 -3.89 13.63 -27.47
CA ALA D 185 -3.53 14.55 -28.56
C ALA D 185 -4.54 14.56 -29.69
N TYR D 186 -4.89 13.39 -30.19
CA TYR D 186 -5.76 13.31 -31.38
C TYR D 186 -7.23 13.54 -31.05
N LYS D 187 -7.60 13.39 -29.79
CA LYS D 187 -8.94 13.80 -29.38
C LYS D 187 -9.12 15.32 -29.60
N GLN D 188 -8.07 16.10 -29.42
CA GLN D 188 -8.16 17.56 -29.65
C GLN D 188 -8.25 17.96 -31.13
N ASP D 189 -7.88 17.07 -32.05
CA ASP D 189 -8.16 17.26 -33.47
C ASP D 189 -9.58 16.78 -33.85
N GLY D 190 -10.37 16.36 -32.87
CA GLY D 190 -11.72 15.87 -33.11
C GLY D 190 -11.89 14.39 -33.43
N PHE D 191 -10.86 13.57 -33.26
CA PHE D 191 -10.96 12.13 -33.51
C PHE D 191 -11.23 11.38 -32.21
N THR D 192 -12.07 10.36 -32.27
CA THR D 192 -12.43 9.56 -31.09
C THR D 192 -11.21 8.88 -30.40
N ASP D 193 -10.21 8.49 -31.20
CA ASP D 193 -8.99 7.90 -30.68
C ASP D 193 -7.97 7.88 -31.80
N THR D 194 -6.73 7.56 -31.47
CA THR D 194 -5.67 7.60 -32.48
C THR D 194 -5.90 6.68 -33.68
N GLY D 195 -6.54 5.54 -33.44
CA GLY D 195 -6.83 4.61 -34.52
C GLY D 195 -7.74 5.21 -35.58
N ALA D 196 -8.70 6.03 -35.15
CA ALA D 196 -9.60 6.68 -36.10
C ALA D 196 -8.86 7.71 -36.95
N TYR D 197 -7.84 8.32 -36.38
CA TYR D 197 -7.01 9.20 -37.13
C TYR D 197 -6.20 8.40 -38.17
N TRP D 198 -5.53 7.35 -37.74
CA TRP D 198 -4.77 6.51 -38.68
C TRP D 198 -5.66 5.99 -39.82
N ARG D 199 -6.85 5.49 -39.51
CA ARG D 199 -7.80 5.03 -40.54
C ARG D 199 -8.29 6.16 -41.47
N SER D 200 -8.31 7.39 -40.97
CA SER D 200 -8.86 8.50 -41.77
C SER D 200 -8.07 8.70 -43.04
N TRP D 201 -6.80 8.29 -43.01
CA TRP D 201 -5.92 8.42 -44.18
C TRP D 201 -6.38 7.68 -45.45
N TYR D 202 -7.35 6.76 -45.32
CA TYR D 202 -7.87 6.04 -46.47
C TYR D 202 -9.14 6.66 -47.04
N ASN D 203 -9.58 7.77 -46.44
N ASN D 203 -9.58 7.77 -46.44
CA ASN D 203 -10.76 8.50 -46.88
CA ASN D 203 -10.76 8.50 -46.88
C ASN D 203 -11.84 7.59 -47.43
C ASN D 203 -11.84 7.58 -47.43
N SER D 204 -12.34 6.70 -46.57
CA SER D 204 -13.37 5.75 -46.95
C SER D 204 -14.27 5.50 -45.76
N PRO D 205 -15.54 5.89 -45.86
CA PRO D 205 -16.41 5.62 -44.68
C PRO D 205 -16.57 4.13 -44.36
N THR D 206 -16.34 3.28 -45.35
CA THR D 206 -16.53 1.84 -45.23
C THR D 206 -15.22 0.99 -45.06
N PHE D 207 -14.14 1.62 -44.65
CA PHE D 207 -12.80 1.00 -44.64
C PHE D 207 -12.72 -0.34 -43.93
N GLU D 208 -13.16 -0.42 -42.69
CA GLU D 208 -13.06 -1.67 -41.93
C GLU D 208 -13.91 -2.77 -42.52
N ASP D 209 -15.12 -2.45 -42.96
CA ASP D 209 -15.96 -3.42 -43.67
C ASP D 209 -15.32 -3.89 -44.97
N ASP D 210 -14.78 -2.96 -45.74
CA ASP D 210 -14.12 -3.34 -46.99
C ASP D 210 -12.92 -4.26 -46.78
N LEU D 211 -12.11 -3.97 -45.75
CA LEU D 211 -11.00 -4.85 -45.39
C LEU D 211 -11.46 -6.24 -45.02
N GLU D 212 -12.48 -6.30 -44.18
CA GLU D 212 -13.03 -7.59 -43.75
C GLU D 212 -13.54 -8.43 -44.94
N HIS D 213 -14.21 -7.79 -45.90
CA HIS D 213 -14.74 -8.48 -47.08
CA HIS D 213 -14.73 -8.47 -47.11
C HIS D 213 -13.59 -9.03 -47.94
N LEU D 214 -12.48 -8.28 -48.00
CA LEU D 214 -11.28 -8.73 -48.70
C LEU D 214 -10.71 -9.95 -48.01
N TYR D 215 -10.56 -9.87 -46.68
CA TYR D 215 -10.02 -11.01 -45.95
C TYR D 215 -10.89 -12.28 -46.12
N GLN D 216 -12.22 -12.14 -46.14
CA GLN D 216 -13.06 -13.33 -46.29
C GLN D 216 -12.75 -14.01 -47.62
N GLN D 217 -12.41 -13.25 -48.66
CA GLN D 217 -12.03 -13.85 -49.94
C GLN D 217 -10.69 -14.53 -49.91
N LEU D 218 -9.80 -14.05 -49.07
CA LEU D 218 -8.42 -14.52 -49.05
C LEU D 218 -8.22 -15.63 -48.05
N GLU D 219 -9.09 -15.75 -47.06
CA GLU D 219 -8.86 -16.71 -46.00
C GLU D 219 -8.73 -18.16 -46.49
N PRO D 220 -9.52 -18.59 -47.48
CA PRO D 220 -9.38 -20.01 -47.84
C PRO D 220 -7.98 -20.33 -48.37
N LEU D 221 -7.36 -19.37 -49.04
CA LEU D 221 -6.03 -19.57 -49.57
C LEU D 221 -5.07 -19.78 -48.41
N TYR D 222 -5.19 -18.92 -47.40
CA TYR D 222 -4.35 -19.10 -46.20
C TYR D 222 -4.58 -20.43 -45.48
N LEU D 223 -5.83 -20.79 -45.26
CA LEU D 223 -6.12 -22.06 -44.56
C LEU D 223 -5.49 -23.26 -45.24
N ASN D 224 -5.54 -23.29 -46.56
CA ASN D 224 -4.98 -24.39 -47.33
C ASN D 224 -3.44 -24.39 -47.28
N LEU D 225 -2.84 -23.21 -47.41
CA LEU D 225 -1.39 -23.11 -47.28
C LEU D 225 -0.94 -23.59 -45.90
N HIS D 226 -1.65 -23.10 -44.89
CA HIS D 226 -1.38 -23.41 -43.49
C HIS D 226 -1.39 -24.93 -43.30
N ALA D 227 -2.42 -25.58 -43.82
CA ALA D 227 -2.60 -27.04 -43.58
C ALA D 227 -1.49 -27.84 -44.23
N PHE D 228 -1.09 -27.40 -45.42
CA PHE D 228 -0.04 -28.07 -46.16
C PHE D 228 1.29 -27.89 -45.43
N VAL D 229 1.57 -26.67 -44.99
CA VAL D 229 2.80 -26.40 -44.25
C VAL D 229 2.87 -27.13 -42.91
N ARG D 230 1.76 -27.12 -42.18
CA ARG D 230 1.70 -27.87 -40.93
C ARG D 230 2.05 -29.35 -41.14
N ARG D 231 1.48 -29.96 -42.18
CA ARG D 231 1.86 -31.33 -42.55
C ARG D 231 3.37 -31.49 -42.84
N ALA D 232 3.94 -30.60 -43.66
CA ALA D 232 5.37 -30.66 -43.96
C ALA D 232 6.19 -30.57 -42.67
N LEU D 233 5.76 -29.70 -41.76
CA LEU D 233 6.42 -29.59 -40.48
C LEU D 233 6.26 -30.86 -39.62
N HIS D 234 5.08 -31.46 -39.66
CA HIS D 234 4.80 -32.68 -38.89
C HIS D 234 5.78 -33.79 -39.29
N ARG D 235 6.07 -33.88 -40.58
CA ARG D 235 6.95 -34.90 -41.11
C ARG D 235 8.39 -34.71 -40.68
N ARG D 236 8.72 -33.49 -40.24
CA ARG D 236 10.06 -33.19 -39.76
C ARG D 236 10.20 -33.13 -38.26
N TYR D 237 9.27 -32.47 -37.58
CA TYR D 237 9.32 -32.31 -36.12
C TYR D 237 8.58 -33.40 -35.35
N GLY D 238 7.65 -34.08 -36.02
CA GLY D 238 6.97 -35.21 -35.42
C GLY D 238 5.79 -34.81 -34.56
N ASP D 239 5.14 -35.83 -34.04
CA ASP D 239 3.86 -35.70 -33.36
C ASP D 239 3.94 -34.98 -32.00
N ARG D 240 5.12 -34.90 -31.42
CA ARG D 240 5.27 -34.27 -30.11
C ARG D 240 5.14 -32.73 -30.26
N TYR D 241 5.66 -32.21 -31.36
CA TYR D 241 5.76 -30.78 -31.54
C TYR D 241 4.79 -30.20 -32.55
N ILE D 242 4.13 -31.05 -33.32
CA ILE D 242 3.18 -30.60 -34.31
C ILE D 242 1.89 -31.37 -34.11
N ASN D 243 0.80 -30.64 -33.92
CA ASN D 243 -0.55 -31.19 -33.82
C ASN D 243 -1.28 -30.91 -35.13
N LEU D 244 -1.64 -31.95 -35.85
CA LEU D 244 -2.23 -31.81 -37.18
C LEU D 244 -3.62 -31.21 -37.19
N ARG D 245 -4.24 -31.07 -36.00
CA ARG D 245 -5.49 -30.34 -35.87
C ARG D 245 -5.40 -29.13 -34.93
N GLY D 246 -4.18 -28.65 -34.69
CA GLY D 246 -3.94 -27.55 -33.78
C GLY D 246 -3.13 -26.44 -34.44
N PRO D 247 -2.98 -25.30 -33.74
CA PRO D 247 -2.18 -24.22 -34.26
C PRO D 247 -0.71 -24.62 -34.37
N ILE D 248 0.00 -24.01 -35.31
CA ILE D 248 1.43 -24.30 -35.49
C ILE D 248 2.25 -23.54 -34.45
N PRO D 249 3.23 -24.20 -33.81
CA PRO D 249 4.04 -23.40 -32.88
C PRO D 249 4.72 -22.21 -33.55
N ALA D 250 4.60 -21.04 -32.93
CA ALA D 250 4.89 -19.77 -33.55
C ALA D 250 6.36 -19.54 -34.00
N HIS D 251 7.27 -20.41 -33.58
CA HIS D 251 8.69 -20.27 -33.88
C HIS D 251 9.26 -21.15 -35.02
N LEU D 252 8.40 -21.87 -35.73
CA LEU D 252 8.85 -22.88 -36.66
C LEU D 252 8.71 -22.50 -38.14
N LEU D 253 8.37 -21.24 -38.43
CA LEU D 253 7.94 -20.84 -39.76
C LEU D 253 8.94 -19.97 -40.49
N GLY D 254 10.13 -19.84 -39.92
CA GLY D 254 11.24 -19.25 -40.61
C GLY D 254 11.44 -17.79 -40.28
N ASP D 255 10.62 -17.26 -39.39
CA ASP D 255 10.54 -15.82 -39.16
C ASP D 255 10.12 -15.59 -37.70
N MET D 256 10.67 -14.55 -37.07
CA MET D 256 10.43 -14.31 -35.63
C MET D 256 8.93 -14.13 -35.31
N TRP D 257 8.17 -13.58 -36.26
CA TRP D 257 6.76 -13.26 -36.09
C TRP D 257 5.85 -14.18 -36.88
N ALA D 258 6.44 -15.22 -37.45
CA ALA D 258 5.73 -16.15 -38.32
C ALA D 258 5.01 -15.39 -39.42
N GLN D 259 5.55 -14.25 -39.84
CA GLN D 259 4.76 -13.39 -40.72
C GLN D 259 4.98 -13.69 -42.18
N SER D 260 6.08 -14.34 -42.52
CA SER D 260 6.25 -14.91 -43.85
C SER D 260 7.10 -16.14 -43.71
N TRP D 261 6.84 -17.10 -44.57
CA TRP D 261 7.33 -18.43 -44.35
C TRP D 261 8.34 -18.90 -45.37
N GLU D 262 8.86 -17.98 -46.15
CA GLU D 262 9.70 -18.40 -47.27
C GLU D 262 11.02 -19.05 -46.83
N ASN D 263 11.46 -18.79 -45.59
CA ASN D 263 12.69 -19.44 -45.12
C ASN D 263 12.59 -20.96 -44.85
N ILE D 264 11.37 -21.50 -44.83
CA ILE D 264 11.18 -22.95 -44.70
C ILE D 264 10.76 -23.54 -46.05
N TYR D 265 10.94 -22.79 -47.14
CA TYR D 265 10.68 -23.32 -48.47
C TYR D 265 11.31 -24.72 -48.66
N ASP D 266 12.55 -24.88 -48.22
CA ASP D 266 13.26 -26.13 -48.46
C ASP D 266 12.52 -27.32 -47.82
N MET D 267 11.73 -27.09 -46.79
CA MET D 267 10.96 -28.15 -46.15
C MET D 267 9.60 -28.39 -46.79
N VAL D 268 9.11 -27.43 -47.58
CA VAL D 268 7.78 -27.55 -48.12
C VAL D 268 7.73 -27.72 -49.63
N VAL D 269 8.87 -27.50 -50.31
CA VAL D 269 8.94 -27.52 -51.77
C VAL D 269 8.34 -28.82 -52.31
N PRO D 270 7.28 -28.70 -53.12
CA PRO D 270 6.53 -29.84 -53.60
C PRO D 270 7.34 -30.79 -54.45
N PHE D 271 8.17 -30.23 -55.34
CA PHE D 271 8.91 -31.01 -56.31
C PHE D 271 10.39 -30.63 -56.24
N PRO D 272 11.14 -31.20 -55.25
CA PRO D 272 12.53 -30.77 -55.03
C PRO D 272 13.53 -31.14 -56.13
N ASP D 273 13.09 -31.86 -57.17
CA ASP D 273 13.94 -32.23 -58.30
C ASP D 273 14.01 -31.16 -59.40
N LYS D 274 13.15 -30.15 -59.29
CA LYS D 274 13.15 -29.03 -60.25
C LYS D 274 14.22 -28.02 -59.84
N PRO D 275 14.41 -26.96 -60.63
CA PRO D 275 15.48 -26.02 -60.24
C PRO D 275 15.22 -25.44 -58.84
N ASN D 276 16.29 -25.25 -58.10
CA ASN D 276 16.22 -24.65 -56.78
C ASN D 276 15.89 -23.16 -56.84
N LEU D 277 14.69 -22.76 -56.39
CA LEU D 277 14.23 -21.37 -56.53
C LEU D 277 14.70 -20.40 -55.43
N ASP D 278 15.30 -20.92 -54.37
CA ASP D 278 15.93 -20.06 -53.41
C ASP D 278 17.39 -19.85 -53.87
N VAL D 279 17.65 -18.67 -54.41
CA VAL D 279 18.94 -18.36 -55.01
C VAL D 279 19.94 -17.83 -53.96
N THR D 280 19.57 -17.87 -52.68
CA THR D 280 20.46 -17.35 -51.64
C THR D 280 21.86 -17.97 -51.72
N SER D 281 21.94 -19.28 -51.88
CA SER D 281 23.26 -19.96 -51.91
C SER D 281 24.05 -19.57 -53.16
N THR D 282 23.35 -19.27 -54.25
CA THR D 282 24.05 -18.80 -55.45
C THR D 282 24.58 -17.37 -55.23
N MET D 283 23.80 -16.54 -54.54
CA MET D 283 24.26 -15.18 -54.23
C MET D 283 25.54 -15.24 -53.40
N LEU D 284 25.54 -16.15 -52.43
CA LEU D 284 26.73 -16.29 -51.58
C LEU D 284 27.87 -16.88 -52.38
N GLN D 285 27.61 -17.92 -53.17
CA GLN D 285 28.67 -18.53 -53.99
C GLN D 285 29.30 -17.49 -54.91
N GLN D 286 28.49 -16.62 -55.48
CA GLN D 286 29.00 -15.58 -56.41
C GLN D 286 29.59 -14.34 -55.70
N GLY D 287 29.46 -14.27 -54.38
CA GLY D 287 30.04 -13.16 -53.61
C GLY D 287 29.30 -11.84 -53.69
N TRP D 288 27.97 -11.91 -53.82
CA TRP D 288 27.18 -10.69 -53.78
C TRP D 288 27.34 -10.04 -52.41
N GLN D 289 27.36 -8.72 -52.42
CA GLN D 289 27.39 -7.90 -51.22
CA GLN D 289 27.40 -7.89 -51.22
C GLN D 289 26.26 -6.89 -51.31
N ALA D 290 26.08 -6.11 -50.23
CA ALA D 290 25.00 -5.13 -50.18
C ALA D 290 25.01 -4.17 -51.36
N THR D 291 26.17 -3.63 -51.72
CA THR D 291 26.27 -2.73 -52.85
C THR D 291 25.71 -3.32 -54.12
N HIS D 292 26.04 -4.58 -54.41
CA HIS D 292 25.56 -5.22 -55.63
C HIS D 292 24.05 -5.30 -55.61
N MET D 293 23.50 -5.62 -54.44
CA MET D 293 22.07 -5.75 -54.31
C MET D 293 21.37 -4.44 -54.64
N PHE D 294 21.88 -3.35 -54.08
CA PHE D 294 21.30 -2.07 -54.32
C PHE D 294 21.48 -1.59 -55.76
N ARG D 295 22.63 -1.88 -56.38
CA ARG D 295 22.83 -1.48 -57.78
C ARG D 295 21.94 -2.27 -58.74
N VAL D 296 21.74 -3.53 -58.44
CA VAL D 296 20.89 -4.37 -59.27
C VAL D 296 19.43 -3.93 -59.16
N ALA D 297 18.97 -3.60 -57.96
CA ALA D 297 17.63 -3.01 -57.81
C ALA D 297 17.52 -1.70 -58.59
N GLU D 298 18.48 -0.81 -58.37
CA GLU D 298 18.53 0.45 -59.11
C GLU D 298 18.34 0.25 -60.62
N GLU D 299 19.07 -0.73 -61.15
CA GLU D 299 19.09 -0.92 -62.60
C GLU D 299 17.75 -1.40 -63.11
N PHE D 300 16.99 -2.15 -62.31
CA PHE D 300 15.61 -2.46 -62.68
C PHE D 300 14.81 -1.15 -62.81
N PHE D 301 14.94 -0.23 -61.85
CA PHE D 301 14.22 1.04 -61.96
C PHE D 301 14.60 1.83 -63.21
N THR D 302 15.91 1.94 -63.48
CA THR D 302 16.34 2.66 -64.64
C THR D 302 15.90 1.95 -65.93
N SER D 303 15.77 0.64 -65.92
CA SER D 303 15.29 -0.09 -67.10
C SER D 303 13.88 0.37 -67.50
N LEU D 304 13.10 0.80 -66.52
CA LEU D 304 11.75 1.30 -66.76
C LEU D 304 11.74 2.79 -67.05
N GLU D 305 12.93 3.39 -67.17
CA GLU D 305 13.09 4.85 -67.30
C GLU D 305 12.56 5.62 -66.12
N LEU D 306 12.70 5.03 -64.93
CA LEU D 306 12.50 5.76 -63.68
C LEU D 306 13.87 6.25 -63.22
N SER D 307 13.93 6.95 -62.10
CA SER D 307 15.15 7.63 -61.76
C SER D 307 16.16 6.71 -61.10
N PRO D 308 17.46 6.91 -61.42
CA PRO D 308 18.54 6.32 -60.64
C PRO D 308 18.56 6.95 -59.25
N MET D 309 19.23 6.29 -58.31
CA MET D 309 19.43 6.89 -56.99
C MET D 309 20.50 7.98 -57.15
N PRO D 310 20.25 9.16 -56.54
CA PRO D 310 21.22 10.24 -56.71
C PRO D 310 22.44 10.04 -55.85
N PRO D 311 23.50 10.83 -56.12
CA PRO D 311 24.74 10.77 -55.35
C PRO D 311 24.54 10.89 -53.85
N GLU D 312 23.65 11.79 -53.42
CA GLU D 312 23.34 11.94 -51.99
C GLU D 312 22.83 10.65 -51.31
N PHE D 313 22.12 9.83 -52.06
CA PHE D 313 21.67 8.50 -51.58
C PHE D 313 22.85 7.57 -51.32
N TRP D 314 23.76 7.47 -52.28
CA TRP D 314 24.92 6.60 -52.13
C TRP D 314 25.82 7.11 -51.02
N GLU D 315 25.99 8.43 -50.91
CA GLU D 315 26.91 8.98 -49.93
C GLU D 315 26.39 8.85 -48.50
N GLY D 316 25.08 9.02 -48.33
CA GLY D 316 24.50 9.15 -46.98
C GLY D 316 23.82 7.90 -46.44
N SER D 317 23.52 6.94 -47.32
CA SER D 317 22.77 5.75 -46.92
C SER D 317 23.58 4.83 -46.00
N MET D 318 22.90 4.12 -45.11
CA MET D 318 23.53 3.06 -44.31
C MET D 318 23.03 1.71 -44.85
N LEU D 319 23.88 1.04 -45.63
CA LEU D 319 23.48 -0.18 -46.35
C LEU D 319 23.93 -1.47 -45.69
N GLU D 320 24.75 -1.36 -44.64
CA GLU D 320 25.14 -2.51 -43.83
C GLU D 320 25.13 -2.13 -42.35
N LYS D 321 25.03 -3.13 -41.48
CA LYS D 321 25.16 -2.89 -40.06
C LYS D 321 26.59 -2.39 -39.76
N PRO D 322 26.72 -1.23 -39.09
CA PRO D 322 28.06 -0.75 -38.76
C PRO D 322 28.91 -1.81 -38.06
N ALA D 323 30.17 -1.91 -38.47
CA ALA D 323 31.12 -2.90 -37.95
C ALA D 323 31.81 -2.48 -36.66
N ASP D 324 31.60 -1.26 -36.22
CA ASP D 324 32.22 -0.73 -35.02
C ASP D 324 31.35 -1.06 -33.81
N GLY D 325 31.65 -0.44 -32.68
CA GLY D 325 30.82 -0.59 -31.49
C GLY D 325 29.72 0.46 -31.45
N ARG D 326 28.60 0.18 -32.12
CA ARG D 326 27.54 1.18 -32.29
C ARG D 326 26.19 0.55 -32.43
N GLU D 327 25.24 0.96 -31.58
CA GLU D 327 23.84 0.49 -31.64
C GLU D 327 23.08 1.25 -32.74
N VAL D 328 22.30 0.53 -33.55
CA VAL D 328 21.48 1.14 -34.58
C VAL D 328 20.08 0.54 -34.61
N VAL D 329 19.14 1.24 -35.23
CA VAL D 329 17.86 0.66 -35.59
C VAL D 329 18.07 -0.10 -36.90
N CYS D 330 18.12 -1.42 -36.83
CA CYS D 330 18.36 -2.22 -38.02
C CYS D 330 17.17 -2.36 -38.94
N HIS D 331 15.96 -2.24 -38.40
CA HIS D 331 14.78 -2.47 -39.20
C HIS D 331 14.80 -1.60 -40.44
N ALA D 332 14.64 -2.22 -41.60
CA ALA D 332 14.86 -1.52 -42.89
C ALA D 332 13.90 -0.35 -43.03
N SER D 333 14.39 0.81 -43.48
CA SER D 333 13.53 1.99 -43.71
C SER D 333 14.07 2.92 -44.79
N ALA D 334 13.15 3.67 -45.39
CA ALA D 334 13.44 4.63 -46.47
C ALA D 334 13.12 6.02 -46.01
N TRP D 335 13.99 6.98 -46.31
CA TRP D 335 13.96 8.30 -45.68
C TRP D 335 13.90 9.44 -46.68
N ASP D 336 12.86 10.28 -46.54
CA ASP D 336 12.77 11.56 -47.24
C ASP D 336 13.13 12.67 -46.25
N PHE D 337 14.11 13.50 -46.63
CA PHE D 337 14.58 14.57 -45.75
C PHE D 337 13.86 15.91 -46.01
N TYR D 338 12.93 15.90 -46.97
CA TYR D 338 12.11 17.05 -47.30
C TYR D 338 12.87 18.26 -47.83
N ASN D 339 14.11 18.06 -48.26
CA ASN D 339 14.86 19.14 -48.85
C ASN D 339 15.01 18.94 -50.35
N ARG D 340 14.29 17.98 -50.91
N ARG D 340 14.30 17.97 -50.90
CA ARG D 340 14.32 17.65 -52.34
CA ARG D 340 14.32 17.65 -52.33
C ARG D 340 15.68 17.17 -52.84
C ARG D 340 15.69 17.19 -52.84
N LYS D 341 16.59 16.84 -51.93
CA LYS D 341 17.98 16.48 -52.28
C LYS D 341 18.46 15.23 -51.57
N ASP D 342 18.23 15.14 -50.25
CA ASP D 342 18.67 14.01 -49.48
C ASP D 342 17.58 12.95 -49.35
N PHE D 343 17.93 11.72 -49.73
CA PHE D 343 17.05 10.54 -49.71
C PHE D 343 17.95 9.35 -49.40
N ARG D 344 17.59 8.55 -48.40
CA ARG D 344 18.46 7.51 -47.92
C ARG D 344 17.72 6.24 -47.51
N ILE D 345 18.43 5.11 -47.62
CA ILE D 345 17.96 3.86 -47.06
C ILE D 345 18.85 3.52 -45.85
N LYS D 346 18.21 3.01 -44.79
CA LYS D 346 18.91 2.52 -43.61
C LYS D 346 18.52 1.06 -43.42
N GLN D 347 19.44 0.17 -43.78
CA GLN D 347 19.18 -1.27 -43.78
C GLN D 347 20.42 -2.05 -43.38
N CYS D 348 20.26 -2.94 -42.40
CA CYS D 348 21.31 -3.85 -42.03
C CYS D 348 21.35 -5.05 -42.99
N THR D 349 21.72 -4.77 -44.23
CA THR D 349 21.56 -5.70 -45.31
C THR D 349 22.31 -7.00 -45.13
N ARG D 350 21.61 -8.11 -45.35
CA ARG D 350 22.21 -9.43 -45.36
C ARG D 350 22.08 -9.98 -46.78
N VAL D 351 23.01 -10.84 -47.17
CA VAL D 351 23.01 -11.39 -48.52
C VAL D 351 22.09 -12.62 -48.58
N THR D 352 20.84 -12.36 -48.92
CA THR D 352 19.86 -13.40 -49.10
C THR D 352 18.86 -12.91 -50.15
N MET D 353 18.12 -13.86 -50.70
CA MET D 353 17.06 -13.54 -51.68
C MET D 353 15.97 -12.67 -51.08
N ASP D 354 15.52 -12.99 -49.87
CA ASP D 354 14.47 -12.18 -49.23
C ASP D 354 14.97 -10.78 -48.95
N GLN D 355 16.24 -10.63 -48.58
CA GLN D 355 16.84 -9.27 -48.47
C GLN D 355 16.88 -8.51 -49.80
N LEU D 356 17.08 -9.21 -50.91
CA LEU D 356 17.09 -8.56 -52.20
C LEU D 356 15.70 -7.99 -52.47
N SER D 357 14.67 -8.75 -52.09
CA SER D 357 13.31 -8.23 -52.26
C SER D 357 13.10 -7.01 -51.36
N THR D 358 13.57 -7.08 -50.12
CA THR D 358 13.49 -5.94 -49.22
C THR D 358 14.22 -4.70 -49.78
N VAL D 359 15.37 -4.89 -50.40
CA VAL D 359 16.06 -3.78 -51.05
C VAL D 359 15.14 -3.09 -52.07
N HIS D 360 14.44 -3.90 -52.88
CA HIS D 360 13.49 -3.37 -53.86
C HIS D 360 12.34 -2.62 -53.15
N HIS D 361 11.82 -3.20 -52.05
CA HIS D 361 10.76 -2.55 -51.27
C HIS D 361 11.19 -1.15 -50.81
N GLU D 362 12.36 -1.07 -50.22
CA GLU D 362 12.86 0.22 -49.73
C GLU D 362 13.14 1.18 -50.86
N MET D 363 13.72 0.67 -51.95
CA MET D 363 14.02 1.54 -53.09
C MET D 363 12.73 2.03 -53.76
N GLY D 364 11.65 1.25 -53.65
CA GLY D 364 10.35 1.72 -54.11
C GLY D 364 9.89 3.00 -53.39
N HIS D 365 10.14 3.06 -52.09
CA HIS D 365 9.82 4.25 -51.28
C HIS D 365 10.60 5.44 -51.78
N ILE D 366 11.89 5.22 -52.05
CA ILE D 366 12.77 6.29 -52.49
C ILE D 366 12.31 6.78 -53.85
N GLN D 367 11.95 5.86 -54.74
CA GLN D 367 11.54 6.25 -56.09
C GLN D 367 10.33 7.16 -56.01
N TYR D 368 9.38 6.82 -55.14
CA TYR D 368 8.21 7.67 -54.85
C TYR D 368 8.68 9.08 -54.48
N TYR D 369 9.60 9.17 -53.52
CA TYR D 369 10.11 10.44 -53.02
C TYR D 369 10.77 11.25 -54.16
N LEU D 370 11.53 10.58 -55.00
CA LEU D 370 12.17 11.28 -56.13
C LEU D 370 11.13 11.83 -57.09
N GLN D 371 10.05 11.09 -57.29
CA GLN D 371 9.07 11.50 -58.30
C GLN D 371 8.14 12.62 -57.85
N TYR D 372 7.95 12.76 -56.55
CA TYR D 372 7.06 13.78 -56.03
C TYR D 372 7.76 14.91 -55.25
N LYS D 373 9.10 14.99 -55.36
CA LYS D 373 9.85 15.93 -54.55
C LYS D 373 9.52 17.39 -54.82
N ASP D 374 8.89 17.70 -55.95
CA ASP D 374 8.57 19.10 -56.26
C ASP D 374 7.13 19.50 -55.97
N LEU D 375 6.36 18.56 -55.45
CA LEU D 375 5.06 18.91 -54.93
C LEU D 375 5.24 19.71 -53.64
N PRO D 376 4.23 20.52 -53.30
CA PRO D 376 4.15 21.11 -51.99
C PRO D 376 4.33 20.06 -50.91
N VAL D 377 5.09 20.40 -49.89
CA VAL D 377 5.55 19.44 -48.92
C VAL D 377 4.41 18.61 -48.29
N SER D 378 3.24 19.20 -48.09
CA SER D 378 2.04 18.49 -47.55
C SER D 378 1.58 17.35 -48.45
N LEU D 379 1.85 17.46 -49.75
CA LEU D 379 1.43 16.48 -50.73
C LEU D 379 2.50 15.39 -51.07
N ARG D 380 3.62 15.40 -50.37
CA ARG D 380 4.70 14.43 -50.55
C ARG D 380 4.45 13.19 -49.69
N ARG D 381 3.47 12.44 -50.12
CA ARG D 381 3.02 11.21 -49.47
C ARG D 381 2.46 10.33 -50.55
N GLY D 382 2.25 9.07 -50.25
CA GLY D 382 1.63 8.17 -51.23
C GLY D 382 0.15 8.50 -51.32
N ALA D 383 -0.48 8.11 -52.40
CA ALA D 383 -1.90 8.40 -52.57
C ALA D 383 -2.68 7.86 -51.35
N ASN D 384 -2.29 6.71 -50.82
CA ASN D 384 -2.48 6.35 -49.39
C ASN D 384 -1.23 5.58 -48.94
N PRO D 385 -1.12 5.28 -47.64
CA PRO D 385 0.12 4.63 -47.24
C PRO D 385 0.36 3.27 -47.89
N GLY D 386 -0.71 2.59 -48.25
CA GLY D 386 -0.61 1.29 -48.91
C GLY D 386 0.08 1.41 -50.27
N PHE D 387 -0.21 2.49 -51.00
CA PHE D 387 0.48 2.75 -52.29
C PHE D 387 2.01 2.79 -52.07
N HIS D 388 2.45 3.56 -51.08
CA HIS D 388 3.88 3.68 -50.77
C HIS D 388 4.53 2.31 -50.53
N GLU D 389 3.86 1.45 -49.79
CA GLU D 389 4.38 0.13 -49.51
C GLU D 389 4.37 -0.83 -50.70
N ALA D 390 3.54 -0.56 -51.71
CA ALA D 390 3.35 -1.49 -52.81
C ALA D 390 4.38 -1.29 -53.92
N ILE D 391 4.94 -0.09 -54.04
CA ILE D 391 5.75 0.23 -55.22
C ILE D 391 6.92 -0.73 -55.44
N GLY D 392 7.80 -0.84 -54.45
CA GLY D 392 8.98 -1.70 -54.59
C GLY D 392 8.60 -3.17 -54.72
N ASP D 393 7.53 -3.58 -54.03
CA ASP D 393 7.09 -4.96 -54.06
C ASP D 393 6.62 -5.37 -55.46
N VAL D 394 6.00 -4.47 -56.20
CA VAL D 394 5.62 -4.79 -57.58
C VAL D 394 6.82 -5.11 -58.47
N LEU D 395 7.88 -4.32 -58.37
CA LEU D 395 9.09 -4.66 -59.12
C LEU D 395 9.66 -6.01 -58.66
N ALA D 396 9.64 -6.27 -57.35
CA ALA D 396 10.19 -7.50 -56.84
C ALA D 396 9.41 -8.69 -57.35
N LEU D 397 8.12 -8.52 -57.66
CA LEU D 397 7.35 -9.61 -58.28
C LEU D 397 7.97 -10.04 -59.62
N SER D 398 8.43 -9.06 -60.42
CA SER D 398 9.09 -9.37 -61.69
C SER D 398 10.48 -10.01 -61.46
N VAL D 399 11.23 -9.44 -60.52
CA VAL D 399 12.57 -9.87 -60.24
C VAL D 399 12.61 -11.32 -59.78
N SER D 400 11.61 -11.73 -59.00
CA SER D 400 11.60 -13.07 -58.42
C SER D 400 11.23 -14.19 -59.41
N THR D 401 10.66 -13.88 -60.57
CA THR D 401 10.37 -14.93 -61.53
C THR D 401 11.65 -15.67 -61.94
N PRO D 402 11.57 -17.02 -62.11
CA PRO D 402 12.68 -17.83 -62.66
C PRO D 402 13.31 -17.23 -63.93
N GLU D 403 12.49 -16.75 -64.85
CA GLU D 403 12.98 -16.10 -66.06
C GLU D 403 13.84 -14.88 -65.74
N HIS D 404 13.36 -14.02 -64.86
CA HIS D 404 14.17 -12.87 -64.50
C HIS D 404 15.47 -13.26 -63.78
N LEU D 405 15.37 -14.18 -62.84
CA LEU D 405 16.56 -14.59 -62.11
C LEU D 405 17.61 -15.15 -63.07
N HIS D 406 17.16 -15.78 -64.15
CA HIS D 406 18.08 -16.32 -65.12
C HIS D 406 18.82 -15.18 -65.80
N LYS D 407 18.08 -14.13 -66.14
CA LYS D 407 18.64 -12.96 -66.80
C LYS D 407 19.76 -12.33 -66.00
N ILE D 408 19.67 -12.38 -64.68
CA ILE D 408 20.69 -11.74 -63.84
C ILE D 408 21.69 -12.75 -63.27
N GLY D 409 21.70 -13.95 -63.84
CA GLY D 409 22.73 -14.96 -63.55
C GLY D 409 22.56 -15.65 -62.22
N LEU D 410 21.34 -15.67 -61.69
CA LEU D 410 21.08 -16.26 -60.37
C LEU D 410 20.37 -17.63 -60.41
N LEU D 411 19.99 -18.07 -61.60
CA LEU D 411 19.35 -19.36 -61.77
C LEU D 411 19.66 -19.83 -63.16
N ASP D 412 20.56 -20.79 -63.32
CA ASP D 412 21.03 -21.08 -64.69
C ASP D 412 20.12 -22.08 -65.38
N ARG D 413 19.59 -23.04 -64.62
CA ARG D 413 18.57 -23.94 -65.19
C ARG D 413 17.32 -23.12 -65.49
N VAL D 414 16.68 -23.43 -66.61
CA VAL D 414 15.40 -22.83 -66.93
C VAL D 414 14.42 -23.95 -67.29
N THR D 415 13.14 -23.78 -66.97
CA THR D 415 12.17 -24.83 -67.22
C THR D 415 10.79 -24.19 -67.31
N ASN D 416 9.82 -24.82 -67.97
CA ASN D 416 8.45 -24.29 -68.03
C ASN D 416 7.35 -25.36 -67.98
N ASP D 417 7.31 -26.06 -66.86
CA ASP D 417 6.42 -27.19 -66.69
C ASP D 417 5.54 -26.96 -65.47
N THR D 418 4.56 -27.83 -65.30
CA THR D 418 3.54 -27.59 -64.30
C THR D 418 4.13 -27.71 -62.89
N GLU D 419 5.10 -28.61 -62.71
CA GLU D 419 5.75 -28.77 -61.41
C GLU D 419 6.56 -27.52 -61.03
N SER D 420 7.31 -26.98 -61.97
CA SER D 420 8.12 -25.80 -61.70
C SER D 420 7.24 -24.62 -61.33
N ASP D 421 6.10 -24.51 -62.00
CA ASP D 421 5.11 -23.46 -61.75
C ASP D 421 4.59 -23.53 -60.32
N ILE D 422 4.25 -24.74 -59.89
CA ILE D 422 3.70 -24.97 -58.56
C ILE D 422 4.78 -24.65 -57.51
N ASN D 423 6.02 -25.05 -57.79
CA ASN D 423 7.12 -24.75 -56.91
C ASN D 423 7.22 -23.25 -56.71
N TYR D 424 7.22 -22.50 -57.82
CA TYR D 424 7.32 -21.04 -57.77
C TYR D 424 6.17 -20.35 -57.07
N LEU D 425 4.95 -20.72 -57.43
CA LEU D 425 3.75 -20.20 -56.76
C LEU D 425 3.65 -20.56 -55.29
N LEU D 426 4.14 -21.74 -54.93
CA LEU D 426 4.16 -22.10 -53.52
C LEU D 426 5.14 -21.21 -52.79
N LYS D 427 6.32 -21.03 -53.35
CA LYS D 427 7.30 -20.17 -52.73
C LYS D 427 6.76 -18.74 -52.57
N MET D 428 6.07 -18.20 -53.58
CA MET D 428 5.51 -16.86 -53.50
C MET D 428 4.34 -16.81 -52.51
N ALA D 429 3.62 -17.93 -52.39
CA ALA D 429 2.56 -18.03 -51.40
C ALA D 429 3.16 -17.96 -49.98
N LEU D 430 4.29 -18.61 -49.76
CA LEU D 430 4.93 -18.58 -48.44
C LEU D 430 5.24 -17.13 -48.05
N GLU D 431 5.60 -16.33 -49.04
CA GLU D 431 5.94 -14.93 -48.84
C GLU D 431 4.72 -13.99 -48.74
N LYS D 432 3.71 -14.18 -49.59
CA LYS D 432 2.61 -13.25 -49.75
C LYS D 432 1.34 -13.70 -49.09
N ILE D 433 0.96 -14.96 -49.30
CA ILE D 433 -0.28 -15.44 -48.71
C ILE D 433 -0.14 -15.63 -47.19
N ALA D 434 0.99 -16.19 -46.73
CA ALA D 434 1.19 -16.38 -45.32
C ALA D 434 1.13 -15.07 -44.50
N PHE D 435 1.55 -13.96 -45.12
CA PHE D 435 1.53 -12.63 -44.49
C PHE D 435 0.16 -12.05 -44.25
N LEU D 436 -0.80 -12.37 -45.11
CA LEU D 436 -2.10 -11.74 -45.09
C LEU D 436 -2.74 -11.66 -43.70
N PRO D 437 -2.85 -12.80 -42.99
CA PRO D 437 -3.49 -12.73 -41.66
C PRO D 437 -2.74 -11.83 -40.68
N PHE D 438 -1.42 -11.80 -40.79
CA PHE D 438 -0.61 -10.95 -39.89
C PHE D 438 -0.79 -9.49 -40.25
N GLY D 439 -0.68 -9.18 -41.54
CA GLY D 439 -0.87 -7.81 -42.03
C GLY D 439 -2.24 -7.28 -41.62
N TYR D 440 -3.22 -8.18 -41.48
CA TYR D 440 -4.58 -7.76 -41.10
C TYR D 440 -4.72 -7.59 -39.60
N LEU D 441 -4.11 -8.49 -38.82
CA LEU D 441 -4.42 -8.56 -37.39
C LEU D 441 -3.71 -7.52 -36.53
N VAL D 442 -2.52 -7.08 -36.93
CA VAL D 442 -1.71 -6.16 -36.10
C VAL D 442 -2.50 -4.90 -35.73
N ASP D 443 -3.10 -4.24 -36.71
CA ASP D 443 -3.80 -3.02 -36.40
C ASP D 443 -5.22 -3.30 -35.86
N GLN D 444 -5.76 -4.51 -36.06
CA GLN D 444 -6.96 -4.88 -35.29
C GLN D 444 -6.62 -4.86 -33.80
N TRP D 445 -5.46 -5.43 -33.45
CA TRP D 445 -5.00 -5.34 -32.08
C TRP D 445 -4.83 -3.90 -31.63
N ARG D 446 -4.07 -3.13 -32.38
CA ARG D 446 -3.75 -1.75 -32.02
C ARG D 446 -4.96 -0.81 -32.02
N TRP D 447 -5.87 -0.94 -32.98
CA TRP D 447 -7.11 -0.18 -32.97
C TRP D 447 -7.95 -0.43 -31.71
N GLY D 448 -7.98 -1.67 -31.25
CA GLY D 448 -8.69 -2.01 -30.01
C GLY D 448 -8.00 -1.42 -28.80
N VAL D 449 -6.67 -1.36 -28.86
CA VAL D 449 -5.91 -0.76 -27.78
C VAL D 449 -6.22 0.74 -27.71
N PHE D 450 -6.17 1.41 -28.85
CA PHE D 450 -6.46 2.84 -28.90
C PHE D 450 -7.91 3.16 -28.48
N SER D 451 -8.85 2.29 -28.83
CA SER D 451 -10.26 2.55 -28.49
C SER D 451 -10.57 2.23 -27.03
N GLY D 452 -9.65 1.60 -26.32
CA GLY D 452 -9.91 1.16 -24.95
C GLY D 452 -10.64 -0.17 -24.83
N ARG D 453 -10.97 -0.77 -25.96
CA ARG D 453 -11.54 -2.11 -25.99
C ARG D 453 -10.57 -3.15 -25.39
N THR D 454 -9.28 -2.95 -25.65
CA THR D 454 -8.22 -3.76 -25.11
C THR D 454 -7.37 -2.92 -24.16
N PRO D 455 -7.70 -2.95 -22.86
CA PRO D 455 -6.88 -2.27 -21.87
C PRO D 455 -5.60 -3.03 -21.61
N PRO D 456 -4.67 -2.43 -20.85
CA PRO D 456 -3.40 -3.10 -20.50
C PRO D 456 -3.58 -4.48 -19.90
N SER D 457 -4.64 -4.66 -19.12
CA SER D 457 -4.91 -5.95 -18.52
C SER D 457 -5.19 -7.09 -19.53
N ARG D 458 -5.43 -6.77 -20.80
CA ARG D 458 -5.63 -7.77 -21.85
C ARG D 458 -4.75 -7.57 -23.08
N TYR D 459 -3.64 -6.86 -22.96
CA TYR D 459 -2.73 -6.70 -24.12
C TYR D 459 -2.37 -8.02 -24.78
N ASN D 460 -1.85 -8.95 -23.99
CA ASN D 460 -1.34 -10.21 -24.49
C ASN D 460 -2.43 -11.21 -24.77
N PHE D 461 -3.42 -11.28 -23.90
CA PHE D 461 -4.62 -12.11 -24.10
C PHE D 461 -5.27 -11.83 -25.46
N ASP D 462 -5.48 -10.55 -25.80
CA ASP D 462 -6.11 -10.15 -27.06
C ASP D 462 -5.13 -10.31 -28.24
N TRP D 463 -3.84 -10.17 -28.00
CA TRP D 463 -2.84 -10.39 -29.04
C TRP D 463 -2.85 -11.86 -29.47
N TRP D 464 -2.72 -12.77 -28.51
CA TRP D 464 -2.75 -14.19 -28.83
C TRP D 464 -4.11 -14.69 -29.31
N TYR D 465 -5.20 -14.06 -28.88
CA TYR D 465 -6.52 -14.33 -29.48
C TYR D 465 -6.46 -14.08 -30.99
N LEU D 466 -5.99 -12.90 -31.39
CA LEU D 466 -5.91 -12.53 -32.78
C LEU D 466 -4.90 -13.37 -33.53
N ARG D 467 -3.76 -13.69 -32.91
CA ARG D 467 -2.71 -14.47 -33.58
C ARG D 467 -3.22 -15.86 -33.89
N THR D 468 -3.92 -16.45 -32.93
CA THR D 468 -4.49 -17.79 -33.12
C THR D 468 -5.67 -17.75 -34.11
N LYS D 469 -6.58 -16.80 -33.92
CA LYS D 469 -7.72 -16.60 -34.81
C LYS D 469 -7.34 -16.50 -36.28
N TYR D 470 -6.38 -15.63 -36.59
CA TYR D 470 -6.07 -15.33 -37.97
C TYR D 470 -4.93 -16.19 -38.50
N GLN D 471 -3.81 -16.26 -37.78
CA GLN D 471 -2.68 -17.04 -38.25
C GLN D 471 -2.71 -18.53 -37.92
N GLY D 472 -3.51 -18.97 -36.95
CA GLY D 472 -3.44 -20.38 -36.54
C GLY D 472 -2.10 -20.79 -36.00
N ILE D 473 -1.53 -19.94 -35.15
CA ILE D 473 -0.30 -20.27 -34.45
C ILE D 473 -0.50 -20.12 -32.95
N CYS D 474 0.42 -20.68 -32.19
CA CYS D 474 0.39 -20.63 -30.75
C CYS D 474 1.79 -20.42 -30.21
N PRO D 475 1.89 -19.75 -29.06
CA PRO D 475 3.19 -19.52 -28.45
C PRO D 475 3.76 -20.84 -27.96
N PRO D 476 5.07 -21.04 -28.13
CA PRO D 476 5.63 -22.35 -27.78
C PRO D 476 6.09 -22.45 -26.33
N VAL D 477 5.95 -21.37 -25.57
CA VAL D 477 6.03 -21.39 -24.14
C VAL D 477 4.82 -20.63 -23.62
N THR D 478 4.47 -20.87 -22.37
CA THR D 478 3.33 -20.21 -21.76
C THR D 478 3.58 -18.73 -21.65
N ARG D 479 2.55 -17.93 -21.90
CA ARG D 479 2.61 -16.47 -21.74
C ARG D 479 1.53 -16.00 -20.78
N ASN D 480 1.77 -14.87 -20.13
CA ASN D 480 0.79 -14.24 -19.27
C ASN D 480 0.90 -12.73 -19.51
N GLU D 481 0.16 -11.92 -18.74
CA GLU D 481 0.11 -10.48 -19.04
C GLU D 481 1.34 -9.70 -18.66
N THR D 482 2.31 -10.33 -18.03
CA THR D 482 3.61 -9.69 -17.85
C THR D 482 4.32 -9.64 -19.19
N HIS D 483 4.03 -10.58 -20.06
CA HIS D 483 4.58 -10.55 -21.40
C HIS D 483 3.79 -9.57 -22.22
N PHE D 484 4.49 -8.96 -23.15
CA PHE D 484 3.88 -7.99 -24.07
C PHE D 484 4.36 -8.30 -25.47
N ASP D 485 3.83 -9.38 -26.04
CA ASP D 485 4.43 -9.95 -27.24
C ASP D 485 4.21 -9.07 -28.46
N ALA D 486 3.17 -8.24 -28.45
CA ALA D 486 2.98 -7.27 -29.52
C ALA D 486 4.15 -6.28 -29.56
N GLY D 487 4.70 -5.95 -28.38
CA GLY D 487 5.84 -5.07 -28.27
C GLY D 487 7.12 -5.58 -28.89
N ALA D 488 7.23 -6.88 -29.11
CA ALA D 488 8.44 -7.45 -29.73
C ALA D 488 8.42 -7.46 -31.27
N LYS D 489 7.46 -6.74 -31.85
CA LYS D 489 7.36 -6.51 -33.27
C LYS D 489 7.68 -5.03 -33.50
N PHE D 490 8.67 -4.74 -34.34
CA PHE D 490 9.16 -3.36 -34.55
C PHE D 490 8.12 -2.26 -34.59
N HIS D 491 7.11 -2.42 -35.43
CA HIS D 491 6.17 -1.37 -35.71
C HIS D 491 5.38 -0.88 -34.49
N VAL D 492 5.28 -1.71 -33.46
CA VAL D 492 4.50 -1.36 -32.28
C VAL D 492 5.22 -0.28 -31.44
N PRO D 493 6.40 -0.60 -30.85
CA PRO D 493 7.15 0.43 -30.12
C PRO D 493 7.62 1.60 -31.00
N ASN D 494 7.81 1.37 -32.30
CA ASN D 494 8.20 2.44 -33.21
C ASN D 494 7.03 3.11 -33.88
N VAL D 495 5.83 2.84 -33.39
CA VAL D 495 4.64 3.57 -33.73
C VAL D 495 4.40 3.76 -35.22
N THR D 496 4.57 2.69 -35.98
CA THR D 496 4.34 2.75 -37.41
C THR D 496 3.10 1.95 -37.69
N PRO D 497 2.10 2.57 -38.32
CA PRO D 497 0.87 1.84 -38.66
C PRO D 497 1.14 0.62 -39.55
N TYR D 498 0.27 -0.40 -39.42
CA TYR D 498 0.47 -1.67 -40.11
C TYR D 498 -0.51 -1.99 -41.24
N ILE D 499 -1.74 -1.51 -41.17
CA ILE D 499 -2.73 -1.92 -42.16
C ILE D 499 -2.28 -1.64 -43.61
N ARG D 500 -1.42 -0.62 -43.79
CA ARG D 500 -0.75 -0.34 -45.05
C ARG D 500 -0.14 -1.56 -45.75
N TYR D 501 0.39 -2.51 -44.97
CA TYR D 501 1.00 -3.71 -45.52
C TYR D 501 -0.06 -4.68 -46.02
N PHE D 502 -1.13 -4.88 -45.27
CA PHE D 502 -2.24 -5.69 -45.78
C PHE D 502 -2.77 -5.07 -47.09
N VAL D 503 -2.99 -3.76 -47.08
CA VAL D 503 -3.47 -3.04 -48.25
C VAL D 503 -2.51 -3.23 -49.44
N SER D 504 -1.23 -3.08 -49.13
CA SER D 504 -0.17 -3.21 -50.09
C SER D 504 -0.11 -4.59 -50.73
N PHE D 505 -0.30 -5.63 -49.94
CA PHE D 505 -0.17 -6.98 -50.45
C PHE D 505 -1.30 -7.33 -51.43
N VAL D 506 -2.45 -6.65 -51.33
CA VAL D 506 -3.55 -6.82 -52.32
C VAL D 506 -3.31 -5.94 -53.53
N LEU D 507 -3.05 -4.67 -53.23
CA LEU D 507 -2.77 -3.64 -54.22
C LEU D 507 -1.67 -4.02 -55.21
N GLN D 508 -0.60 -4.64 -54.71
CA GLN D 508 0.56 -4.90 -55.56
C GLN D 508 0.25 -5.83 -56.71
N PHE D 509 -0.73 -6.71 -56.52
CA PHE D 509 -1.17 -7.59 -57.57
C PHE D 509 -2.01 -6.86 -58.58
N GLN D 510 -2.81 -5.89 -58.12
CA GLN D 510 -3.55 -5.00 -59.02
C GLN D 510 -2.59 -4.21 -59.89
N PHE D 511 -1.55 -3.69 -59.26
CA PHE D 511 -0.53 -2.93 -59.97
C PHE D 511 0.19 -3.83 -60.97
N HIS D 512 0.60 -5.00 -60.51
CA HIS D 512 1.36 -5.94 -61.34
C HIS D 512 0.56 -6.32 -62.59
N GLU D 513 -0.71 -6.68 -62.38
CA GLU D 513 -1.61 -6.95 -63.52
C GLU D 513 -1.68 -5.78 -64.52
N ALA D 514 -1.85 -4.57 -64.01
CA ALA D 514 -2.00 -3.41 -64.89
C ALA D 514 -0.69 -3.13 -65.62
N LEU D 515 0.44 -3.25 -64.94
CA LEU D 515 1.73 -2.96 -65.55
C LEU D 515 2.08 -3.98 -66.60
N CYS D 516 1.80 -5.24 -66.29
CA CYS D 516 2.04 -6.34 -67.21
C CYS D 516 1.22 -6.17 -68.51
N LYS D 517 -0.03 -5.74 -68.36
CA LYS D 517 -0.88 -5.47 -69.50
C LYS D 517 -0.35 -4.29 -70.31
N GLU D 518 0.07 -3.23 -69.64
CA GLU D 518 0.59 -2.07 -70.33
C GLU D 518 1.89 -2.42 -71.07
N ALA D 519 2.64 -3.38 -70.53
CA ALA D 519 3.88 -3.79 -71.12
C ALA D 519 3.67 -4.66 -72.38
N GLY D 520 2.44 -5.04 -72.67
CA GLY D 520 2.16 -5.91 -73.77
C GLY D 520 2.36 -7.37 -73.47
N TYR D 521 2.60 -7.74 -72.20
CA TYR D 521 2.82 -9.13 -71.84
C TYR D 521 1.50 -9.90 -71.93
N GLU D 522 1.54 -11.11 -72.50
CA GLU D 522 0.31 -11.88 -72.75
C GLU D 522 0.26 -13.28 -72.15
N GLY D 523 1.30 -13.70 -71.44
CA GLY D 523 1.32 -14.99 -70.77
C GLY D 523 0.67 -15.00 -69.39
N PRO D 524 0.83 -16.10 -68.65
CA PRO D 524 0.34 -16.24 -67.28
C PRO D 524 0.85 -15.07 -66.43
N LEU D 525 -0.02 -14.55 -65.57
CA LEU D 525 0.30 -13.35 -64.81
C LEU D 525 1.54 -13.56 -63.94
N HIS D 526 1.71 -14.76 -63.39
CA HIS D 526 2.82 -15.06 -62.50
C HIS D 526 4.17 -15.32 -63.20
N GLN D 527 4.16 -15.30 -64.53
CA GLN D 527 5.38 -15.36 -65.32
C GLN D 527 5.72 -14.01 -65.97
N CYS D 528 4.94 -12.98 -65.70
CA CYS D 528 5.28 -11.65 -66.21
C CYS D 528 6.57 -11.08 -65.60
N ASP D 529 7.38 -10.48 -66.45
CA ASP D 529 8.49 -9.66 -66.03
C ASP D 529 8.38 -8.34 -66.77
N ILE D 530 8.25 -7.22 -66.05
CA ILE D 530 8.16 -5.89 -66.71
C ILE D 530 9.52 -5.21 -66.96
N TYR D 531 10.62 -5.86 -66.59
CA TYR D 531 11.97 -5.36 -66.86
C TYR D 531 12.07 -4.77 -68.24
N ARG D 532 12.60 -3.56 -68.32
CA ARG D 532 12.85 -2.89 -69.60
C ARG D 532 11.59 -2.44 -70.34
N SER D 533 10.43 -2.50 -69.69
CA SER D 533 9.22 -1.92 -70.26
C SER D 533 9.10 -0.45 -69.91
N THR D 534 9.50 0.41 -70.85
CA THR D 534 9.39 1.85 -70.69
C THR D 534 7.92 2.30 -70.64
N LYS D 535 7.03 1.57 -71.30
CA LYS D 535 5.59 1.80 -71.17
C LYS D 535 5.07 1.51 -69.75
N ALA D 536 5.46 0.40 -69.17
CA ALA D 536 5.01 0.11 -67.80
C ALA D 536 5.57 1.17 -66.85
N GLY D 537 6.79 1.60 -67.14
CA GLY D 537 7.49 2.64 -66.39
C GLY D 537 6.73 3.95 -66.39
N ALA D 538 6.23 4.37 -67.55
CA ALA D 538 5.49 5.64 -67.66
C ALA D 538 4.16 5.57 -66.89
N LYS D 539 3.50 4.40 -66.92
CA LYS D 539 2.25 4.24 -66.20
C LYS D 539 2.47 4.30 -64.67
N LEU D 540 3.52 3.63 -64.19
CA LEU D 540 3.84 3.71 -62.79
C LEU D 540 4.25 5.14 -62.39
N ARG D 541 5.04 5.80 -63.24
CA ARG D 541 5.54 7.14 -62.96
CA ARG D 541 5.53 7.14 -62.96
C ARG D 541 4.39 8.12 -62.68
N LYS D 542 3.31 7.97 -63.43
CA LYS D 542 2.17 8.85 -63.32
C LYS D 542 1.58 8.76 -61.91
N VAL D 543 1.59 7.57 -61.35
CA VAL D 543 1.13 7.36 -59.98
C VAL D 543 2.08 8.05 -59.00
N LEU D 544 3.36 7.79 -59.16
CA LEU D 544 4.34 8.31 -58.22
C LEU D 544 4.36 9.84 -58.20
N ARG D 545 4.18 10.47 -59.35
CA ARG D 545 4.25 11.93 -59.44
C ARG D 545 3.03 12.61 -58.83
N ALA D 546 1.94 11.88 -58.65
CA ALA D 546 0.74 12.42 -58.03
C ALA D 546 0.88 12.68 -56.53
N GLY D 547 1.76 11.96 -55.85
CA GLY D 547 1.85 12.09 -54.39
C GLY D 547 0.43 11.89 -53.83
N SER D 548 0.02 12.75 -52.90
CA SER D 548 -1.34 12.75 -52.34
C SER D 548 -2.13 13.93 -52.86
N SER D 549 -1.85 14.32 -54.09
CA SER D 549 -2.48 15.50 -54.68
C SER D 549 -3.93 15.22 -55.02
N ARG D 550 -4.26 13.95 -55.26
CA ARG D 550 -5.60 13.56 -55.69
C ARG D 550 -6.07 12.31 -54.92
N PRO D 551 -7.39 12.08 -54.86
CA PRO D 551 -7.93 10.92 -54.14
C PRO D 551 -7.33 9.61 -54.66
N TRP D 552 -6.90 8.73 -53.76
CA TRP D 552 -6.31 7.46 -54.18
C TRP D 552 -7.24 6.65 -55.07
N GLN D 553 -8.54 6.72 -54.82
CA GLN D 553 -9.51 5.99 -55.61
C GLN D 553 -9.42 6.38 -57.09
N GLU D 554 -9.24 7.67 -57.35
CA GLU D 554 -9.11 8.17 -58.71
C GLU D 554 -7.77 7.82 -59.34
N VAL D 555 -6.71 7.86 -58.54
CA VAL D 555 -5.38 7.50 -59.03
C VAL D 555 -5.34 6.02 -59.41
N LEU D 556 -5.93 5.19 -58.54
CA LEU D 556 -6.06 3.76 -58.77
C LEU D 556 -6.84 3.51 -60.05
N LYS D 557 -7.97 4.19 -60.23
CA LYS D 557 -8.81 4.01 -61.43
C LYS D 557 -8.01 4.35 -62.71
N ASP D 558 -7.31 5.46 -62.72
CA ASP D 558 -6.47 5.79 -63.86
C ASP D 558 -5.47 4.69 -64.15
N MET D 559 -4.94 4.06 -63.11
CA MET D 559 -3.87 3.10 -63.29
C MET D 559 -4.39 1.73 -63.67
N VAL D 560 -5.40 1.24 -62.98
CA VAL D 560 -5.84 -0.12 -63.14
C VAL D 560 -7.25 -0.27 -63.68
N GLY D 561 -7.99 0.83 -63.80
CA GLY D 561 -9.34 0.76 -64.35
C GLY D 561 -10.42 0.46 -63.32
N LEU D 562 -10.06 0.49 -62.05
CA LEU D 562 -10.98 0.23 -60.97
C LEU D 562 -10.69 1.22 -59.85
N ASP D 563 -11.72 1.71 -59.16
CA ASP D 563 -11.51 2.71 -58.11
C ASP D 563 -11.50 2.13 -56.70
N ALA D 564 -11.29 0.82 -56.57
CA ALA D 564 -11.33 0.16 -55.27
C ALA D 564 -10.27 -0.93 -55.17
N LEU D 565 -9.88 -1.25 -53.94
CA LEU D 565 -9.09 -2.42 -53.66
C LEU D 565 -9.84 -3.66 -54.12
N ASP D 566 -9.15 -4.62 -54.71
CA ASP D 566 -9.78 -5.79 -55.32
C ASP D 566 -8.84 -6.99 -55.26
N ALA D 567 -9.35 -8.12 -54.79
CA ALA D 567 -8.53 -9.30 -54.53
C ALA D 567 -8.34 -10.13 -55.78
N GLN D 568 -9.11 -9.85 -56.83
CA GLN D 568 -9.16 -10.76 -57.96
C GLN D 568 -7.80 -10.91 -58.66
N PRO D 569 -7.03 -9.83 -58.79
CA PRO D 569 -5.71 -10.05 -59.39
C PRO D 569 -4.78 -10.93 -58.55
N LEU D 570 -4.84 -10.83 -57.23
CA LEU D 570 -4.08 -11.76 -56.39
C LEU D 570 -4.58 -13.20 -56.58
N LEU D 571 -5.89 -13.40 -56.60
CA LEU D 571 -6.42 -14.74 -56.76
C LEU D 571 -6.02 -15.32 -58.13
N LYS D 572 -6.03 -14.47 -59.13
CA LYS D 572 -5.67 -14.91 -60.47
C LYS D 572 -4.19 -15.30 -60.54
N TYR D 573 -3.35 -14.53 -59.87
CA TYR D 573 -1.91 -14.79 -59.87
C TYR D 573 -1.62 -16.17 -59.28
N PHE D 574 -2.31 -16.52 -58.20
CA PHE D 574 -2.11 -17.75 -57.46
C PHE D 574 -2.99 -18.95 -57.82
N GLN D 575 -3.91 -18.77 -58.77
CA GLN D 575 -4.92 -19.77 -59.10
C GLN D 575 -4.40 -21.22 -59.21
N LEU D 576 -3.30 -21.44 -59.93
CA LEU D 576 -2.79 -22.80 -60.06
C LEU D 576 -2.45 -23.44 -58.71
N VAL D 577 -1.81 -22.70 -57.82
CA VAL D 577 -1.38 -23.31 -56.55
C VAL D 577 -2.52 -23.34 -55.55
N THR D 578 -3.46 -22.41 -55.67
CA THR D 578 -4.65 -22.44 -54.83
C THR D 578 -5.41 -23.75 -55.09
N GLN D 579 -5.58 -24.11 -56.35
CA GLN D 579 -6.24 -25.34 -56.75
C GLN D 579 -5.43 -26.56 -56.32
N TRP D 580 -4.14 -26.56 -56.59
CA TRP D 580 -3.28 -27.67 -56.22
C TRP D 580 -3.26 -27.93 -54.71
N LEU D 581 -3.17 -26.87 -53.90
CA LEU D 581 -3.11 -27.02 -52.44
C LEU D 581 -4.43 -27.61 -51.91
N GLN D 582 -5.53 -27.13 -52.46
CA GLN D 582 -6.86 -27.63 -52.11
C GLN D 582 -6.95 -29.13 -52.43
N GLU D 583 -6.47 -29.54 -53.59
CA GLU D 583 -6.45 -30.95 -53.96
C GLU D 583 -5.51 -31.78 -53.08
N GLN D 584 -4.30 -31.28 -52.87
CA GLN D 584 -3.36 -32.02 -52.04
C GLN D 584 -3.87 -32.22 -50.63
N ASN D 585 -4.41 -31.18 -50.01
CA ASN D 585 -4.93 -31.28 -48.66
C ASN D 585 -6.12 -32.27 -48.54
N GLN D 586 -7.01 -32.26 -49.53
CA GLN D 586 -8.10 -33.22 -49.56
C GLN D 586 -7.59 -34.64 -49.66
N GLN D 587 -6.68 -34.86 -50.61
CA GLN D 587 -6.08 -36.17 -50.78
C GLN D 587 -5.27 -36.66 -49.58
N ASN D 588 -4.63 -35.75 -48.86
CA ASN D 588 -3.89 -36.11 -47.64
C ASN D 588 -4.78 -36.19 -46.39
N GLY D 589 -6.08 -35.97 -46.54
CA GLY D 589 -7.03 -36.00 -45.42
C GLY D 589 -6.84 -34.92 -44.35
N GLU D 590 -6.42 -33.71 -44.74
CA GLU D 590 -6.11 -32.69 -43.74
C GLU D 590 -7.38 -32.12 -43.18
N VAL D 591 -7.33 -31.64 -41.95
CA VAL D 591 -8.38 -30.77 -41.48
C VAL D 591 -7.92 -29.33 -41.71
N LEU D 592 -8.80 -28.52 -42.27
CA LEU D 592 -8.52 -27.14 -42.51
C LEU D 592 -8.82 -26.40 -41.23
N GLY D 593 -7.87 -25.59 -40.75
CA GLY D 593 -8.05 -24.87 -39.52
C GLY D 593 -7.38 -25.61 -38.37
N TRP D 594 -7.67 -25.14 -37.17
CA TRP D 594 -7.03 -25.62 -35.96
C TRP D 594 -8.06 -25.78 -34.84
N PRO D 595 -8.94 -26.77 -34.98
CA PRO D 595 -10.02 -26.92 -33.99
C PRO D 595 -9.56 -27.22 -32.56
N GLU D 596 -8.35 -27.76 -32.40
CA GLU D 596 -7.76 -27.95 -31.06
C GLU D 596 -7.07 -26.64 -30.68
N TYR D 597 -7.91 -25.62 -30.49
CA TYR D 597 -7.45 -24.25 -30.33
C TYR D 597 -6.67 -23.99 -29.00
N GLN D 598 -6.82 -24.87 -28.02
CA GLN D 598 -6.05 -24.79 -26.78
C GLN D 598 -4.64 -25.38 -26.86
N TRP D 599 -4.32 -26.08 -27.93
CA TRP D 599 -3.12 -26.87 -27.95
C TRP D 599 -1.87 -26.01 -27.99
N HIS D 600 -0.92 -26.33 -27.11
CA HIS D 600 0.43 -25.78 -27.13
C HIS D 600 1.42 -26.96 -27.04
N PRO D 601 2.60 -26.82 -27.66
CA PRO D 601 3.54 -27.92 -27.64
C PRO D 601 4.21 -28.06 -26.28
N PRO D 602 4.79 -29.23 -25.97
CA PRO D 602 5.60 -29.38 -24.76
C PRO D 602 6.96 -28.71 -24.89
N LEU D 603 7.63 -28.53 -23.76
CA LEU D 603 9.02 -28.09 -23.76
C LEU D 603 9.95 -29.24 -24.18
N PRO D 604 11.07 -28.92 -24.85
CA PRO D 604 12.09 -29.95 -25.09
C PRO D 604 12.69 -30.44 -23.78
N ASP D 605 13.18 -31.68 -23.77
CA ASP D 605 13.83 -32.23 -22.59
C ASP D 605 15.00 -31.34 -22.18
N ASN D 606 15.08 -31.06 -20.88
CA ASN D 606 16.17 -30.30 -20.29
C ASN D 606 16.21 -28.83 -20.70
N TYR D 607 15.16 -28.32 -21.36
CA TYR D 607 15.18 -26.94 -21.85
C TYR D 607 15.23 -25.95 -20.66
N PRO D 608 16.06 -24.91 -20.71
CA PRO D 608 16.96 -24.56 -21.83
C PRO D 608 18.37 -25.12 -21.77
N GLU D 609 18.62 -26.12 -20.92
CA GLU D 609 19.90 -26.84 -20.98
C GLU D 609 19.89 -27.69 -22.24
N GLY D 610 21.01 -28.33 -22.52
CA GLY D 610 21.07 -29.29 -23.63
C GLY D 610 21.14 -28.67 -25.02
N ILE D 611 21.22 -27.35 -25.10
CA ILE D 611 21.49 -26.66 -26.34
C ILE D 611 22.96 -26.25 -26.31
N ASP D 612 23.72 -26.61 -27.34
CA ASP D 612 25.08 -26.08 -27.51
C ASP D 612 25.03 -24.64 -28.05
N LEU D 613 25.33 -23.68 -27.16
CA LEU D 613 25.04 -22.23 -27.34
C LEU D 613 23.55 -21.93 -27.59
N ASP E 4 29.78 8.57 13.87
CA ASP E 4 30.85 8.97 14.80
C ASP E 4 32.15 9.21 14.02
N SER E 5 33.09 9.95 14.59
CA SER E 5 34.42 10.10 13.98
C SER E 5 35.17 8.75 13.94
N GLY E 6 34.79 7.78 14.62
N ASP F 4 -36.64 -18.37 -16.07
CA ASP F 4 -35.51 -18.04 -15.19
C ASP F 4 -34.21 -17.79 -15.99
N SER F 5 -33.27 -17.06 -15.41
CA SER F 5 -31.96 -16.84 -16.07
C SER F 5 -31.15 -18.12 -16.05
N GLY F 6 -31.52 -19.02 -15.31
N ASP G 4 -0.80 6.96 49.23
CA ASP G 4 -1.22 5.60 48.83
C ASP G 4 -2.36 5.14 49.76
N SER G 5 -3.23 4.23 49.28
CA SER G 5 -4.24 3.61 50.16
C SER G 5 -3.53 2.88 51.30
N GLY G 6 -2.30 2.67 51.28
N ASP H 4 10.35 -1.80 -44.16
CA ASP H 4 9.91 -3.17 -44.47
C ASP H 4 8.76 -3.58 -43.51
N SER H 5 7.87 -4.46 -43.97
CA SER H 5 6.85 -5.07 -43.08
C SER H 5 7.51 -5.87 -41.97
N GLY H 6 8.69 -6.21 -42.08
#